data_5TR4
#
_entry.id   5TR4
#
_cell.length_a   212.485
_cell.length_b   172.148
_cell.length_c   79.424
_cell.angle_alpha   90.000
_cell.angle_beta   90.000
_cell.angle_gamma   90.000
#
_symmetry.space_group_name_H-M   'P 21 21 2'
#
loop_
_entity.id
_entity.type
_entity.pdbx_description
1 polymer 'Ubiquitin-activating enzyme E1 1'
2 polymer Ubiquitin
3 non-polymer '[(1~{R},2~{R},3~{S},4~{R})-2,3-bis(oxidanyl)-4-[[2-[3-(trifluoromethylsulfanyl)phenyl]pyrazolo[1,5-a]pyrimidin-7-yl]amino]cyclopentyl]methyl sulfamate'
4 water water
#
loop_
_entity_poly.entity_id
_entity_poly.type
_entity_poly.pdbx_seq_one_letter_code
_entity_poly.pdbx_strand_id
1 'polypeptide(L)'
;GSAAGEIDESLYSRQLYVLGKEAMLKMQTSNVLILGLKGLGVEIAKNVVLAGVKSMTVFDPEPVQLADLSTQFFLTEKDI
GQKRGDVTRAKLAELNAYVPVNVLDSLDDVTQLSQFQVVVATDTVSLEDKVKINEFCHSSGIRFISSETRGLFGNTFVDL
GDEFTVLDPTGEEPRTGMVSDIEPDGTVTMLDDNRHGLEDGNFVRFSEVEGLDKLNDGTLFKVEVLGPFAFRIGSVKEYG
EYKKGGIFTEVKVPRKISFKSLKQQLSNPEFVFSDFAKFDRAAQLHLGFQALHQFAVRHNGELPRTMNDEDANELIKLVT
DLSVQQPEVLGEGVDVNEDLIKELSYQARGDIPGVVAFFGGLVAQEVLKACSGKFTPLKQFMYFDSLESLPDPKNFPRNE
KTTQPVNSRYDNQIAVFGLDFQKKIANSKVFLVGSGAIGCEMLKNWALLGLGSGSDGYIVVTDMDSIEKSNLNRQFLFRP
KDVGKNKSEVAAEAVCAMNPDLKGKINAKIDRVGPETEEIFNDSFWESLDFVTNALDNVDARTYVDRRCVFYRKPLLESG
TLGTKGNTQVIIPRLTESYSSSRDPPEKSIPLCTLRSFPNKIDHTIAWAKSLFQGYFTDSAENVNMYLTQPNFVEQTLKQ
SGDVKGVLESISDSLSSKPHNFEDCIKWARLEFEKKFNHDIKQLLFNFPKDAKTSNGEPFWSGAKRAPTPLEFDIYNNDH
FHFVVAGASLRAYNYGIKSDDSNSKPNVDEYKSVIDHMIIPEFTPNANLKIQVNDDDPDPNANAANGSDEIDQLVSSLPD
PSTLAGFKLEPVDFEKDDDTNHHIEFITACSNCRAQNYFIETADRQKTKFIAGRIIPAIATTTSLVTGLVNLELYKLIDN
KTDIEQYKNGFVNLALPFFGFSEPIASPKGEYNNKKYDKIWDRFDIKGDIKLSDLIEHFEKDEGLEITMLSYGVSLLYAS
FFPPKKLKERLNLPITQLVKLVTKKDIPAHVSTMILEICADDKEGEDVEVPFITIHL
;
A,C
2 'polypeptide(L)' MQIFVKTLTGKTITLEVESSDTIDNVKSKIQDKEGIPPDQQRLIFAGKQLEDGRTLSDYNIQKESTLHLVLRLRGG B,D
#
loop_
_chem_comp.id
_chem_comp.type
_chem_comp.name
_chem_comp.formula
61T non-polymer '[(1~{R},2~{R},3~{S},4~{R})-2,3-bis(oxidanyl)-4-[[2-[3-(trifluoromethylsulfanyl)phenyl]pyrazolo[1,5-a]pyrimidin-7-yl]amino]cyclopentyl]methyl sulfamate' 'C19 H20 F3 N5 O5 S2'
#
# COMPACT_ATOMS: atom_id res chain seq x y z
N ILE A 7 -1.31 16.82 -1.15
CA ILE A 7 0.11 17.08 -1.57
C ILE A 7 0.20 18.29 -2.52
N ASP A 8 0.86 19.34 -2.03
CA ASP A 8 1.02 20.59 -2.78
C ASP A 8 1.98 20.39 -3.96
N GLU A 9 1.40 20.05 -5.11
CA GLU A 9 2.09 19.86 -6.39
C GLU A 9 2.97 21.05 -6.77
N SER A 10 2.52 22.28 -6.48
CA SER A 10 3.28 23.47 -6.88
C SER A 10 4.59 23.66 -6.10
N LEU A 11 4.70 23.06 -4.91
CA LEU A 11 5.98 23.07 -4.19
C LEU A 11 6.82 21.81 -4.46
N TYR A 12 6.13 20.67 -4.56
CA TYR A 12 6.74 19.34 -4.43
C TYR A 12 6.88 18.61 -5.76
N SER A 13 6.49 19.30 -6.84
CA SER A 13 6.53 18.85 -8.23
C SER A 13 7.68 17.88 -8.56
N ARG A 14 8.92 18.38 -8.48
CA ARG A 14 10.09 17.64 -8.93
C ARG A 14 10.39 16.44 -8.04
N GLN A 15 10.14 16.60 -6.74
CA GLN A 15 10.35 15.55 -5.76
C GLN A 15 9.27 14.48 -5.84
N LEU A 16 8.04 14.88 -6.16
CA LEU A 16 6.92 13.95 -6.35
C LEU A 16 7.24 12.90 -7.43
N TYR A 17 7.97 13.30 -8.47
CA TYR A 17 8.41 12.39 -9.52
C TYR A 17 9.48 11.38 -9.09
N VAL A 18 10.16 11.70 -7.98
CA VAL A 18 11.13 10.79 -7.36
C VAL A 18 10.41 9.83 -6.41
N LEU A 19 9.59 10.36 -5.51
CA LEU A 19 9.04 9.57 -4.41
C LEU A 19 7.65 8.98 -4.65
N GLY A 20 6.82 9.66 -5.45
CA GLY A 20 5.41 9.26 -5.66
C GLY A 20 4.51 9.73 -4.52
N LYS A 21 3.21 9.81 -4.79
CA LYS A 21 2.21 10.35 -3.88
C LYS A 21 2.07 9.53 -2.59
N GLU A 22 2.11 8.20 -2.72
CA GLU A 22 1.87 7.31 -1.58
C GLU A 22 2.99 7.45 -0.53
N ALA A 23 4.24 7.50 -1.00
CA ALA A 23 5.40 7.71 -0.13
C ALA A 23 5.32 9.05 0.58
N MET A 24 4.93 10.09 -0.14
CA MET A 24 4.91 11.44 0.43
C MET A 24 3.76 11.61 1.42
N LEU A 25 2.60 11.01 1.11
CA LEU A 25 1.50 10.87 2.08
C LEU A 25 1.94 10.20 3.39
N LYS A 26 2.71 9.11 3.29
CA LYS A 26 3.24 8.42 4.47
C LYS A 26 4.27 9.25 5.25
N MET A 27 5.16 9.94 4.54
CA MET A 27 6.14 10.83 5.17
C MET A 27 5.43 11.96 5.93
N GLN A 28 4.28 12.41 5.39
CA GLN A 28 3.50 13.49 6.00
C GLN A 28 2.74 13.05 7.26
N THR A 29 2.78 11.76 7.57
CA THR A 29 2.28 11.26 8.86
C THR A 29 3.42 11.00 9.84
N SER A 30 4.66 11.25 9.44
CA SER A 30 5.81 10.82 10.23
C SER A 30 6.47 11.95 11.01
N ASN A 31 6.67 11.69 12.30
CA ASN A 31 7.39 12.59 13.21
C ASN A 31 8.81 12.09 13.40
N VAL A 32 9.75 12.99 13.15
CA VAL A 32 11.16 12.67 13.11
C VAL A 32 11.86 13.44 14.23
N LEU A 33 12.70 12.72 14.98
CA LEU A 33 13.56 13.34 15.98
C LEU A 33 15.02 13.22 15.55
N ILE A 34 15.74 14.34 15.55
CA ILE A 34 17.19 14.32 15.31
C ILE A 34 17.94 14.75 16.57
N LEU A 35 18.84 13.87 17.03
CA LEU A 35 19.70 14.14 18.17
C LEU A 35 21.07 14.66 17.70
N GLY A 36 21.35 15.92 18.03
CA GLY A 36 22.61 16.56 17.68
C GLY A 36 22.48 17.47 16.47
N LEU A 37 22.91 18.71 16.65
CA LEU A 37 22.86 19.69 15.58
C LEU A 37 24.17 20.40 15.34
N LYS A 38 25.23 19.61 15.26
CA LYS A 38 26.44 20.09 14.61
C LYS A 38 26.17 20.03 13.08
N GLY A 39 27.22 20.07 12.26
CA GLY A 39 27.01 20.10 10.82
C GLY A 39 26.24 18.91 10.30
N LEU A 40 26.55 17.71 10.80
CA LEU A 40 25.89 16.50 10.33
C LEU A 40 24.37 16.51 10.57
N GLY A 41 23.96 16.70 11.81
CA GLY A 41 22.56 16.86 12.19
C GLY A 41 21.81 17.95 11.45
N VAL A 42 22.42 19.12 11.28
CA VAL A 42 21.72 20.21 10.56
C VAL A 42 21.51 19.86 9.07
N GLU A 43 22.48 19.15 8.49
CA GLU A 43 22.43 18.76 7.10
C GLU A 43 21.33 17.73 6.85
N ILE A 44 21.25 16.72 7.73
CA ILE A 44 20.18 15.73 7.67
C ILE A 44 18.84 16.44 7.85
N ALA A 45 18.75 17.33 8.85
CA ALA A 45 17.52 18.08 9.17
C ALA A 45 17.04 18.92 8.00
N LYS A 46 17.95 19.66 7.37
CA LYS A 46 17.64 20.45 6.16
C LYS A 46 16.98 19.59 5.07
N ASN A 47 17.57 18.45 4.77
CA ASN A 47 17.08 17.60 3.69
C ASN A 47 15.72 16.95 4.02
N VAL A 48 15.54 16.58 5.29
CA VAL A 48 14.29 15.99 5.78
C VAL A 48 13.16 17.03 5.82
N VAL A 49 13.43 18.21 6.36
CA VAL A 49 12.42 19.30 6.40
C VAL A 49 11.97 19.68 4.97
N LEU A 50 12.93 19.88 4.05
CA LEU A 50 12.63 20.16 2.65
C LEU A 50 11.74 19.09 2.03
N ALA A 51 12.03 17.82 2.33
CA ALA A 51 11.28 16.72 1.77
C ALA A 51 9.83 16.66 2.23
N GLY A 52 9.58 17.11 3.46
CA GLY A 52 8.22 17.20 4.00
C GLY A 52 7.79 16.02 4.84
N VAL A 53 8.06 16.11 6.13
CA VAL A 53 7.53 15.13 7.08
C VAL A 53 6.45 15.82 7.92
N LYS A 54 5.76 15.06 8.78
CA LYS A 54 4.72 15.64 9.63
C LYS A 54 5.29 16.71 10.56
N SER A 55 6.38 16.39 11.23
CA SER A 55 7.07 17.34 12.11
C SER A 55 8.54 16.98 12.27
N MET A 56 9.36 17.97 12.60
CA MET A 56 10.77 17.75 12.90
C MET A 56 11.05 18.21 14.31
N THR A 57 11.63 17.33 15.11
CA THR A 57 12.09 17.71 16.43
C THR A 57 13.59 17.58 16.48
N VAL A 58 14.23 18.59 17.05
CA VAL A 58 15.68 18.61 17.23
C VAL A 58 16.02 18.66 18.71
N PHE A 59 17.06 17.94 19.10
CA PHE A 59 17.57 17.99 20.45
C PHE A 59 19.07 18.22 20.40
N ASP A 60 19.50 19.39 20.88
CA ASP A 60 20.91 19.70 21.12
C ASP A 60 21.05 20.88 22.10
N PRO A 61 21.14 20.58 23.42
CA PRO A 61 21.25 21.64 24.42
C PRO A 61 22.68 22.16 24.63
N GLU A 62 23.65 21.62 23.89
CA GLU A 62 25.05 22.05 23.97
C GLU A 62 25.20 23.48 23.48
N PRO A 63 26.09 24.27 24.15
CA PRO A 63 26.32 25.66 23.69
C PRO A 63 27.13 25.73 22.39
N VAL A 64 26.78 26.68 21.53
CA VAL A 64 27.51 26.97 20.29
C VAL A 64 28.92 27.46 20.64
N GLN A 65 29.93 26.83 20.06
CA GLN A 65 31.34 27.26 20.09
C GLN A 65 31.72 27.66 18.68
N LEU A 66 32.79 28.44 18.54
CA LEU A 66 33.27 28.88 17.21
C LEU A 66 33.59 27.71 16.25
N ALA A 67 34.23 26.66 16.76
CA ALA A 67 34.61 25.50 15.95
C ALA A 67 33.42 24.74 15.32
N ASP A 68 32.22 24.93 15.85
CA ASP A 68 30.99 24.32 15.32
C ASP A 68 30.62 24.86 13.93
N LEU A 69 31.09 26.06 13.62
CA LEU A 69 30.75 26.71 12.35
C LEU A 69 31.48 26.11 11.13
N SER A 70 32.39 25.17 11.37
CA SER A 70 33.10 24.49 10.30
C SER A 70 32.16 23.96 9.22
N THR A 71 31.08 23.29 9.66
CA THR A 71 30.08 22.70 8.76
C THR A 71 28.62 23.10 9.10
N GLN A 72 28.39 23.73 10.26
CA GLN A 72 27.03 24.11 10.67
C GLN A 72 26.65 25.47 10.08
N PHE A 73 26.04 25.41 8.90
CA PHE A 73 25.79 26.58 8.07
C PHE A 73 24.64 27.44 8.59
N PHE A 74 23.92 26.95 9.61
CA PHE A 74 22.88 27.77 10.25
C PHE A 74 23.38 28.48 11.52
N LEU A 75 24.64 28.31 11.86
CA LEU A 75 25.23 29.01 13.00
C LEU A 75 26.04 30.24 12.55
N THR A 76 25.94 31.32 13.32
CA THR A 76 26.73 32.55 13.12
C THR A 76 27.56 32.83 14.38
N GLU A 77 28.56 33.70 14.25
CA GLU A 77 29.45 34.03 15.38
C GLU A 77 28.71 34.66 16.57
N LYS A 78 27.63 35.42 16.30
CA LYS A 78 26.74 35.96 17.34
C LYS A 78 25.95 34.91 18.17
N ASP A 79 25.87 33.67 17.67
CA ASP A 79 25.16 32.59 18.36
C ASP A 79 25.98 31.90 19.45
N ILE A 80 27.27 32.24 19.55
CA ILE A 80 28.19 31.59 20.49
C ILE A 80 27.67 31.76 21.93
N GLY A 81 27.71 30.66 22.68
CA GLY A 81 27.16 30.61 24.04
C GLY A 81 25.71 30.12 24.12
N GLN A 82 24.90 30.42 23.10
CA GLN A 82 23.50 29.96 23.05
C GLN A 82 23.42 28.48 22.69
N LYS A 83 22.27 27.86 22.95
CA LYS A 83 22.08 26.42 22.74
C LYS A 83 21.90 26.14 21.25
N ARG A 84 22.63 25.14 20.74
CA ARG A 84 22.62 24.78 19.30
C ARG A 84 21.21 24.54 18.75
N GLY A 85 20.41 23.74 19.47
CA GLY A 85 19.00 23.50 19.14
C GLY A 85 18.19 24.76 18.92
N ASP A 86 18.18 25.62 19.94
CA ASP A 86 17.36 26.84 19.94
C ASP A 86 17.68 27.75 18.77
N VAL A 87 18.97 27.94 18.50
CA VAL A 87 19.44 28.81 17.42
C VAL A 87 19.07 28.26 16.04
N THR A 88 19.17 26.95 15.89
CA THR A 88 19.00 26.30 14.61
C THR A 88 17.52 26.15 14.24
N ARG A 89 16.67 25.92 15.26
CA ARG A 89 15.23 25.68 15.09
C ARG A 89 14.54 26.67 14.16
N ALA A 90 14.75 27.96 14.42
CA ALA A 90 14.09 29.03 13.66
C ALA A 90 14.50 29.02 12.20
N LYS A 91 15.79 28.75 11.95
CA LYS A 91 16.31 28.70 10.58
C LYS A 91 15.82 27.47 9.80
N LEU A 92 15.72 26.32 10.48
CA LEU A 92 15.08 25.12 9.89
C LEU A 92 13.62 25.35 9.52
N ALA A 93 12.88 26.04 10.38
CA ALA A 93 11.44 26.31 10.20
C ALA A 93 11.16 27.03 8.90
N GLU A 94 12.09 27.87 8.49
CA GLU A 94 11.97 28.68 7.26
C GLU A 94 12.00 27.86 5.96
N LEU A 95 12.61 26.67 6.00
CA LEU A 95 12.80 25.83 4.81
C LEU A 95 11.50 25.31 4.19
N ASN A 96 10.53 24.95 5.06
CA ASN A 96 9.27 24.34 4.64
C ASN A 96 8.20 24.73 5.65
N ALA A 97 7.31 25.63 5.22
CA ALA A 97 6.22 26.16 6.05
C ALA A 97 5.22 25.07 6.45
N TYR A 98 5.16 23.99 5.66
CA TYR A 98 4.30 22.84 5.97
C TYR A 98 4.87 21.96 7.09
N VAL A 99 6.11 22.21 7.50
CA VAL A 99 6.78 21.34 8.48
C VAL A 99 7.04 22.12 9.78
N PRO A 100 6.30 21.80 10.87
CA PRO A 100 6.59 22.32 12.22
C PRO A 100 7.95 21.83 12.71
N VAL A 101 8.75 22.75 13.26
CA VAL A 101 10.06 22.42 13.81
C VAL A 101 10.12 22.76 15.31
N ASN A 102 10.28 21.73 16.13
CA ASN A 102 10.30 21.86 17.59
C ASN A 102 11.66 21.56 18.20
N VAL A 103 11.92 22.16 19.36
CA VAL A 103 13.08 21.82 20.18
C VAL A 103 12.65 20.96 21.37
N LEU A 104 13.33 19.83 21.53
CA LEU A 104 13.24 19.01 22.74
C LEU A 104 14.30 19.56 23.68
N ASP A 105 13.87 20.04 24.84
CA ASP A 105 14.75 20.71 25.81
C ASP A 105 15.66 19.75 26.59
N SER A 106 15.14 18.58 26.93
CA SER A 106 15.92 17.50 27.54
C SER A 106 15.42 16.12 27.14
N LEU A 107 16.34 15.17 27.03
CA LEU A 107 16.00 13.76 26.83
C LEU A 107 16.42 12.96 28.06
N ASP A 108 15.94 13.39 29.22
CA ASP A 108 16.12 12.67 30.49
C ASP A 108 15.39 11.33 30.45
N ASP A 109 14.10 11.38 30.13
CA ASP A 109 13.28 10.18 29.96
C ASP A 109 13.40 9.68 28.52
N VAL A 110 14.07 8.54 28.35
CA VAL A 110 14.14 7.81 27.09
C VAL A 110 12.73 7.49 26.53
N THR A 111 11.72 7.51 27.41
CA THR A 111 10.33 7.20 27.06
C THR A 111 9.65 8.30 26.24
N GLN A 112 10.20 9.51 26.26
CA GLN A 112 9.77 10.59 25.35
C GLN A 112 9.88 10.22 23.86
N LEU A 113 10.84 9.33 23.55
CA LEU A 113 11.07 8.88 22.17
C LEU A 113 9.86 8.17 21.57
N SER A 114 8.91 7.78 22.42
CA SER A 114 7.67 7.07 21.99
C SER A 114 6.80 7.88 21.05
N GLN A 115 6.92 9.21 21.11
CA GLN A 115 6.18 10.12 20.21
C GLN A 115 6.67 10.11 18.73
N PHE A 116 7.82 9.51 18.45
CA PHE A 116 8.45 9.64 17.14
C PHE A 116 8.46 8.33 16.35
N GLN A 117 8.37 8.46 15.03
CA GLN A 117 8.45 7.30 14.13
C GLN A 117 9.90 6.95 13.78
N VAL A 118 10.76 7.96 13.72
CA VAL A 118 12.17 7.81 13.31
C VAL A 118 13.03 8.65 14.24
N VAL A 119 14.07 8.03 14.80
CA VAL A 119 15.03 8.73 15.67
C VAL A 119 16.39 8.66 15.00
N VAL A 120 17.03 9.81 14.81
CA VAL A 120 18.38 9.88 14.24
C VAL A 120 19.38 10.36 15.29
N ALA A 121 20.36 9.53 15.61
CA ALA A 121 21.42 9.90 16.55
C ALA A 121 22.70 10.28 15.80
N THR A 122 23.13 11.52 15.95
CA THR A 122 24.34 11.99 15.25
C THR A 122 25.57 11.92 16.14
N ASP A 123 26.59 12.71 15.81
CA ASP A 123 27.91 12.64 16.43
C ASP A 123 28.01 13.23 17.86
N THR A 124 26.91 13.81 18.34
CA THR A 124 26.86 14.31 19.72
C THR A 124 26.45 13.22 20.71
N VAL A 125 26.08 12.05 20.21
CA VAL A 125 25.57 10.95 21.06
C VAL A 125 26.65 9.88 21.25
N SER A 126 26.91 9.52 22.50
CA SER A 126 27.93 8.52 22.82
C SER A 126 27.47 7.13 22.35
N LEU A 127 28.41 6.22 22.13
CA LEU A 127 28.06 4.86 21.73
C LEU A 127 27.16 4.17 22.76
N GLU A 128 27.50 4.33 24.04
CA GLU A 128 26.72 3.82 25.18
C GLU A 128 25.25 4.24 25.07
N ASP A 129 25.02 5.54 24.85
CA ASP A 129 23.68 6.10 24.72
C ASP A 129 22.97 5.65 23.46
N LYS A 130 23.71 5.53 22.35
CA LYS A 130 23.18 5.02 21.08
C LYS A 130 22.62 3.61 21.24
N VAL A 131 23.37 2.75 21.93
CA VAL A 131 22.95 1.38 22.25
C VAL A 131 21.63 1.38 23.05
N LYS A 132 21.59 2.14 24.15
CA LYS A 132 20.37 2.31 24.96
C LYS A 132 19.16 2.86 24.17
N ILE A 133 19.40 3.91 23.39
CA ILE A 133 18.35 4.51 22.54
C ILE A 133 17.86 3.54 21.44
N ASN A 134 18.81 2.87 20.78
CA ASN A 134 18.47 1.89 19.76
C ASN A 134 17.62 0.75 20.32
N GLU A 135 18.00 0.25 21.51
CA GLU A 135 17.29 -0.83 22.16
C GLU A 135 15.85 -0.44 22.46
N PHE A 136 15.67 0.76 23.03
CA PHE A 136 14.32 1.30 23.25
C PHE A 136 13.54 1.36 21.94
N CYS A 137 14.18 1.91 20.89
CA CYS A 137 13.55 2.07 19.57
C CYS A 137 13.20 0.74 18.92
N HIS A 138 14.18 -0.15 18.83
CA HIS A 138 14.02 -1.47 18.24
C HIS A 138 12.86 -2.24 18.90
N SER A 139 12.90 -2.34 20.22
CA SER A 139 11.88 -3.05 21.01
C SER A 139 10.49 -2.38 21.05
N SER A 140 10.41 -1.09 20.68
CA SER A 140 9.13 -0.36 20.63
C SER A 140 8.54 -0.22 19.24
N GLY A 141 9.25 -0.68 18.20
CA GLY A 141 8.87 -0.39 16.81
C GLY A 141 9.13 1.04 16.33
N ILE A 142 10.17 1.69 16.86
CA ILE A 142 10.59 3.03 16.39
C ILE A 142 11.83 2.82 15.54
N ARG A 143 11.85 3.42 14.36
CA ARG A 143 12.99 3.32 13.45
C ARG A 143 14.19 4.11 13.98
N PHE A 144 15.35 3.47 13.99
CA PHE A 144 16.57 4.08 14.49
C PHE A 144 17.62 4.23 13.39
N ILE A 145 18.22 5.41 13.30
CA ILE A 145 19.35 5.66 12.39
C ILE A 145 20.43 6.42 13.13
N SER A 146 21.68 6.02 12.96
CA SER A 146 22.81 6.81 13.44
C SER A 146 23.83 7.10 12.34
N SER A 147 24.64 8.12 12.58
CA SER A 147 25.69 8.55 11.66
C SER A 147 26.68 9.37 12.44
N GLU A 148 27.96 9.23 12.10
CA GLU A 148 28.99 10.13 12.63
C GLU A 148 30.08 10.34 11.61
N THR A 149 30.63 11.55 11.59
CA THR A 149 31.78 11.86 10.72
C THR A 149 32.97 12.30 11.58
N ARG A 150 34.17 11.89 11.17
CA ARG A 150 35.41 12.19 11.90
C ARG A 150 36.48 12.48 10.84
N GLY A 151 36.74 13.75 10.61
CA GLY A 151 37.65 14.16 9.53
C GLY A 151 37.17 13.64 8.19
N LEU A 152 38.07 13.02 7.45
CA LEU A 152 37.74 12.49 6.14
C LEU A 152 37.05 11.11 6.21
N PHE A 153 36.68 10.68 7.41
CA PHE A 153 35.96 9.41 7.63
C PHE A 153 34.52 9.66 8.07
N GLY A 154 33.66 8.68 7.81
CA GLY A 154 32.28 8.72 8.26
C GLY A 154 31.62 7.34 8.29
N ASN A 155 30.54 7.24 9.06
CA ASN A 155 29.71 6.03 9.09
C ASN A 155 28.23 6.31 9.19
N THR A 156 27.42 5.28 8.91
CA THR A 156 25.99 5.29 9.18
C THR A 156 25.48 3.90 9.55
N PHE A 157 24.52 3.85 10.46
CA PHE A 157 23.88 2.61 10.89
C PHE A 157 22.35 2.75 10.80
N VAL A 158 21.70 1.75 10.22
CA VAL A 158 20.24 1.75 10.03
C VAL A 158 19.64 0.53 10.71
N ASP A 159 18.62 0.73 11.55
CA ASP A 159 17.90 -0.37 12.19
C ASP A 159 16.42 -0.05 12.14
N LEU A 160 15.70 -0.68 11.22
CA LEU A 160 14.26 -0.34 11.02
C LEU A 160 13.34 -1.35 11.72
N GLY A 161 13.91 -2.09 12.67
CA GLY A 161 13.16 -3.05 13.48
C GLY A 161 13.03 -4.45 12.92
N ASP A 162 12.24 -5.26 13.65
CA ASP A 162 12.05 -6.68 13.39
C ASP A 162 11.32 -6.95 12.09
N GLU A 163 10.29 -6.17 11.81
CA GLU A 163 9.52 -6.36 10.58
C GLU A 163 9.32 -5.03 9.90
N PHE A 164 10.00 -4.85 8.78
CA PHE A 164 9.87 -3.64 7.98
C PHE A 164 9.51 -4.05 6.55
N THR A 165 8.51 -3.38 5.98
CA THR A 165 8.04 -3.72 4.62
C THR A 165 8.56 -2.70 3.63
N VAL A 166 9.26 -3.18 2.60
CA VAL A 166 9.65 -2.37 1.45
C VAL A 166 8.57 -2.58 0.39
N LEU A 167 7.90 -1.50 0.00
CA LEU A 167 6.86 -1.55 -1.01
C LEU A 167 7.38 -1.42 -2.46
N ASP A 168 8.51 -0.74 -2.64
CA ASP A 168 9.10 -0.57 -3.96
C ASP A 168 10.61 -0.50 -3.81
N PRO A 169 11.33 -1.53 -4.28
CA PRO A 169 12.77 -1.61 -3.97
C PRO A 169 13.68 -0.60 -4.71
N THR A 170 13.22 -0.11 -5.87
CA THR A 170 14.08 0.68 -6.76
C THR A 170 13.50 2.03 -7.17
N GLY A 171 12.18 2.12 -7.24
CA GLY A 171 11.49 3.31 -7.77
C GLY A 171 11.51 3.48 -9.28
N GLU A 172 12.05 2.49 -9.99
CA GLU A 172 12.08 2.49 -11.47
C GLU A 172 10.68 2.24 -12.02
N GLU A 173 10.41 2.76 -13.22
CA GLU A 173 9.11 2.54 -13.87
C GLU A 173 8.95 1.05 -14.09
N PRO A 174 7.77 0.50 -13.74
CA PRO A 174 7.56 -0.92 -14.02
C PRO A 174 7.73 -1.23 -15.52
N ARG A 175 8.38 -2.35 -15.83
CA ARG A 175 8.52 -2.78 -17.22
C ARG A 175 7.19 -3.25 -17.80
N THR A 176 6.93 -2.91 -19.06
CA THR A 176 5.77 -3.39 -19.81
C THR A 176 6.24 -3.80 -21.19
N GLY A 177 5.44 -4.63 -21.85
CA GLY A 177 5.71 -5.00 -23.24
C GLY A 177 4.62 -5.77 -23.91
N MET A 178 4.66 -5.72 -25.25
CA MET A 178 3.75 -6.45 -26.11
C MET A 178 4.23 -7.88 -26.36
N VAL A 179 3.26 -8.79 -26.28
CA VAL A 179 3.45 -10.24 -26.42
C VAL A 179 2.87 -10.69 -27.78
N SER A 180 3.62 -11.53 -28.49
CA SER A 180 3.13 -12.14 -29.75
C SER A 180 2.76 -13.64 -29.61
N ASP A 181 3.25 -14.29 -28.56
CA ASP A 181 2.92 -15.70 -28.27
C ASP A 181 3.12 -16.07 -26.79
N ILE A 182 2.21 -16.89 -26.26
CA ILE A 182 2.42 -17.60 -24.99
C ILE A 182 2.15 -19.11 -25.20
N GLU A 183 3.22 -19.90 -25.20
CA GLU A 183 3.17 -21.36 -25.37
C GLU A 183 2.67 -22.04 -24.08
N PRO A 184 2.18 -23.31 -24.16
CA PRO A 184 1.56 -23.95 -22.97
C PRO A 184 2.49 -24.26 -21.79
N ASP A 185 3.81 -24.23 -22.01
CA ASP A 185 4.79 -24.35 -20.93
C ASP A 185 5.04 -22.99 -20.25
N GLY A 186 4.41 -21.95 -20.82
CA GLY A 186 4.51 -20.59 -20.31
C GLY A 186 5.62 -19.75 -20.92
N THR A 187 6.20 -20.21 -22.04
CA THR A 187 7.19 -19.44 -22.77
C THR A 187 6.48 -18.28 -23.47
N VAL A 188 6.82 -17.07 -23.04
CA VAL A 188 6.26 -15.85 -23.59
C VAL A 188 7.26 -15.25 -24.57
N THR A 189 6.83 -15.06 -25.81
CA THR A 189 7.65 -14.38 -26.83
C THR A 189 7.20 -12.92 -27.01
N MET A 190 8.18 -12.03 -27.01
CA MET A 190 7.97 -10.62 -27.28
C MET A 190 7.69 -10.40 -28.75
N LEU A 191 6.86 -9.38 -29.02
CA LEU A 191 6.59 -8.91 -30.36
C LEU A 191 7.88 -8.39 -31.01
N ASP A 192 8.14 -8.84 -32.25
CA ASP A 192 9.25 -8.35 -33.09
C ASP A 192 10.61 -8.26 -32.35
N ASP A 193 11.17 -7.05 -32.24
CA ASP A 193 12.46 -6.84 -31.56
C ASP A 193 12.34 -6.00 -30.27
N ASN A 194 11.21 -6.16 -29.59
CA ASN A 194 11.01 -5.53 -28.30
C ASN A 194 11.67 -6.37 -27.21
N ARG A 195 12.47 -5.70 -26.39
CA ARG A 195 13.13 -6.33 -25.26
C ARG A 195 12.19 -6.24 -24.07
N HIS A 196 12.05 -7.31 -23.31
CA HIS A 196 11.22 -7.25 -22.09
C HIS A 196 11.89 -6.49 -20.96
N GLY A 197 13.23 -6.54 -20.91
CA GLY A 197 14.02 -5.86 -19.87
C GLY A 197 13.91 -6.47 -18.46
N LEU A 198 13.24 -7.61 -18.35
CA LEU A 198 13.00 -8.27 -17.07
C LEU A 198 14.22 -9.06 -16.60
N GLU A 199 14.18 -9.41 -15.32
CA GLU A 199 15.24 -10.13 -14.62
C GLU A 199 14.60 -11.34 -13.95
N ASP A 200 15.35 -12.44 -13.81
CA ASP A 200 14.89 -13.63 -13.06
C ASP A 200 14.31 -13.24 -11.71
N GLY A 201 13.12 -13.74 -11.40
CA GLY A 201 12.49 -13.45 -10.10
C GLY A 201 11.58 -12.23 -10.05
N ASN A 202 11.53 -11.44 -11.13
CA ASN A 202 10.52 -10.39 -11.31
C ASN A 202 9.13 -11.01 -11.40
N PHE A 203 8.11 -10.20 -11.13
CA PHE A 203 6.73 -10.63 -11.28
C PHE A 203 6.01 -9.76 -12.29
N VAL A 204 5.20 -10.42 -13.13
CA VAL A 204 4.36 -9.71 -14.09
C VAL A 204 2.87 -10.11 -13.98
N ARG A 205 2.01 -9.18 -14.39
CA ARG A 205 0.60 -9.42 -14.64
C ARG A 205 0.32 -9.20 -16.13
N PHE A 206 -0.84 -9.66 -16.60
CA PHE A 206 -1.20 -9.62 -18.03
C PHE A 206 -2.53 -8.93 -18.31
N SER A 207 -2.64 -8.33 -19.49
CA SER A 207 -3.90 -7.80 -20.03
C SER A 207 -4.01 -8.14 -21.51
N GLU A 208 -5.23 -8.25 -22.02
CA GLU A 208 -5.52 -8.39 -23.47
C GLU A 208 -4.99 -9.68 -24.12
N VAL A 209 -4.65 -10.67 -23.30
CA VAL A 209 -4.20 -11.97 -23.79
C VAL A 209 -5.47 -12.77 -24.13
N GLU A 210 -5.81 -12.82 -25.42
CA GLU A 210 -6.99 -13.55 -25.90
C GLU A 210 -6.74 -15.04 -25.95
N GLY A 211 -7.71 -15.81 -25.44
CA GLY A 211 -7.63 -17.26 -25.42
C GLY A 211 -7.21 -17.84 -24.09
N LEU A 212 -6.72 -16.99 -23.18
CA LEU A 212 -6.29 -17.41 -21.85
C LEU A 212 -7.04 -16.69 -20.70
N ASP A 213 -8.17 -16.06 -21.03
CA ASP A 213 -9.08 -15.29 -20.13
C ASP A 213 -8.63 -14.91 -18.70
N LYS A 214 -8.53 -15.91 -17.83
CA LYS A 214 -8.26 -15.66 -16.40
C LYS A 214 -6.79 -15.28 -16.10
N LEU A 215 -5.90 -15.53 -17.06
CA LEU A 215 -4.52 -15.01 -17.05
C LEU A 215 -4.47 -13.49 -16.89
N ASN A 216 -5.53 -12.82 -17.34
CA ASN A 216 -5.66 -11.36 -17.32
C ASN A 216 -6.31 -10.76 -16.06
N ASP A 217 -6.52 -11.56 -15.02
CA ASP A 217 -7.27 -11.07 -13.86
C ASP A 217 -6.46 -10.30 -12.78
N GLY A 218 -5.18 -10.06 -13.03
CA GLY A 218 -4.30 -9.42 -12.06
C GLY A 218 -3.41 -10.39 -11.29
N THR A 219 -3.59 -11.69 -11.55
CA THR A 219 -2.66 -12.73 -11.07
C THR A 219 -1.22 -12.39 -11.42
N LEU A 220 -0.33 -12.66 -10.47
CA LEU A 220 1.10 -12.45 -10.68
C LEU A 220 1.81 -13.74 -11.04
N PHE A 221 2.80 -13.62 -11.92
CA PHE A 221 3.57 -14.74 -12.44
C PHE A 221 5.06 -14.45 -12.26
N LYS A 222 5.78 -15.45 -11.75
CA LYS A 222 7.24 -15.38 -11.61
C LYS A 222 7.90 -15.58 -12.96
N VAL A 223 8.93 -14.76 -13.22
CA VAL A 223 9.61 -14.67 -14.50
C VAL A 223 10.90 -15.51 -14.47
N GLU A 224 11.06 -16.34 -15.49
CA GLU A 224 12.32 -17.04 -15.75
C GLU A 224 12.78 -16.54 -17.13
N VAL A 225 13.87 -15.77 -17.16
CA VAL A 225 14.37 -15.11 -18.37
C VAL A 225 15.11 -16.12 -19.27
N LEU A 226 14.68 -16.19 -20.55
CA LEU A 226 15.31 -17.02 -21.59
C LEU A 226 15.73 -16.13 -22.75
N GLY A 227 16.83 -15.42 -22.61
CA GLY A 227 17.24 -14.44 -23.62
C GLY A 227 16.46 -13.14 -23.54
N PRO A 228 16.86 -12.13 -24.33
CA PRO A 228 16.29 -10.78 -24.23
C PRO A 228 14.91 -10.60 -24.87
N PHE A 229 14.41 -11.64 -25.54
CA PHE A 229 13.13 -11.55 -26.28
C PHE A 229 12.12 -12.59 -25.81
N ALA A 230 12.43 -13.29 -24.73
CA ALA A 230 11.59 -14.36 -24.20
C ALA A 230 11.78 -14.59 -22.70
N PHE A 231 10.70 -14.96 -22.03
CA PHE A 231 10.72 -15.37 -20.63
C PHE A 231 9.66 -16.44 -20.40
N ARG A 232 9.81 -17.19 -19.30
CA ARG A 232 8.84 -18.24 -18.97
C ARG A 232 8.12 -17.89 -17.67
N ILE A 233 6.83 -18.21 -17.64
CA ILE A 233 5.97 -17.94 -16.49
C ILE A 233 5.44 -19.25 -15.86
N GLY A 234 5.91 -20.39 -16.36
CA GLY A 234 5.40 -21.70 -15.98
C GLY A 234 4.13 -22.02 -16.76
N SER A 235 3.66 -23.27 -16.64
CA SER A 235 2.55 -23.80 -17.46
C SER A 235 1.29 -22.93 -17.51
N VAL A 236 0.71 -22.84 -18.70
CA VAL A 236 -0.58 -22.13 -18.86
C VAL A 236 -1.67 -23.02 -19.48
N LYS A 237 -1.41 -24.33 -19.57
CA LYS A 237 -2.34 -25.31 -20.16
C LYS A 237 -3.77 -25.16 -19.59
N GLU A 238 -3.86 -25.08 -18.27
CA GLU A 238 -5.13 -24.96 -17.54
C GLU A 238 -5.92 -23.67 -17.83
N TYR A 239 -5.23 -22.61 -18.24
CA TYR A 239 -5.85 -21.30 -18.52
C TYR A 239 -6.62 -21.23 -19.85
N GLY A 240 -6.26 -22.11 -20.79
CA GLY A 240 -6.84 -22.13 -22.14
C GLY A 240 -5.74 -22.37 -23.17
N GLU A 241 -5.99 -21.88 -24.39
CA GLU A 241 -4.97 -21.85 -25.45
C GLU A 241 -4.83 -20.44 -26.00
N TYR A 242 -3.58 -19.96 -26.11
CA TYR A 242 -3.26 -18.63 -26.64
C TYR A 242 -3.72 -18.46 -28.08
N LYS A 243 -4.43 -17.35 -28.34
CA LYS A 243 -4.86 -16.96 -29.69
C LYS A 243 -4.02 -15.78 -30.21
N LYS A 244 -4.18 -14.60 -29.60
CA LYS A 244 -3.50 -13.38 -30.06
C LYS A 244 -3.41 -12.31 -28.96
N GLY A 245 -2.57 -11.30 -29.20
CA GLY A 245 -2.49 -10.09 -28.39
C GLY A 245 -1.75 -10.29 -27.06
N GLY A 246 -1.80 -9.27 -26.21
CA GLY A 246 -1.24 -9.37 -24.87
C GLY A 246 -0.22 -8.29 -24.53
N ILE A 247 -0.35 -7.78 -23.30
CA ILE A 247 0.57 -6.81 -22.71
C ILE A 247 0.95 -7.35 -21.31
N PHE A 248 2.24 -7.54 -21.05
CA PHE A 248 2.70 -7.83 -19.68
C PHE A 248 3.01 -6.51 -19.01
N THR A 249 2.76 -6.46 -17.70
CA THR A 249 3.13 -5.32 -16.85
C THR A 249 3.87 -5.88 -15.63
N GLU A 250 5.03 -5.31 -15.33
CA GLU A 250 5.80 -5.71 -14.16
C GLU A 250 5.10 -5.24 -12.91
N VAL A 251 5.06 -6.10 -11.90
CA VAL A 251 4.57 -5.72 -10.58
C VAL A 251 5.65 -5.89 -9.51
N LYS A 252 5.83 -4.83 -8.73
CA LYS A 252 6.72 -4.85 -7.56
C LYS A 252 6.01 -5.40 -6.31
N VAL A 253 6.48 -6.54 -5.83
CA VAL A 253 5.87 -7.17 -4.67
C VAL A 253 6.50 -6.62 -3.39
N PRO A 254 5.73 -6.59 -2.27
CA PRO A 254 6.31 -6.15 -0.98
C PRO A 254 7.35 -7.14 -0.45
N ARG A 255 8.38 -6.62 0.20
CA ARG A 255 9.39 -7.44 0.85
C ARG A 255 9.47 -7.10 2.34
N LYS A 256 9.23 -8.09 3.19
CA LYS A 256 9.45 -7.98 4.63
C LYS A 256 10.92 -8.21 4.91
N ILE A 257 11.55 -7.27 5.61
CA ILE A 257 12.96 -7.42 6.00
C ILE A 257 13.21 -7.24 7.51
N SER A 258 14.22 -7.93 8.04
CA SER A 258 14.54 -7.87 9.47
C SER A 258 15.90 -7.26 9.74
N PHE A 259 15.90 -6.29 10.65
CA PHE A 259 17.11 -5.61 11.06
C PHE A 259 17.49 -6.06 12.46
N LYS A 260 18.79 -6.13 12.71
CA LYS A 260 19.31 -6.44 14.03
C LYS A 260 19.58 -5.14 14.78
N SER A 261 19.53 -5.21 16.10
CA SER A 261 19.81 -4.06 16.95
C SER A 261 21.28 -3.66 16.85
N LEU A 262 21.57 -2.41 17.22
CA LEU A 262 22.93 -1.90 17.23
C LEU A 262 23.91 -2.79 18.01
N LYS A 263 23.51 -3.23 19.20
CA LYS A 263 24.34 -4.11 20.03
C LYS A 263 24.81 -5.36 19.30
N GLN A 264 23.89 -6.04 18.61
CA GLN A 264 24.21 -7.27 17.87
C GLN A 264 25.10 -6.94 16.68
N GLN A 265 24.83 -5.81 16.04
CA GLN A 265 25.58 -5.38 14.86
C GLN A 265 26.99 -4.83 15.18
N LEU A 266 27.22 -4.39 16.41
CA LEU A 266 28.58 -4.08 16.83
C LEU A 266 29.53 -5.29 16.80
N SER A 267 29.02 -6.47 17.16
CA SER A 267 29.82 -7.73 17.14
C SER A 267 29.84 -8.47 15.80
N ASN A 268 28.70 -8.50 15.12
CA ASN A 268 28.56 -9.16 13.80
C ASN A 268 27.94 -8.21 12.79
N PRO A 269 28.69 -7.18 12.34
CA PRO A 269 28.09 -6.18 11.44
C PRO A 269 27.76 -6.71 10.05
N GLU A 270 26.70 -6.16 9.46
CA GLU A 270 26.43 -6.37 8.03
C GLU A 270 26.71 -5.07 7.28
N PHE A 271 27.62 -5.13 6.30
CA PHE A 271 28.10 -3.95 5.59
C PHE A 271 27.48 -3.76 4.22
N VAL A 272 27.22 -2.50 3.89
CA VAL A 272 27.18 -2.05 2.49
C VAL A 272 28.47 -1.25 2.27
N PHE A 273 29.15 -1.49 1.17
CA PHE A 273 30.40 -0.78 0.86
C PHE A 273 30.15 0.54 0.14
N SER A 274 30.94 1.56 0.48
CA SER A 274 30.89 2.86 -0.22
C SER A 274 31.81 2.84 -1.45
N ASP A 275 32.81 1.99 -1.39
CA ASP A 275 33.87 1.94 -2.38
C ASP A 275 34.48 0.55 -2.34
N PHE A 276 34.26 -0.20 -3.42
CA PHE A 276 34.71 -1.59 -3.55
C PHE A 276 36.24 -1.73 -3.56
N ALA A 277 36.94 -0.73 -4.12
CA ALA A 277 38.40 -0.63 -4.00
C ALA A 277 38.88 -0.63 -2.55
N LYS A 278 37.97 -0.35 -1.62
CA LYS A 278 38.30 -0.22 -0.19
C LYS A 278 37.49 -1.15 0.72
N PHE A 279 36.95 -2.24 0.16
CA PHE A 279 36.06 -3.12 0.96
C PHE A 279 36.73 -3.61 2.27
N ASP A 280 38.05 -3.83 2.23
CA ASP A 280 38.83 -4.27 3.40
C ASP A 280 38.84 -3.28 4.58
N ARG A 281 38.62 -2.00 4.29
CA ARG A 281 38.71 -0.94 5.30
C ARG A 281 37.49 -0.84 6.18
N ALA A 282 36.36 -1.35 5.69
CA ALA A 282 35.07 -1.23 6.38
C ALA A 282 35.14 -1.84 7.77
N ALA A 283 35.61 -3.09 7.84
CA ALA A 283 35.77 -3.81 9.12
C ALA A 283 36.80 -3.12 10.03
N GLN A 284 37.85 -2.57 9.43
CA GLN A 284 38.86 -1.82 10.17
C GLN A 284 38.28 -0.57 10.84
N LEU A 285 37.49 0.18 10.06
CA LEU A 285 36.88 1.44 10.53
C LEU A 285 35.76 1.17 11.54
N HIS A 286 35.13 0.01 11.43
CA HIS A 286 34.07 -0.39 12.34
C HIS A 286 34.62 -0.49 13.77
N LEU A 287 35.79 -1.11 13.90
CA LEU A 287 36.51 -1.15 15.16
C LEU A 287 37.04 0.23 15.53
N GLY A 288 37.60 0.93 14.54
CA GLY A 288 38.14 2.27 14.77
C GLY A 288 37.15 3.21 15.45
N PHE A 289 35.93 3.30 14.90
CA PHE A 289 34.87 4.19 15.37
C PHE A 289 34.41 3.81 16.78
N GLN A 290 34.35 2.51 17.06
CA GLN A 290 34.10 2.04 18.41
C GLN A 290 35.23 2.40 19.39
N ALA A 291 36.47 2.26 18.93
CA ALA A 291 37.65 2.62 19.72
C ALA A 291 37.67 4.10 20.10
N LEU A 292 37.18 4.96 19.21
CA LEU A 292 37.10 6.41 19.46
C LEU A 292 36.21 6.74 20.64
N HIS A 293 35.11 5.99 20.76
CA HIS A 293 34.18 6.16 21.88
C HIS A 293 34.79 5.65 23.19
N GLN A 294 35.51 4.53 23.12
CA GLN A 294 36.24 3.98 24.28
C GLN A 294 37.33 4.92 24.77
N PHE A 295 38.06 5.53 23.83
CA PHE A 295 39.06 6.56 24.13
C PHE A 295 38.39 7.74 24.85
N ALA A 296 37.26 8.22 24.32
CA ALA A 296 36.54 9.35 24.94
C ALA A 296 36.05 9.02 26.36
N VAL A 297 35.66 7.77 26.58
CA VAL A 297 35.28 7.29 27.91
C VAL A 297 36.47 7.37 28.89
N ARG A 298 37.67 7.02 28.41
CA ARG A 298 38.87 6.99 29.24
C ARG A 298 39.52 8.36 29.45
N HIS A 299 39.16 9.33 28.61
CA HIS A 299 39.78 10.65 28.65
C HIS A 299 38.73 11.76 28.83
N ASN A 300 37.86 11.54 29.82
CA ASN A 300 36.79 12.47 30.26
C ASN A 300 36.03 13.17 29.12
N GLY A 301 35.54 12.37 28.18
CA GLY A 301 34.79 12.88 27.02
C GLY A 301 35.61 13.40 25.85
N GLU A 302 36.95 13.37 25.94
CA GLU A 302 37.83 13.92 24.89
C GLU A 302 38.17 12.89 23.81
N LEU A 303 38.11 13.33 22.55
CA LEU A 303 38.63 12.55 21.41
C LEU A 303 40.17 12.62 21.40
N PRO A 304 40.85 11.74 20.62
CA PRO A 304 42.31 11.91 20.48
C PRO A 304 42.71 13.31 20.04
N ARG A 305 43.85 13.77 20.54
CA ARG A 305 44.41 15.04 20.12
C ARG A 305 44.83 14.99 18.64
N THR A 306 44.65 16.13 17.97
CA THR A 306 44.89 16.31 16.56
C THR A 306 46.36 16.03 16.26
N MET A 307 46.61 15.19 15.27
CA MET A 307 47.97 14.81 14.82
C MET A 307 48.89 14.21 15.90
N ASN A 308 48.30 13.77 17.01
CA ASN A 308 49.08 13.30 18.16
C ASN A 308 49.43 11.83 18.05
N ASP A 309 50.73 11.56 17.98
CA ASP A 309 51.23 10.19 17.83
C ASP A 309 50.94 9.29 19.05
N GLU A 310 51.00 9.87 20.24
CA GLU A 310 50.76 9.13 21.49
C GLU A 310 49.32 8.61 21.55
N ASP A 311 48.35 9.49 21.28
CA ASP A 311 46.93 9.10 21.24
C ASP A 311 46.63 8.08 20.15
N ALA A 312 47.27 8.23 18.98
CA ALA A 312 47.13 7.29 17.87
C ALA A 312 47.52 5.86 18.27
N ASN A 313 48.64 5.74 19.00
CA ASN A 313 49.11 4.44 19.53
C ASN A 313 48.13 3.84 20.54
N GLU A 314 47.52 4.69 21.37
CA GLU A 314 46.46 4.25 22.27
C GLU A 314 45.23 3.73 21.47
N LEU A 315 44.85 4.44 20.41
CA LEU A 315 43.71 4.03 19.57
C LEU A 315 44.01 2.71 18.87
N ILE A 316 45.22 2.58 18.33
CA ILE A 316 45.67 1.30 17.73
C ILE A 316 45.56 0.13 18.73
N LYS A 317 46.00 0.36 19.97
CA LYS A 317 45.91 -0.63 21.04
C LYS A 317 44.45 -0.94 21.39
N LEU A 318 43.63 0.12 21.47
CA LEU A 318 42.18 -0.05 21.65
C LEU A 318 41.51 -0.91 20.55
N VAL A 319 41.91 -0.73 19.29
CA VAL A 319 41.36 -1.50 18.16
C VAL A 319 41.85 -2.95 18.19
N THR A 320 43.16 -3.12 18.43
CA THR A 320 43.78 -4.44 18.62
C THR A 320 43.06 -5.23 19.73
N ASP A 321 42.78 -4.59 20.86
CA ASP A 321 42.03 -5.21 21.97
C ASP A 321 40.58 -5.55 21.61
N LEU A 322 39.94 -4.67 20.85
CA LEU A 322 38.56 -4.84 20.44
C LEU A 322 38.36 -5.97 19.41
N SER A 323 39.33 -6.16 18.51
CA SER A 323 39.29 -7.29 17.56
C SER A 323 39.30 -8.67 18.26
N VAL A 324 39.85 -8.72 19.46
CA VAL A 324 39.83 -9.95 20.28
C VAL A 324 38.42 -10.14 20.83
N GLN A 325 37.85 -9.09 21.44
CA GLN A 325 36.47 -9.10 21.93
C GLN A 325 35.41 -9.29 20.85
N GLN A 326 35.71 -8.84 19.64
CA GLN A 326 34.79 -8.94 18.49
C GLN A 326 35.47 -9.68 17.32
N PRO A 327 35.74 -11.00 17.49
CA PRO A 327 36.59 -11.71 16.51
C PRO A 327 36.02 -11.85 15.10
N GLU A 328 34.69 -11.70 14.97
CA GLU A 328 33.99 -11.88 13.70
C GLU A 328 34.03 -10.64 12.80
N VAL A 329 34.56 -9.53 13.33
CA VAL A 329 34.65 -8.29 12.58
C VAL A 329 35.75 -8.41 11.51
N LEU A 330 36.98 -8.68 11.94
CA LEU A 330 38.09 -8.80 10.99
C LEU A 330 38.23 -10.22 10.42
N GLY A 331 37.85 -11.23 11.20
CA GLY A 331 38.01 -12.63 10.81
C GLY A 331 39.41 -13.15 11.06
N GLU A 332 39.58 -14.47 10.99
CA GLU A 332 40.85 -15.15 11.31
C GLU A 332 42.01 -14.72 10.39
N GLY A 333 43.14 -14.38 11.03
CA GLY A 333 44.40 -14.06 10.33
C GLY A 333 44.56 -12.67 9.72
N VAL A 334 43.55 -11.82 9.91
CA VAL A 334 43.57 -10.44 9.41
C VAL A 334 44.07 -9.50 10.52
N ASP A 335 45.13 -8.75 10.23
CA ASP A 335 45.70 -7.80 11.20
C ASP A 335 44.99 -6.43 11.24
N VAL A 336 45.22 -5.71 12.34
CA VAL A 336 44.82 -4.32 12.46
C VAL A 336 45.63 -3.51 11.45
N ASN A 337 44.93 -2.72 10.64
CA ASN A 337 45.56 -1.82 9.69
C ASN A 337 45.94 -0.59 10.47
N GLU A 338 47.16 -0.61 11.02
CA GLU A 338 47.63 0.40 11.96
C GLU A 338 47.68 1.81 11.37
N ASP A 339 48.14 1.92 10.11
CA ASP A 339 48.22 3.20 9.39
C ASP A 339 46.86 3.88 9.19
N LEU A 340 45.83 3.08 8.88
CA LEU A 340 44.46 3.55 8.75
C LEU A 340 43.91 4.08 10.10
N ILE A 341 44.03 3.27 11.14
CA ILE A 341 43.61 3.61 12.51
C ILE A 341 44.34 4.88 13.00
N LYS A 342 45.64 4.97 12.70
CA LYS A 342 46.43 6.18 12.98
C LYS A 342 45.85 7.44 12.34
N GLU A 343 45.43 7.37 11.08
CA GLU A 343 44.80 8.54 10.43
C GLU A 343 43.46 8.92 11.05
N LEU A 344 42.71 7.91 11.50
CA LEU A 344 41.43 8.12 12.16
C LEU A 344 41.64 8.87 13.47
N SER A 345 42.57 8.39 14.30
CA SER A 345 42.96 9.11 15.52
C SER A 345 43.40 10.54 15.20
N TYR A 346 44.33 10.69 14.24
CA TYR A 346 44.82 12.00 13.79
C TYR A 346 43.74 13.00 13.37
N GLN A 347 42.68 12.48 12.76
CA GLN A 347 41.63 13.30 12.16
C GLN A 347 40.34 13.37 12.97
N ALA A 348 40.33 12.73 14.13
CA ALA A 348 39.10 12.46 14.86
C ALA A 348 38.27 13.73 15.12
N ARG A 349 38.96 14.84 15.37
CA ARG A 349 38.32 16.11 15.70
C ARG A 349 37.91 16.91 14.48
N GLY A 350 38.33 16.47 13.30
CA GLY A 350 38.01 17.15 12.05
C GLY A 350 36.52 17.16 11.70
N ASP A 351 36.12 18.16 10.93
CA ASP A 351 34.70 18.36 10.59
C ASP A 351 34.71 18.95 9.17
N ILE A 352 34.56 18.06 8.18
CA ILE A 352 34.83 18.39 6.78
C ILE A 352 33.54 18.52 5.97
N PRO A 353 33.33 19.69 5.33
CA PRO A 353 32.06 19.95 4.62
C PRO A 353 31.64 18.85 3.65
N GLY A 354 32.59 18.40 2.82
CA GLY A 354 32.30 17.38 1.80
C GLY A 354 31.75 16.10 2.40
N VAL A 355 32.37 15.65 3.49
CA VAL A 355 32.00 14.43 4.22
C VAL A 355 30.63 14.62 4.91
N VAL A 356 30.46 15.76 5.60
CA VAL A 356 29.19 16.11 6.22
C VAL A 356 28.03 16.11 5.20
N ALA A 357 28.30 16.63 4.01
CA ALA A 357 27.32 16.69 2.93
C ALA A 357 26.98 15.31 2.32
N PHE A 358 28.00 14.49 2.11
CA PHE A 358 27.84 13.11 1.67
C PHE A 358 26.89 12.35 2.62
N PHE A 359 27.20 12.32 3.92
CA PHE A 359 26.36 11.60 4.88
C PHE A 359 25.04 12.29 5.20
N GLY A 360 25.02 13.61 5.13
CA GLY A 360 23.78 14.38 5.34
C GLY A 360 22.74 13.98 4.32
N GLY A 361 23.16 13.91 3.06
CA GLY A 361 22.27 13.51 1.96
C GLY A 361 21.83 12.07 2.10
N LEU A 362 22.81 11.17 2.28
CA LEU A 362 22.55 9.74 2.39
C LEU A 362 21.65 9.41 3.58
N VAL A 363 21.95 9.97 4.76
CA VAL A 363 21.20 9.63 5.98
C VAL A 363 19.77 10.17 5.86
N ALA A 364 19.63 11.39 5.32
CA ALA A 364 18.29 11.98 5.09
C ALA A 364 17.45 11.10 4.18
N GLN A 365 18.04 10.55 3.11
CA GLN A 365 17.33 9.61 2.29
C GLN A 365 16.91 8.39 3.10
N GLU A 366 17.81 7.84 3.93
CA GLU A 366 17.45 6.70 4.81
C GLU A 366 16.28 7.01 5.74
N VAL A 367 16.22 8.25 6.24
CA VAL A 367 15.05 8.73 6.99
C VAL A 367 13.75 8.60 6.18
N LEU A 368 13.78 9.08 4.93
CA LEU A 368 12.61 9.07 4.05
C LEU A 368 12.12 7.65 3.74
N LYS A 369 13.07 6.73 3.51
CA LYS A 369 12.80 5.30 3.36
C LYS A 369 12.11 4.72 4.59
N ALA A 370 12.62 5.10 5.76
CA ALA A 370 12.12 4.63 7.04
C ALA A 370 10.68 5.08 7.28
N CYS A 371 10.31 6.24 6.72
CA CYS A 371 8.94 6.77 6.83
C CYS A 371 7.95 6.16 5.85
N SER A 372 8.42 5.69 4.70
CA SER A 372 7.54 5.41 3.56
C SER A 372 7.50 3.97 3.03
N GLY A 373 8.55 3.19 3.31
CA GLY A 373 8.74 1.89 2.67
C GLY A 373 9.12 1.99 1.18
N LYS A 374 9.45 3.21 0.74
CA LYS A 374 9.92 3.48 -0.60
C LYS A 374 11.46 3.37 -0.69
N PHE A 375 11.93 2.54 -1.62
CA PHE A 375 13.37 2.24 -1.85
C PHE A 375 13.93 1.23 -0.85
N THR A 376 15.07 0.63 -1.20
CA THR A 376 15.69 -0.39 -0.36
C THR A 376 16.63 0.24 0.69
N PRO A 377 16.32 0.03 1.97
CA PRO A 377 17.12 0.56 3.08
C PRO A 377 18.52 -0.01 3.13
N LEU A 378 19.47 0.85 3.50
CA LEU A 378 20.81 0.42 3.87
C LEU A 378 20.75 -0.61 5.00
N LYS A 379 21.45 -1.74 4.82
CA LYS A 379 21.35 -2.88 5.72
C LYS A 379 22.74 -3.45 6.02
N GLN A 380 23.40 -3.05 7.10
CA GLN A 380 22.94 -2.05 8.08
C GLN A 380 24.00 -0.97 8.38
N PHE A 381 25.27 -1.29 8.16
CA PHE A 381 26.40 -0.37 8.34
C PHE A 381 27.05 0.04 7.01
N MET A 382 27.44 1.31 6.92
CA MET A 382 28.31 1.80 5.85
CA MET A 382 28.32 1.80 5.85
C MET A 382 29.41 2.71 6.43
N TYR A 383 30.65 2.46 5.99
CA TYR A 383 31.81 3.27 6.32
C TYR A 383 32.34 3.88 5.04
N PHE A 384 32.92 5.06 5.17
CA PHE A 384 33.42 5.82 4.03
C PHE A 384 34.70 6.50 4.49
N ASP A 385 35.67 6.61 3.59
CA ASP A 385 36.78 7.53 3.77
C ASP A 385 37.12 8.20 2.45
N SER A 386 37.73 9.38 2.53
CA SER A 386 38.22 10.07 1.36
C SER A 386 39.68 10.48 1.60
N LEU A 387 40.49 9.51 2.00
CA LEU A 387 41.90 9.76 2.34
C LEU A 387 42.72 10.34 1.18
N GLU A 388 42.33 10.05 -0.06
CA GLU A 388 42.94 10.66 -1.24
C GLU A 388 42.82 12.17 -1.29
N SER A 389 41.89 12.76 -0.52
CA SER A 389 41.72 14.23 -0.47
C SER A 389 42.90 14.94 0.21
N LEU A 390 43.68 14.20 1.01
CA LEU A 390 44.82 14.75 1.73
C LEU A 390 45.87 15.26 0.76
N PRO A 391 46.39 16.48 1.01
CA PRO A 391 47.47 16.95 0.14
C PRO A 391 48.76 16.18 0.41
N ASP A 392 49.68 16.22 -0.55
CA ASP A 392 51.02 15.67 -0.41
C ASP A 392 51.68 16.33 0.82
N PRO A 393 52.16 15.53 1.80
CA PRO A 393 52.87 16.09 2.98
C PRO A 393 54.14 16.90 2.65
N LYS A 394 54.73 16.63 1.48
CA LYS A 394 55.82 17.44 0.92
C LYS A 394 55.39 18.88 0.66
N ASN A 395 54.15 19.07 0.22
CA ASN A 395 53.62 20.39 -0.10
C ASN A 395 53.01 21.11 1.11
N PHE A 396 52.27 20.37 1.93
CA PHE A 396 51.54 20.93 3.08
C PHE A 396 51.69 19.95 4.24
N PRO A 397 52.74 20.14 5.07
CA PRO A 397 52.96 19.16 6.13
C PRO A 397 51.87 19.22 7.22
N ARG A 398 51.54 18.05 7.73
CA ARG A 398 50.57 17.90 8.79
C ARG A 398 51.30 17.51 10.05
N ASN A 399 51.27 18.39 11.03
CA ASN A 399 51.78 18.09 12.36
C ASN A 399 51.00 18.90 13.37
N GLU A 400 51.32 18.71 14.64
CA GLU A 400 50.61 19.38 15.74
C GLU A 400 50.70 20.91 15.69
N LYS A 401 51.77 21.44 15.10
CA LYS A 401 51.88 22.89 14.92
C LYS A 401 50.98 23.39 13.78
N THR A 402 50.98 22.70 12.64
CA THR A 402 50.29 23.23 11.46
C THR A 402 48.77 23.01 11.51
N THR A 403 48.33 22.00 12.25
CA THR A 403 46.90 21.66 12.34
C THR A 403 46.22 22.21 13.60
N GLN A 404 46.94 23.02 14.37
CA GLN A 404 46.46 23.57 15.64
C GLN A 404 45.33 24.59 15.45
N PRO A 405 44.44 24.72 16.46
CA PRO A 405 43.39 25.76 16.40
C PRO A 405 44.00 27.17 16.41
N VAL A 406 43.50 28.04 15.54
CA VAL A 406 43.93 29.44 15.52
C VAL A 406 42.76 30.35 15.93
N ASN A 407 41.86 29.79 16.75
CA ASN A 407 40.58 30.40 17.13
C ASN A 407 39.79 30.96 15.95
N SER A 408 39.25 30.04 15.16
CA SER A 408 38.68 30.35 13.86
C SER A 408 37.56 29.35 13.54
N ARG A 409 36.56 29.80 12.78
CA ARG A 409 35.49 28.91 12.31
C ARG A 409 36.00 27.71 11.52
N TYR A 410 37.23 27.82 10.98
CA TYR A 410 37.83 26.79 10.14
C TYR A 410 38.72 25.81 10.90
N ASP A 411 38.70 25.89 12.23
CA ASP A 411 39.66 25.14 13.07
C ASP A 411 39.60 23.63 12.87
N ASN A 412 38.37 23.11 12.75
CA ASN A 412 38.18 21.68 12.54
C ASN A 412 38.41 21.22 11.10
N GLN A 413 38.63 22.16 10.19
CA GLN A 413 39.18 21.87 8.85
C GLN A 413 40.72 21.94 8.87
N ILE A 414 41.25 23.02 9.45
CA ILE A 414 42.69 23.14 9.77
C ILE A 414 43.19 21.89 10.49
N ALA A 415 42.37 21.32 11.37
CA ALA A 415 42.66 20.05 12.07
C ALA A 415 43.08 18.90 11.15
N VAL A 416 42.50 18.85 9.95
CA VAL A 416 42.79 17.80 8.97
C VAL A 416 43.90 18.25 8.02
N PHE A 417 43.73 19.43 7.42
CA PHE A 417 44.56 19.87 6.30
C PHE A 417 45.76 20.79 6.63
N GLY A 418 45.75 21.41 7.80
CA GLY A 418 46.79 22.39 8.15
C GLY A 418 46.43 23.80 7.69
N LEU A 419 47.06 24.80 8.31
CA LEU A 419 46.69 26.21 8.11
C LEU A 419 46.98 26.69 6.68
N ASP A 420 48.16 26.35 6.16
CA ASP A 420 48.60 26.76 4.84
C ASP A 420 47.70 26.24 3.72
N PHE A 421 47.26 24.97 3.83
CA PHE A 421 46.34 24.41 2.83
C PHE A 421 45.01 25.14 2.87
N GLN A 422 44.53 25.41 4.08
CA GLN A 422 43.32 26.19 4.29
C GLN A 422 43.39 27.55 3.61
N LYS A 423 44.52 28.24 3.77
CA LYS A 423 44.78 29.55 3.12
C LYS A 423 44.85 29.48 1.59
N LYS A 424 45.38 28.37 1.07
CA LYS A 424 45.37 28.11 -0.37
C LYS A 424 43.94 27.93 -0.92
N ILE A 425 43.10 27.19 -0.20
CA ILE A 425 41.64 27.06 -0.49
C ILE A 425 41.00 28.46 -0.62
N ALA A 426 41.30 29.33 0.36
CA ALA A 426 40.83 30.73 0.40
C ALA A 426 41.25 31.55 -0.80
N ASN A 427 42.41 31.25 -1.36
CA ASN A 427 42.99 32.03 -2.46
C ASN A 427 42.70 31.46 -3.85
N SER A 428 41.73 30.56 -3.95
CA SER A 428 41.30 29.99 -5.23
C SER A 428 40.36 30.93 -5.96
N LYS A 429 40.53 31.01 -7.29
CA LYS A 429 39.63 31.76 -8.17
C LYS A 429 38.79 30.74 -8.96
N VAL A 430 37.48 30.76 -8.75
CA VAL A 430 36.61 29.73 -9.29
C VAL A 430 35.40 30.26 -10.02
N PHE A 431 34.97 29.51 -11.02
CA PHE A 431 33.80 29.84 -11.80
C PHE A 431 32.79 28.73 -11.60
N LEU A 432 31.58 29.11 -11.15
CA LEU A 432 30.47 28.18 -10.99
C LEU A 432 29.38 28.51 -12.00
N VAL A 433 29.11 27.54 -12.87
CA VAL A 433 28.12 27.69 -13.91
C VAL A 433 26.81 27.04 -13.44
N GLY A 434 25.90 27.87 -12.95
CA GLY A 434 24.60 27.39 -12.48
C GLY A 434 24.42 27.69 -11.00
N SER A 435 23.22 28.14 -10.65
CA SER A 435 22.92 28.55 -9.28
C SER A 435 21.61 27.92 -8.77
N GLY A 436 21.32 26.71 -9.26
CA GLY A 436 20.11 25.95 -8.94
C GLY A 436 20.37 24.98 -7.80
N ALA A 437 19.94 23.73 -7.95
CA ALA A 437 20.08 22.74 -6.87
C ALA A 437 21.56 22.50 -6.53
N ILE A 438 22.35 22.08 -7.52
CA ILE A 438 23.77 21.82 -7.30
C ILE A 438 24.51 23.11 -6.90
N GLY A 439 24.19 24.21 -7.58
CA GLY A 439 24.81 25.51 -7.33
C GLY A 439 24.65 25.97 -5.89
N CYS A 440 23.43 25.88 -5.37
CA CYS A 440 23.14 26.26 -3.97
C CYS A 440 23.94 25.41 -2.99
N GLU A 441 23.94 24.09 -3.20
CA GLU A 441 24.70 23.18 -2.33
C GLU A 441 26.19 23.46 -2.44
N MET A 442 26.66 23.75 -3.67
CA MET A 442 28.05 24.09 -3.95
C MET A 442 28.47 25.35 -3.21
N LEU A 443 27.70 26.41 -3.38
CA LEU A 443 27.96 27.70 -2.72
C LEU A 443 27.98 27.60 -1.20
N LYS A 444 27.03 26.84 -0.63
CA LYS A 444 27.06 26.55 0.81
C LYS A 444 28.36 25.88 1.20
N ASN A 445 28.73 24.81 0.48
CA ASN A 445 30.00 24.12 0.74
C ASN A 445 31.20 25.07 0.68
N TRP A 446 31.16 25.95 -0.32
CA TRP A 446 32.25 26.89 -0.54
C TRP A 446 32.28 27.97 0.53
N ALA A 447 31.10 28.34 1.03
CA ALA A 447 30.99 29.26 2.18
C ALA A 447 31.69 28.63 3.39
N LEU A 448 31.39 27.37 3.66
CA LEU A 448 31.94 26.63 4.79
C LEU A 448 33.45 26.41 4.71
N LEU A 449 33.96 26.34 3.48
CA LEU A 449 35.37 26.17 3.22
C LEU A 449 36.16 27.48 3.31
N GLY A 450 35.43 28.59 3.16
CA GLY A 450 36.03 29.91 2.97
C GLY A 450 36.76 29.99 1.65
N LEU A 451 36.27 29.24 0.68
CA LEU A 451 36.85 29.20 -0.65
C LEU A 451 36.60 30.54 -1.34
N GLY A 452 37.68 31.14 -1.84
CA GLY A 452 37.59 32.41 -2.55
C GLY A 452 37.49 33.63 -1.64
N SER A 453 37.69 33.42 -0.33
CA SER A 453 37.61 34.50 0.66
C SER A 453 38.96 35.19 0.92
N GLY A 454 40.06 34.53 0.54
CA GLY A 454 41.42 35.09 0.69
C GLY A 454 41.70 36.18 -0.33
N SER A 455 42.75 36.95 -0.10
CA SER A 455 43.00 38.18 -0.88
C SER A 455 43.23 37.92 -2.38
N ASP A 456 43.80 36.77 -2.70
CA ASP A 456 43.98 36.37 -4.10
C ASP A 456 42.78 35.64 -4.70
N GLY A 457 41.81 35.24 -3.88
CA GLY A 457 40.69 34.42 -4.37
C GLY A 457 39.42 35.18 -4.72
N TYR A 458 38.50 34.50 -5.41
CA TYR A 458 37.13 34.96 -5.59
C TYR A 458 36.23 33.84 -6.12
N ILE A 459 34.92 34.08 -6.12
CA ILE A 459 33.95 33.18 -6.74
C ILE A 459 33.20 33.98 -7.78
N VAL A 460 33.12 33.44 -8.99
CA VAL A 460 32.18 33.92 -10.01
C VAL A 460 31.07 32.86 -10.18
N VAL A 461 29.83 33.26 -9.93
CA VAL A 461 28.67 32.40 -10.15
C VAL A 461 27.73 33.07 -11.14
N THR A 462 27.30 32.30 -12.13
CA THR A 462 26.40 32.80 -13.14
C THR A 462 25.21 31.87 -13.39
N ASP A 463 24.06 32.48 -13.59
CA ASP A 463 22.81 31.82 -13.92
C ASP A 463 21.90 32.91 -14.49
N MET A 464 21.26 32.61 -15.61
CA MET A 464 20.34 33.55 -16.27
C MET A 464 18.92 33.48 -15.74
N ASP A 465 18.65 32.52 -14.85
CA ASP A 465 17.28 32.15 -14.51
C ASP A 465 16.80 32.80 -13.23
N SER A 466 15.48 32.97 -13.11
CA SER A 466 14.88 33.50 -11.88
C SER A 466 14.32 32.39 -10.99
N ILE A 467 14.06 32.72 -9.72
CA ILE A 467 13.57 31.76 -8.72
C ILE A 467 12.07 31.54 -8.88
N GLU A 468 11.67 30.27 -8.94
CA GLU A 468 10.27 29.86 -9.04
C GLU A 468 9.89 28.94 -7.87
N LYS A 469 8.59 28.81 -7.60
CA LYS A 469 8.11 28.09 -6.43
C LYS A 469 8.62 26.65 -6.34
N SER A 470 8.55 25.91 -7.46
CA SER A 470 9.00 24.51 -7.46
C SER A 470 10.49 24.30 -7.14
N ASN A 471 11.30 25.36 -7.31
CA ASN A 471 12.73 25.36 -7.00
C ASN A 471 13.00 25.22 -5.51
N LEU A 472 12.08 25.75 -4.69
CA LEU A 472 12.30 25.88 -3.24
C LEU A 472 12.44 24.57 -2.49
N ASN A 473 11.88 23.50 -3.03
CA ASN A 473 11.97 22.15 -2.44
C ASN A 473 13.41 21.59 -2.39
N ARG A 474 14.30 22.08 -3.25
CA ARG A 474 15.66 21.55 -3.33
C ARG A 474 16.75 22.62 -3.44
N GLN A 475 16.35 23.89 -3.55
CA GLN A 475 17.33 24.97 -3.70
C GLN A 475 17.22 25.81 -2.45
N PHE A 476 17.89 25.34 -1.40
CA PHE A 476 17.63 25.71 0.00
C PHE A 476 18.04 27.13 0.42
N LEU A 477 18.79 27.83 -0.43
CA LEU A 477 19.21 29.21 -0.16
C LEU A 477 18.09 30.22 -0.45
N PHE A 478 17.05 29.75 -1.13
CA PHE A 478 15.96 30.58 -1.59
C PHE A 478 14.78 30.41 -0.66
N ARG A 479 14.01 31.48 -0.51
CA ARG A 479 12.78 31.46 0.29
C ARG A 479 11.57 31.89 -0.56
N PRO A 480 10.32 31.66 -0.07
CA PRO A 480 9.16 32.14 -0.83
C PRO A 480 9.22 33.64 -1.19
N LYS A 481 9.76 34.49 -0.31
CA LYS A 481 9.95 35.93 -0.59
C LYS A 481 10.83 36.23 -1.82
N ASP A 482 11.70 35.28 -2.16
CA ASP A 482 12.70 35.44 -3.22
C ASP A 482 12.19 35.08 -4.60
N VAL A 483 10.98 34.51 -4.68
CA VAL A 483 10.36 34.12 -5.95
C VAL A 483 10.35 35.30 -6.93
N GLY A 484 10.83 35.09 -8.16
CA GLY A 484 10.95 36.16 -9.15
C GLY A 484 12.31 36.83 -9.21
N LYS A 485 13.06 36.81 -8.11
CA LYS A 485 14.43 37.37 -8.09
C LYS A 485 15.42 36.44 -8.80
N ASN A 486 16.63 36.93 -9.09
CA ASN A 486 17.64 36.13 -9.78
C ASN A 486 18.35 35.17 -8.85
N LYS A 487 18.45 33.91 -9.31
CA LYS A 487 19.05 32.81 -8.53
C LYS A 487 20.43 33.15 -8.01
N SER A 488 21.31 33.59 -8.90
CA SER A 488 22.72 33.79 -8.55
C SER A 488 22.90 34.87 -7.49
N GLU A 489 22.20 35.99 -7.69
CA GLU A 489 22.25 37.16 -6.79
C GLU A 489 21.74 36.83 -5.39
N VAL A 490 20.60 36.16 -5.31
CA VAL A 490 20.02 35.72 -4.04
C VAL A 490 20.94 34.71 -3.33
N ALA A 491 21.48 33.74 -4.10
CA ALA A 491 22.36 32.71 -3.53
C ALA A 491 23.63 33.32 -2.94
N ALA A 492 24.22 34.26 -3.67
CA ALA A 492 25.43 34.99 -3.26
C ALA A 492 25.23 35.68 -1.92
N GLU A 493 24.11 36.40 -1.79
CA GLU A 493 23.75 37.09 -0.54
C GLU A 493 23.51 36.12 0.62
N ALA A 494 22.82 35.02 0.36
CA ALA A 494 22.56 34.00 1.38
C ALA A 494 23.85 33.38 1.95
N VAL A 495 24.85 33.13 1.11
CA VAL A 495 26.09 32.50 1.62
C VAL A 495 27.03 33.49 2.32
N CYS A 496 26.94 34.77 1.95
CA CYS A 496 27.63 35.84 2.69
C CYS A 496 27.08 36.00 4.09
N ALA A 497 25.78 35.74 4.25
CA ALA A 497 25.15 35.75 5.57
C ALA A 497 25.60 34.53 6.38
N MET A 498 25.84 33.41 5.69
CA MET A 498 26.38 32.20 6.32
C MET A 498 27.84 32.35 6.74
N ASN A 499 28.65 32.94 5.85
CA ASN A 499 30.05 33.20 6.16
C ASN A 499 30.42 34.59 5.65
N PRO A 500 30.48 35.59 6.58
CA PRO A 500 30.86 36.97 6.27
C PRO A 500 32.21 37.11 5.59
N ASP A 501 33.10 36.11 5.72
CA ASP A 501 34.38 36.11 5.01
C ASP A 501 34.23 36.25 3.48
N LEU A 502 33.06 35.89 2.96
CA LEU A 502 32.78 35.96 1.53
C LEU A 502 32.20 37.29 1.02
N LYS A 503 31.91 38.23 1.93
CA LYS A 503 31.47 39.60 1.56
C LYS A 503 32.48 40.28 0.63
N GLY A 504 31.98 40.83 -0.47
CA GLY A 504 32.82 41.40 -1.54
C GLY A 504 33.65 40.41 -2.36
N LYS A 505 33.43 39.11 -2.20
CA LYS A 505 34.25 38.08 -2.86
C LYS A 505 33.49 37.24 -3.90
N ILE A 506 32.18 37.40 -3.96
CA ILE A 506 31.36 36.67 -4.95
C ILE A 506 30.84 37.65 -5.97
N ASN A 507 31.07 37.34 -7.24
CA ASN A 507 30.54 38.09 -8.35
C ASN A 507 29.40 37.25 -8.91
N ALA A 508 28.18 37.61 -8.49
CA ALA A 508 26.95 37.01 -8.99
C ALA A 508 26.53 37.64 -10.33
N LYS A 509 26.69 36.89 -11.41
CA LYS A 509 26.28 37.35 -12.76
C LYS A 509 25.00 36.66 -13.20
N ILE A 510 24.27 37.30 -14.11
CA ILE A 510 23.02 36.73 -14.64
C ILE A 510 23.14 36.30 -16.11
N ASP A 511 24.36 36.03 -16.57
CA ASP A 511 24.59 35.67 -17.97
C ASP A 511 24.54 34.17 -18.23
N ARG A 512 23.99 33.82 -19.39
CA ARG A 512 23.88 32.47 -19.87
C ARG A 512 25.16 32.11 -20.63
N VAL A 513 25.89 31.13 -20.12
CA VAL A 513 27.12 30.64 -20.74
C VAL A 513 26.78 29.94 -22.05
N GLY A 514 27.46 30.33 -23.13
CA GLY A 514 27.22 29.80 -24.46
C GLY A 514 27.99 30.61 -25.50
N PRO A 515 27.82 30.28 -26.80
CA PRO A 515 28.57 30.96 -27.86
C PRO A 515 28.26 32.47 -27.95
N GLU A 516 27.08 32.86 -27.48
CA GLU A 516 26.56 34.22 -27.59
C GLU A 516 26.99 35.19 -26.46
N THR A 517 27.78 34.70 -25.50
CA THR A 517 28.24 35.54 -24.37
C THR A 517 29.76 35.43 -24.19
N GLU A 518 30.44 35.09 -25.28
CA GLU A 518 31.90 34.96 -25.30
C GLU A 518 32.62 36.29 -25.17
N GLU A 519 31.91 37.37 -25.47
CA GLU A 519 32.40 38.74 -25.26
C GLU A 519 32.54 39.05 -23.76
N ILE A 520 31.56 38.61 -22.98
CA ILE A 520 31.59 38.74 -21.51
C ILE A 520 32.59 37.74 -20.92
N PHE A 521 32.37 36.45 -21.16
CA PHE A 521 33.27 35.39 -20.71
C PHE A 521 34.38 35.18 -21.74
N ASN A 522 35.32 36.12 -21.79
CA ASN A 522 36.38 36.19 -22.82
C ASN A 522 37.69 35.54 -22.35
N ASP A 523 38.70 35.55 -23.23
CA ASP A 523 40.02 34.97 -22.95
C ASP A 523 40.54 35.35 -21.55
N SER A 524 40.45 36.64 -21.24
CA SER A 524 40.91 37.19 -19.97
C SER A 524 40.17 36.57 -18.77
N PHE A 525 38.84 36.46 -18.89
CA PHE A 525 38.01 35.89 -17.82
C PHE A 525 38.41 34.44 -17.47
N TRP A 526 38.51 33.58 -18.48
CA TRP A 526 38.85 32.18 -18.26
C TRP A 526 40.28 31.98 -17.78
N GLU A 527 41.23 32.76 -18.33
CA GLU A 527 42.67 32.58 -18.02
C GLU A 527 43.00 32.85 -16.56
N SER A 528 42.23 33.73 -15.92
CA SER A 528 42.46 34.10 -14.51
C SER A 528 42.08 33.00 -13.53
N LEU A 529 41.17 32.11 -13.94
CA LEU A 529 40.57 31.10 -13.06
C LEU A 529 41.52 29.95 -12.71
N ASP A 530 41.43 29.47 -11.48
CA ASP A 530 42.08 28.22 -11.10
C ASP A 530 41.32 26.98 -11.59
N PHE A 531 39.98 27.02 -11.57
CA PHE A 531 39.13 25.90 -12.01
C PHE A 531 37.67 26.25 -12.15
N VAL A 532 36.92 25.33 -12.75
CA VAL A 532 35.53 25.57 -13.14
C VAL A 532 34.71 24.45 -12.52
N THR A 533 33.50 24.78 -12.07
CA THR A 533 32.57 23.80 -11.52
C THR A 533 31.26 23.93 -12.30
N ASN A 534 30.76 22.81 -12.82
CA ASN A 534 29.43 22.74 -13.45
C ASN A 534 28.34 22.54 -12.40
N ALA A 535 27.21 23.19 -12.63
CA ALA A 535 26.00 23.03 -11.80
C ALA A 535 24.81 23.18 -12.75
N LEU A 536 24.84 22.38 -13.80
CA LEU A 536 23.92 22.50 -14.93
C LEU A 536 22.85 21.41 -15.00
N ASP A 537 21.86 21.63 -15.87
CA ASP A 537 20.75 20.68 -16.06
C ASP A 537 20.60 20.25 -17.51
N ASN A 538 21.62 20.55 -18.33
CA ASN A 538 21.55 20.30 -19.77
C ASN A 538 22.90 19.75 -20.28
N VAL A 539 22.83 18.69 -21.10
CA VAL A 539 24.00 18.03 -21.69
C VAL A 539 24.83 18.95 -22.63
N ASP A 540 24.15 19.75 -23.45
CA ASP A 540 24.82 20.70 -24.36
C ASP A 540 25.55 21.81 -23.61
N ALA A 541 24.92 22.34 -22.57
CA ALA A 541 25.56 23.30 -21.68
C ALA A 541 26.86 22.72 -21.10
N ARG A 542 26.80 21.46 -20.64
CA ARG A 542 27.97 20.79 -20.07
C ARG A 542 29.08 20.62 -21.11
N THR A 543 28.69 20.21 -22.32
CA THR A 543 29.62 20.05 -23.46
C THR A 543 30.31 21.38 -23.79
N TYR A 544 29.51 22.46 -23.84
CA TYR A 544 30.03 23.80 -24.11
C TYR A 544 31.13 24.19 -23.10
N VAL A 545 30.82 24.09 -21.81
CA VAL A 545 31.77 24.41 -20.73
C VAL A 545 33.02 23.52 -20.82
N ASP A 546 32.82 22.21 -21.02
CA ASP A 546 33.91 21.26 -21.17
C ASP A 546 34.89 21.65 -22.31
N ARG A 547 34.35 22.08 -23.45
CA ARG A 547 35.14 22.59 -24.58
C ARG A 547 35.91 23.86 -24.22
N ARG A 548 35.34 24.71 -23.39
CA ARG A 548 36.04 25.91 -22.93
C ARG A 548 37.19 25.55 -21.99
N CYS A 549 36.92 24.66 -21.04
CA CYS A 549 37.98 24.19 -20.14
C CYS A 549 39.12 23.47 -20.87
N VAL A 550 38.80 22.73 -21.94
CA VAL A 550 39.81 22.11 -22.79
C VAL A 550 40.64 23.20 -23.49
N PHE A 551 39.95 24.16 -24.12
CA PHE A 551 40.57 25.28 -24.82
C PHE A 551 41.50 26.11 -23.94
N TYR A 552 41.07 26.42 -22.71
CA TYR A 552 41.87 27.21 -21.79
C TYR A 552 42.71 26.40 -20.80
N ARG A 553 42.67 25.08 -20.92
CA ARG A 553 43.44 24.17 -20.03
C ARG A 553 43.15 24.47 -18.54
N LYS A 554 41.87 24.33 -18.18
CA LYS A 554 41.43 24.53 -16.81
C LYS A 554 40.76 23.26 -16.30
N PRO A 555 41.03 22.87 -15.03
CA PRO A 555 40.30 21.76 -14.40
C PRO A 555 38.80 22.04 -14.34
N LEU A 556 38.00 21.00 -14.56
CA LEU A 556 36.54 21.07 -14.48
C LEU A 556 36.01 20.05 -13.50
N LEU A 557 35.17 20.50 -12.56
CA LEU A 557 34.42 19.60 -11.68
C LEU A 557 33.00 19.45 -12.21
N GLU A 558 32.66 18.23 -12.62
CA GLU A 558 31.34 17.94 -13.20
C GLU A 558 30.50 17.08 -12.26
N SER A 559 29.18 17.27 -12.30
CA SER A 559 28.24 16.44 -11.54
C SER A 559 26.81 16.55 -12.07
N GLY A 560 25.98 15.61 -11.67
CA GLY A 560 24.60 15.57 -12.13
C GLY A 560 23.76 14.66 -11.28
N THR A 561 22.44 14.86 -11.32
CA THR A 561 21.51 13.99 -10.60
C THR A 561 20.32 13.65 -11.49
N LEU A 562 19.63 12.57 -11.15
CA LEU A 562 18.31 12.26 -11.68
C LEU A 562 17.62 11.41 -10.61
N GLY A 563 16.64 12.01 -9.93
CA GLY A 563 16.04 11.40 -8.74
C GLY A 563 17.09 10.99 -7.71
N THR A 564 17.12 9.69 -7.41
CA THR A 564 18.07 9.15 -6.44
C THR A 564 19.44 8.82 -7.05
N LYS A 565 19.56 9.00 -8.37
CA LYS A 565 20.81 8.71 -9.09
C LYS A 565 21.71 9.94 -9.23
N GLY A 566 23.02 9.72 -9.16
CA GLY A 566 23.97 10.82 -9.29
C GLY A 566 25.36 10.41 -9.71
N ASN A 567 26.14 11.39 -10.17
CA ASN A 567 27.50 11.15 -10.64
C ASN A 567 28.37 12.38 -10.48
N THR A 568 29.68 12.15 -10.35
CA THR A 568 30.67 13.21 -10.35
C THR A 568 31.78 12.82 -11.33
N GLN A 569 32.31 13.80 -12.05
CA GLN A 569 33.47 13.58 -12.91
C GLN A 569 34.50 14.70 -12.75
N VAL A 570 35.78 14.33 -12.76
CA VAL A 570 36.90 15.30 -12.69
C VAL A 570 37.61 15.32 -14.04
N ILE A 571 37.88 16.52 -14.53
CA ILE A 571 38.59 16.71 -15.79
C ILE A 571 39.83 17.53 -15.49
N ILE A 572 41.01 16.92 -15.70
CA ILE A 572 42.30 17.51 -15.36
C ILE A 572 43.13 17.76 -16.62
N PRO A 573 43.53 19.02 -16.84
CA PRO A 573 44.41 19.38 -17.98
C PRO A 573 45.61 18.44 -18.12
N ARG A 574 45.84 18.00 -19.37
CA ARG A 574 47.00 17.19 -19.76
C ARG A 574 47.06 15.83 -19.04
N LEU A 575 45.96 15.44 -18.41
CA LEU A 575 45.93 14.18 -17.65
C LEU A 575 44.79 13.25 -18.05
N THR A 576 43.56 13.77 -18.02
CA THR A 576 42.40 12.92 -18.18
C THR A 576 41.71 13.18 -19.50
N GLU A 577 40.80 12.29 -19.86
CA GLU A 577 39.85 12.61 -20.90
C GLU A 577 38.90 13.70 -20.38
N SER A 578 38.18 14.35 -21.27
CA SER A 578 37.26 15.37 -20.83
C SER A 578 35.84 14.80 -20.84
N TYR A 579 34.86 15.65 -20.51
CA TYR A 579 33.46 15.24 -20.42
C TYR A 579 32.95 14.77 -21.79
N SER A 580 33.30 15.51 -22.83
CA SER A 580 32.88 15.25 -24.23
C SER A 580 33.55 14.03 -24.87
N SER A 581 34.60 13.50 -24.25
CA SER A 581 35.32 12.33 -24.75
C SER A 581 34.51 11.03 -24.78
N SER A 582 33.42 10.98 -24.01
CA SER A 582 32.56 9.79 -23.95
C SER A 582 31.09 10.14 -24.15
N ARG A 583 30.31 9.14 -24.57
CA ARG A 583 28.89 9.34 -24.92
C ARG A 583 27.95 8.72 -23.89
N ASP A 584 26.80 9.35 -23.72
CA ASP A 584 25.72 8.84 -22.88
C ASP A 584 24.56 8.44 -23.81
N PRO A 585 23.67 7.51 -23.36
CA PRO A 585 22.51 7.16 -24.18
C PRO A 585 21.72 8.38 -24.67
N PRO A 586 21.46 8.47 -26.00
CA PRO A 586 20.59 9.52 -26.52
C PRO A 586 19.14 9.27 -26.13
N GLU A 587 18.34 10.34 -26.13
CA GLU A 587 16.90 10.21 -25.95
C GLU A 587 16.31 9.44 -27.14
N LYS A 588 15.43 8.49 -26.84
CA LYS A 588 14.84 7.62 -27.88
C LYS A 588 13.78 8.38 -28.69
N SER A 589 13.85 8.22 -30.01
CA SER A 589 12.98 8.92 -30.94
C SER A 589 11.79 8.04 -31.36
N ILE A 590 10.58 8.57 -31.19
CA ILE A 590 9.35 7.84 -31.55
C ILE A 590 9.10 7.92 -33.06
N PRO A 591 8.88 6.76 -33.74
CA PRO A 591 8.59 6.82 -35.18
C PRO A 591 7.42 7.76 -35.50
N LEU A 592 7.54 8.49 -36.61
CA LEU A 592 6.53 9.48 -37.01
C LEU A 592 5.14 8.88 -37.28
N CYS A 593 5.12 7.68 -37.86
CA CYS A 593 3.89 6.93 -38.11
C CYS A 593 3.19 6.44 -36.85
N THR A 594 3.98 6.05 -35.84
CA THR A 594 3.48 5.73 -34.52
C THR A 594 2.76 6.95 -33.92
N LEU A 595 3.41 8.10 -33.95
CA LEU A 595 2.78 9.35 -33.51
C LEU A 595 1.50 9.70 -34.26
N ARG A 596 1.56 9.65 -35.60
CA ARG A 596 0.50 10.12 -36.48
C ARG A 596 -0.76 9.27 -36.46
N SER A 597 -0.57 7.94 -36.50
CA SER A 597 -1.65 7.00 -36.77
C SER A 597 -1.69 5.81 -35.82
N PHE A 598 -0.55 5.39 -35.26
CA PHE A 598 -0.47 4.13 -34.48
C PHE A 598 0.11 4.22 -33.05
N PRO A 599 -0.48 5.08 -32.17
CA PRO A 599 0.02 5.14 -30.79
C PRO A 599 -0.34 3.87 -30.00
N ASN A 600 0.51 3.46 -29.07
CA ASN A 600 0.20 2.33 -28.17
C ASN A 600 0.61 2.60 -26.72
N LYS A 601 1.21 3.78 -26.47
CA LYS A 601 1.61 4.22 -25.15
C LYS A 601 1.13 5.66 -24.91
N ILE A 602 0.88 6.01 -23.66
CA ILE A 602 0.49 7.38 -23.30
C ILE A 602 1.51 8.45 -23.75
N ASP A 603 2.80 8.09 -23.76
CA ASP A 603 3.87 8.96 -24.27
C ASP A 603 3.59 9.44 -25.70
N HIS A 604 2.99 8.57 -26.51
CA HIS A 604 2.68 8.87 -27.91
C HIS A 604 1.53 9.87 -28.04
N THR A 605 0.52 9.69 -27.20
CA THR A 605 -0.67 10.54 -27.23
C THR A 605 -0.36 11.90 -26.62
N ILE A 606 0.53 11.94 -25.62
CA ILE A 606 0.99 13.19 -25.02
C ILE A 606 1.82 14.02 -26.00
N ALA A 607 2.78 13.41 -26.70
CA ALA A 607 3.59 14.12 -27.70
C ALA A 607 2.72 14.66 -28.85
N TRP A 608 1.71 13.87 -29.25
CA TRP A 608 0.74 14.27 -30.28
C TRP A 608 -0.10 15.46 -29.81
N ALA A 609 -0.51 15.42 -28.54
CA ALA A 609 -1.33 16.46 -27.94
C ALA A 609 -0.53 17.75 -27.80
N LYS A 610 0.75 17.62 -27.42
CA LYS A 610 1.63 18.77 -27.28
C LYS A 610 1.88 19.46 -28.63
N SER A 611 2.11 18.68 -29.68
CA SER A 611 2.26 19.22 -31.04
C SER A 611 0.98 19.93 -31.50
N LEU A 612 -0.16 19.31 -31.22
CA LEU A 612 -1.48 19.89 -31.51
C LEU A 612 -1.68 21.23 -30.76
N PHE A 613 -1.30 21.23 -29.47
CA PHE A 613 -1.30 22.44 -28.65
C PHE A 613 -0.45 23.57 -29.27
N GLN A 614 0.76 23.22 -29.69
CA GLN A 614 1.70 24.11 -30.40
C GLN A 614 1.09 24.72 -31.67
N GLY A 615 0.59 23.85 -32.54
CA GLY A 615 -0.07 24.22 -33.80
C GLY A 615 -1.25 25.14 -33.57
N TYR A 616 -2.22 24.68 -32.78
CA TYR A 616 -3.43 25.46 -32.47
C TYR A 616 -3.16 26.85 -31.88
N PHE A 617 -2.24 26.95 -30.92
CA PHE A 617 -2.21 28.16 -30.07
C PHE A 617 -0.92 28.99 -30.11
N THR A 618 0.11 28.48 -30.79
CA THR A 618 1.39 29.18 -30.89
C THR A 618 1.71 29.43 -32.38
N ASP A 619 2.01 28.36 -33.10
CA ASP A 619 2.37 28.43 -34.52
C ASP A 619 1.34 29.18 -35.38
N SER A 620 0.07 28.80 -35.25
CA SER A 620 -1.07 29.46 -35.91
C SER A 620 -1.08 30.97 -35.73
N ALA A 621 -0.94 31.40 -34.47
CA ALA A 621 -0.93 32.80 -34.13
C ALA A 621 0.28 33.51 -34.74
N GLU A 622 1.47 32.90 -34.63
CA GLU A 622 2.71 33.43 -35.20
C GLU A 622 2.65 33.60 -36.72
N ASN A 623 2.08 32.59 -37.39
CA ASN A 623 1.98 32.55 -38.85
C ASN A 623 1.02 33.59 -39.40
N VAL A 624 -0.06 33.83 -38.66
CA VAL A 624 -1.00 34.90 -38.97
C VAL A 624 -0.31 36.26 -38.83
N ASN A 625 0.35 36.48 -37.70
CA ASN A 625 1.03 37.74 -37.42
C ASN A 625 2.09 38.07 -38.48
N MET A 626 2.82 37.05 -38.93
CA MET A 626 3.84 37.19 -39.98
C MET A 626 3.18 37.50 -41.34
N TYR A 627 2.10 36.78 -41.66
CA TYR A 627 1.32 37.02 -42.88
C TYR A 627 0.77 38.45 -43.00
N LEU A 628 0.37 39.03 -41.86
CA LEU A 628 -0.24 40.37 -41.88
C LEU A 628 0.74 41.55 -41.85
N THR A 629 1.99 41.28 -41.47
CA THR A 629 3.02 42.33 -41.35
C THR A 629 4.16 42.22 -42.36
N GLN A 630 4.28 41.06 -43.01
CA GLN A 630 5.41 40.78 -43.90
C GLN A 630 5.02 40.56 -45.36
N PRO A 631 5.33 41.54 -46.25
CA PRO A 631 5.10 41.44 -47.70
C PRO A 631 5.68 40.17 -48.34
N ASN A 632 6.85 39.73 -47.86
CA ASN A 632 7.60 38.60 -48.41
C ASN A 632 6.96 37.23 -48.21
N PHE A 633 5.94 37.15 -47.32
CA PHE A 633 5.50 35.89 -46.69
C PHE A 633 5.26 34.64 -47.55
N VAL A 634 4.75 34.83 -48.77
CA VAL A 634 4.52 33.71 -49.68
C VAL A 634 5.60 33.62 -50.76
N LYS A 645 3.08 24.16 -47.33
CA LYS A 645 1.70 23.99 -47.77
C LYS A 645 0.70 23.89 -46.63
N GLY A 646 1.14 23.32 -45.50
CA GLY A 646 0.33 23.21 -44.29
C GLY A 646 0.02 24.55 -43.64
N VAL A 647 1.01 25.44 -43.68
CA VAL A 647 0.95 26.82 -43.16
C VAL A 647 -0.23 27.60 -43.77
N LEU A 648 -0.38 27.52 -45.09
CA LEU A 648 -1.42 28.22 -45.85
C LEU A 648 -2.84 27.90 -45.35
N GLU A 649 -3.12 26.61 -45.13
CA GLU A 649 -4.41 26.15 -44.64
C GLU A 649 -4.73 26.63 -43.21
N SER A 650 -3.70 26.73 -42.37
CA SER A 650 -3.86 27.21 -40.99
C SER A 650 -4.22 28.69 -40.94
N ILE A 651 -3.58 29.48 -41.82
CA ILE A 651 -3.85 30.93 -41.92
C ILE A 651 -5.31 31.19 -42.31
N SER A 652 -5.84 30.44 -43.29
CA SER A 652 -7.22 30.64 -43.75
C SER A 652 -8.23 30.29 -42.65
N ASP A 653 -8.01 29.17 -41.96
CA ASP A 653 -8.83 28.75 -40.80
C ASP A 653 -8.85 29.80 -39.70
N SER A 654 -7.66 30.27 -39.33
CA SER A 654 -7.49 31.32 -38.32
C SER A 654 -8.23 32.62 -38.63
N LEU A 655 -8.42 32.90 -39.93
CA LEU A 655 -8.91 34.19 -40.40
C LEU A 655 -10.32 34.14 -40.99
N SER A 656 -10.81 32.95 -41.30
CA SER A 656 -12.24 32.74 -41.59
C SER A 656 -12.91 32.06 -40.39
N LYS A 658 -13.57 32.79 -37.19
CA LYS A 658 -13.00 33.86 -36.38
C LYS A 658 -13.98 34.29 -35.28
N PRO A 659 -13.60 34.09 -33.99
CA PRO A 659 -14.56 34.25 -32.87
C PRO A 659 -14.83 35.69 -32.45
N HIS A 660 -16.08 35.99 -32.16
CA HIS A 660 -16.41 37.32 -31.65
C HIS A 660 -16.69 37.30 -30.14
N ASN A 661 -16.89 36.11 -29.57
CA ASN A 661 -17.13 35.93 -28.12
C ASN A 661 -16.62 34.57 -27.63
N PHE A 662 -16.79 34.32 -26.32
CA PHE A 662 -16.37 33.04 -25.74
C PHE A 662 -17.15 31.86 -26.29
N GLU A 663 -18.45 32.07 -26.52
CA GLU A 663 -19.32 31.04 -27.11
C GLU A 663 -18.80 30.49 -28.44
N ASP A 664 -18.26 31.37 -29.28
CA ASP A 664 -17.63 30.94 -30.54
C ASP A 664 -16.40 30.04 -30.33
N CYS A 665 -15.65 30.32 -29.26
CA CYS A 665 -14.49 29.51 -28.87
C CYS A 665 -14.89 28.11 -28.44
N ILE A 666 -15.95 28.03 -27.62
CA ILE A 666 -16.58 26.74 -27.27
C ILE A 666 -16.98 25.95 -28.52
N LYS A 667 -17.71 26.59 -29.43
CA LYS A 667 -18.14 25.95 -30.67
C LYS A 667 -16.94 25.40 -31.46
N TRP A 668 -15.90 26.23 -31.61
CA TRP A 668 -14.66 25.83 -32.30
C TRP A 668 -14.02 24.56 -31.68
N ALA A 669 -13.89 24.56 -30.36
CA ALA A 669 -13.26 23.43 -29.65
C ALA A 669 -14.12 22.17 -29.79
N ARG A 670 -15.45 22.32 -29.66
CA ARG A 670 -16.37 21.21 -29.88
C ARG A 670 -16.19 20.60 -31.27
N LEU A 671 -15.99 21.46 -32.27
CA LEU A 671 -15.79 21.00 -33.64
C LEU A 671 -14.41 20.39 -33.84
N GLU A 672 -13.40 20.93 -33.16
CA GLU A 672 -12.07 20.29 -33.14
C GLU A 672 -12.14 18.88 -32.54
N PHE A 673 -12.87 18.75 -31.42
CA PHE A 673 -13.10 17.44 -30.82
C PHE A 673 -13.60 16.48 -31.89
N GLU A 674 -14.66 16.88 -32.60
CA GLU A 674 -15.26 16.02 -33.62
C GLU A 674 -14.25 15.62 -34.70
N LYS A 675 -13.47 16.60 -35.13
CA LYS A 675 -12.47 16.40 -36.17
C LYS A 675 -11.39 15.41 -35.73
N LYS A 676 -10.82 15.61 -34.54
CA LYS A 676 -9.66 14.83 -34.10
C LYS A 676 -9.99 13.45 -33.60
N PHE A 677 -11.12 13.31 -32.87
CA PHE A 677 -11.40 12.06 -32.14
C PHE A 677 -12.57 11.25 -32.70
N ASN A 678 -13.19 11.80 -33.75
CA ASN A 678 -14.27 11.11 -34.45
C ASN A 678 -13.98 11.01 -35.96
N HIS A 679 -13.93 12.15 -36.66
CA HIS A 679 -13.76 12.16 -38.13
C HIS A 679 -12.45 11.54 -38.63
N ASP A 680 -11.30 11.99 -38.08
CA ASP A 680 -9.98 11.47 -38.46
C ASP A 680 -9.82 9.97 -38.20
N ILE A 681 -10.44 9.50 -37.13
CA ILE A 681 -10.45 8.09 -36.76
C ILE A 681 -11.23 7.26 -37.76
N LYS A 682 -12.44 7.72 -38.11
CA LYS A 682 -13.27 7.11 -39.16
C LYS A 682 -12.53 7.06 -40.50
N GLN A 683 -11.76 8.11 -40.82
CA GLN A 683 -10.93 8.17 -42.02
C GLN A 683 -9.85 7.08 -42.00
N LEU A 684 -9.21 6.91 -40.85
CA LEU A 684 -8.16 5.90 -40.69
C LEU A 684 -8.72 4.48 -40.83
N LEU A 685 -9.92 4.28 -40.29
CA LEU A 685 -10.60 3.00 -40.31
C LEU A 685 -11.21 2.73 -41.69
N PHE A 686 -11.49 3.80 -42.44
CA PHE A 686 -11.87 3.68 -43.84
C PHE A 686 -10.71 3.08 -44.64
N ASN A 687 -9.51 3.61 -44.40
CA ASN A 687 -8.28 3.14 -45.04
C ASN A 687 -7.87 1.75 -44.56
N PHE A 688 -7.99 1.50 -43.26
CA PHE A 688 -7.63 0.20 -42.67
C PHE A 688 -8.73 -0.27 -41.74
N PRO A 689 -9.75 -0.96 -42.29
CA PRO A 689 -10.87 -1.49 -41.50
C PRO A 689 -10.41 -2.38 -40.36
N LYS A 690 -11.19 -2.44 -39.28
CA LYS A 690 -10.86 -3.23 -38.11
C LYS A 690 -10.46 -4.68 -38.45
N ASP A 691 -11.06 -5.21 -39.54
CA ASP A 691 -10.86 -6.58 -39.98
C ASP A 691 -9.72 -6.81 -40.99
N ALA A 692 -9.16 -5.73 -41.55
CA ALA A 692 -8.14 -5.81 -42.61
C ALA A 692 -6.95 -6.70 -42.25
N LYS A 693 -6.38 -7.33 -43.27
CA LYS A 693 -5.23 -8.24 -43.12
C LYS A 693 -4.06 -7.87 -44.04
N THR A 694 -2.84 -8.28 -43.66
CA THR A 694 -1.62 -7.92 -44.39
C THR A 694 -1.42 -8.71 -45.72
N GLY A 697 -0.80 -12.52 -44.57
CA GLY A 697 -1.57 -13.41 -43.70
C GLY A 697 -2.26 -12.77 -42.49
N GLU A 698 -1.45 -12.30 -41.53
CA GLU A 698 -1.91 -11.78 -40.21
C GLU A 698 -2.79 -10.49 -40.26
N PRO A 699 -3.52 -10.17 -39.15
CA PRO A 699 -4.32 -8.93 -39.10
C PRO A 699 -3.48 -7.66 -39.17
N PHE A 700 -4.01 -6.62 -39.83
CA PHE A 700 -3.33 -5.32 -39.90
C PHE A 700 -3.21 -4.71 -38.48
N TRP A 701 -4.31 -4.69 -37.74
CA TRP A 701 -4.38 -4.13 -36.41
C TRP A 701 -3.89 -5.11 -35.35
N SER A 702 -2.58 -5.28 -35.27
CA SER A 702 -1.98 -6.14 -34.25
C SER A 702 -0.66 -5.57 -33.72
N GLY A 703 -0.21 -6.10 -32.59
CA GLY A 703 0.96 -5.59 -31.86
C GLY A 703 0.81 -4.12 -31.55
N ALA A 704 1.74 -3.33 -32.09
CA ALA A 704 1.80 -1.88 -31.92
C ALA A 704 0.61 -1.11 -32.55
N LYS A 705 -0.11 -1.76 -33.47
CA LYS A 705 -1.25 -1.15 -34.13
C LYS A 705 -2.53 -1.59 -33.45
N ARG A 706 -3.21 -0.66 -32.80
CA ARG A 706 -4.42 -0.95 -32.03
C ARG A 706 -5.60 -0.31 -32.74
N ALA A 707 -6.58 -1.14 -33.11
CA ALA A 707 -7.76 -0.71 -33.87
C ALA A 707 -8.57 0.34 -33.08
N PRO A 708 -8.56 1.61 -33.54
CA PRO A 708 -9.26 2.63 -32.76
C PRO A 708 -10.79 2.64 -32.93
N THR A 709 -11.45 3.31 -31.99
CA THR A 709 -12.89 3.52 -32.04
C THR A 709 -13.13 5.02 -31.94
N PRO A 710 -13.95 5.58 -32.86
CA PRO A 710 -14.32 7.00 -32.82
C PRO A 710 -15.02 7.37 -31.51
N LEU A 711 -14.70 8.55 -30.97
CA LEU A 711 -15.37 9.05 -29.78
C LEU A 711 -16.69 9.72 -30.10
N GLU A 712 -17.70 9.43 -29.28
CA GLU A 712 -18.96 10.14 -29.28
C GLU A 712 -18.90 11.09 -28.09
N PHE A 713 -18.89 12.39 -28.39
CA PHE A 713 -18.74 13.44 -27.38
C PHE A 713 -19.75 13.30 -26.24
N ASP A 714 -19.21 13.21 -25.03
CA ASP A 714 -19.99 13.05 -23.83
C ASP A 714 -19.41 14.01 -22.81
N ILE A 715 -20.10 15.13 -22.60
CA ILE A 715 -19.64 16.20 -21.70
C ILE A 715 -19.44 15.76 -20.22
N TYR A 716 -20.03 14.62 -19.85
CA TYR A 716 -19.83 14.02 -18.53
C TYR A 716 -18.53 13.24 -18.45
N ASN A 717 -17.91 13.00 -19.60
CA ASN A 717 -16.57 12.47 -19.57
C ASN A 717 -15.60 13.63 -19.35
N ASN A 718 -14.85 13.53 -18.25
CA ASN A 718 -13.90 14.57 -17.81
C ASN A 718 -12.91 15.00 -18.90
N ASP A 719 -12.37 14.05 -19.68
CA ASP A 719 -11.45 14.40 -20.75
C ASP A 719 -12.11 15.16 -21.91
N HIS A 720 -13.33 14.75 -22.29
CA HIS A 720 -14.13 15.39 -23.34
C HIS A 720 -14.44 16.83 -22.93
N PHE A 721 -14.89 16.98 -21.68
CA PHE A 721 -15.25 18.28 -21.11
C PHE A 721 -14.06 19.23 -21.05
N HIS A 722 -12.93 18.76 -20.54
CA HIS A 722 -11.75 19.61 -20.37
C HIS A 722 -11.02 19.93 -21.69
N PHE A 723 -11.18 19.07 -22.70
CA PHE A 723 -10.66 19.38 -24.03
C PHE A 723 -11.31 20.67 -24.54
N VAL A 724 -12.64 20.74 -24.44
CA VAL A 724 -13.43 21.89 -24.86
C VAL A 724 -13.16 23.12 -23.99
N VAL A 725 -13.21 22.95 -22.66
CA VAL A 725 -12.95 24.07 -21.73
C VAL A 725 -11.59 24.71 -22.06
N ALA A 726 -10.54 23.89 -22.06
CA ALA A 726 -9.17 24.37 -22.27
C ALA A 726 -8.94 24.85 -23.71
N GLY A 727 -9.47 24.13 -24.69
CA GLY A 727 -9.36 24.53 -26.10
C GLY A 727 -10.03 25.87 -26.35
N ALA A 728 -11.22 26.06 -25.79
CA ALA A 728 -11.94 27.32 -25.91
C ALA A 728 -11.21 28.45 -25.21
N SER A 729 -10.66 28.16 -24.03
CA SER A 729 -10.02 29.19 -23.21
C SER A 729 -8.73 29.66 -23.86
N LEU A 730 -8.06 28.72 -24.51
CA LEU A 730 -6.83 29.00 -25.25
C LEU A 730 -7.09 29.73 -26.57
N ARG A 731 -8.13 29.33 -27.30
CA ARG A 731 -8.54 30.07 -28.50
C ARG A 731 -8.93 31.50 -28.14
N ALA A 732 -9.70 31.66 -27.04
CA ALA A 732 -10.07 33.00 -26.54
C ALA A 732 -8.85 33.87 -26.23
N TYR A 733 -7.82 33.26 -25.66
CA TYR A 733 -6.55 33.95 -25.41
C TYR A 733 -5.90 34.41 -26.73
N ASN A 734 -5.83 33.53 -27.73
CA ASN A 734 -5.29 33.88 -29.06
C ASN A 734 -5.93 35.16 -29.63
N TYR A 735 -7.26 35.27 -29.50
CA TYR A 735 -8.04 36.37 -30.09
C TYR A 735 -8.42 37.49 -29.13
N GLY A 736 -7.79 37.53 -27.96
CA GLY A 736 -8.07 38.57 -26.95
C GLY A 736 -9.50 38.57 -26.38
N ILE A 737 -10.14 37.41 -26.33
CA ILE A 737 -11.50 37.27 -25.73
C ILE A 737 -11.38 36.88 -24.25
N LYS A 738 -12.05 37.64 -23.38
CA LYS A 738 -12.06 37.39 -21.93
C LYS A 738 -12.57 35.97 -21.61
N SER A 739 -11.79 35.27 -20.79
CA SER A 739 -12.03 33.87 -20.42
C SER A 739 -12.66 33.79 -19.01
N ASP A 740 -12.28 32.75 -18.24
CA ASP A 740 -12.46 32.68 -16.78
C ASP A 740 -13.89 32.96 -16.30
N LYS A 745 -14.31 27.33 -11.08
CA LYS A 745 -14.30 26.13 -11.91
C LYS A 745 -15.28 26.23 -13.09
N PRO A 746 -14.99 25.53 -14.22
CA PRO A 746 -15.97 25.45 -15.32
C PRO A 746 -17.21 24.60 -14.99
N ASN A 747 -18.36 25.06 -15.45
CA ASN A 747 -19.66 24.44 -15.17
C ASN A 747 -20.12 23.67 -16.42
N VAL A 748 -20.41 22.37 -16.25
CA VAL A 748 -20.93 21.53 -17.35
C VAL A 748 -22.18 22.10 -18.05
N ASP A 749 -23.15 22.57 -17.27
CA ASP A 749 -24.42 23.03 -17.84
C ASP A 749 -24.30 24.30 -18.69
N GLU A 750 -23.39 25.19 -18.27
CA GLU A 750 -23.07 26.42 -19.03
C GLU A 750 -22.52 26.08 -20.43
N TYR A 751 -21.62 25.10 -20.50
CA TYR A 751 -21.03 24.62 -21.75
C TYR A 751 -22.05 23.86 -22.59
N LYS A 752 -22.94 23.13 -21.91
CA LYS A 752 -24.05 22.43 -22.55
C LYS A 752 -24.98 23.41 -23.27
N SER A 753 -25.26 24.55 -22.63
CA SER A 753 -26.14 25.59 -23.22
C SER A 753 -25.60 26.23 -24.52
N VAL A 754 -24.34 25.94 -24.85
CA VAL A 754 -23.76 26.27 -26.16
C VAL A 754 -23.79 25.04 -27.06
N ILE A 755 -23.17 23.95 -26.61
CA ILE A 755 -22.99 22.73 -27.41
C ILE A 755 -24.31 22.05 -27.85
N ASP A 756 -25.33 22.06 -26.99
CA ASP A 756 -26.62 21.41 -27.31
C ASP A 756 -27.31 21.98 -28.54
N HIS A 757 -26.99 23.23 -28.86
CA HIS A 757 -27.65 23.90 -30.00
C HIS A 757 -26.88 23.78 -31.31
N MET A 758 -25.71 23.14 -31.26
CA MET A 758 -24.83 23.02 -32.42
C MET A 758 -25.25 21.93 -33.37
N ILE A 759 -25.10 22.20 -34.66
CA ILE A 759 -25.18 21.15 -35.68
C ILE A 759 -23.76 20.64 -35.93
N ILE A 760 -23.57 19.34 -35.70
CA ILE A 760 -22.29 18.69 -35.89
C ILE A 760 -22.26 18.06 -37.28
N PRO A 761 -21.37 18.54 -38.18
CA PRO A 761 -21.26 17.96 -39.53
C PRO A 761 -20.99 16.44 -39.51
N GLU A 762 -21.68 15.71 -40.38
CA GLU A 762 -21.45 14.27 -40.53
C GLU A 762 -20.08 13.98 -41.15
N PHE A 763 -19.55 12.79 -40.86
CA PHE A 763 -18.32 12.34 -41.49
C PHE A 763 -18.54 11.94 -42.94
N THR A 764 -17.72 12.51 -43.82
CA THR A 764 -17.66 12.01 -45.19
C THR A 764 -16.21 11.61 -45.59
N PRO A 765 -16.01 10.32 -45.97
CA PRO A 765 -14.67 9.80 -46.26
C PRO A 765 -14.03 10.36 -47.53
N ASN A 766 -12.75 10.68 -47.41
CA ASN A 766 -11.91 11.09 -48.53
C ASN A 766 -11.32 9.81 -49.10
N ALA A 767 -11.76 9.45 -50.31
CA ALA A 767 -11.29 8.24 -50.99
C ALA A 767 -9.84 8.36 -51.49
N ASN A 768 -9.38 9.60 -51.73
CA ASN A 768 -8.08 9.85 -52.35
C ASN A 768 -6.95 10.19 -51.35
N LEU A 769 -7.12 9.77 -50.09
CA LEU A 769 -6.12 10.00 -49.02
C LEU A 769 -5.29 8.75 -48.73
N LYS A 770 -3.98 8.85 -49.00
CA LYS A 770 -3.03 7.81 -48.64
C LYS A 770 -2.54 8.01 -47.21
N ILE A 771 -2.49 6.92 -46.46
CA ILE A 771 -1.96 6.94 -45.10
C ILE A 771 -0.71 6.05 -45.02
N GLN A 772 0.40 6.70 -44.64
CA GLN A 772 1.69 6.05 -44.47
C GLN A 772 1.68 5.03 -43.33
N VAL A 773 2.08 3.80 -43.65
CA VAL A 773 2.08 2.70 -42.70
C VAL A 773 3.37 2.68 -41.89
N ASN A 774 4.52 2.81 -42.56
CA ASN A 774 5.83 2.77 -41.90
C ASN A 774 6.69 3.99 -42.23
N ASP A 775 7.48 4.43 -41.26
CA ASP A 775 8.34 5.60 -41.40
C ASP A 775 9.56 5.29 -42.28
N LEU A 794 -6.92 28.14 -53.12
CA LEU A 794 -5.68 27.45 -52.73
C LEU A 794 -4.74 28.39 -51.96
N VAL A 795 -4.28 29.46 -52.63
CA VAL A 795 -3.34 30.43 -52.07
C VAL A 795 -4.00 31.80 -52.03
N SER A 796 -4.77 32.11 -53.06
CA SER A 796 -5.48 33.39 -53.17
C SER A 796 -6.84 33.39 -52.44
N SER A 797 -7.11 32.29 -51.73
CA SER A 797 -8.26 32.18 -50.82
C SER A 797 -8.07 33.05 -49.57
N LEU A 798 -6.81 33.28 -49.20
CA LEU A 798 -6.43 34.07 -48.03
C LEU A 798 -6.88 35.54 -48.15
N PRO A 799 -7.38 36.13 -47.05
CA PRO A 799 -7.88 37.50 -47.15
C PRO A 799 -6.76 38.54 -47.25
N ASP A 800 -7.05 39.67 -47.89
CA ASP A 800 -6.10 40.77 -48.04
C ASP A 800 -5.74 41.42 -46.72
N PRO A 801 -4.43 41.43 -46.36
CA PRO A 801 -3.95 42.09 -45.13
C PRO A 801 -4.39 43.56 -44.96
N SER A 802 -4.83 44.17 -46.06
CA SER A 802 -5.39 45.52 -46.07
C SER A 802 -6.67 45.60 -45.24
N THR A 803 -7.54 44.61 -45.42
CA THR A 803 -8.86 44.54 -44.75
C THR A 803 -8.79 44.19 -43.26
N LEU A 804 -7.60 43.80 -42.78
CA LEU A 804 -7.41 43.36 -41.40
C LEU A 804 -6.29 44.11 -40.69
N ALA A 805 -6.19 45.42 -40.94
CA ALA A 805 -5.15 46.26 -40.34
C ALA A 805 -5.39 46.46 -38.85
N GLY A 806 -4.31 46.40 -38.06
CA GLY A 806 -4.39 46.46 -36.59
C GLY A 806 -4.68 45.13 -35.90
N PHE A 807 -5.14 44.13 -36.66
CA PHE A 807 -5.46 42.81 -36.14
C PHE A 807 -4.19 42.00 -35.86
N LYS A 808 -4.16 41.35 -34.69
CA LYS A 808 -3.00 40.57 -34.23
C LYS A 808 -3.48 39.44 -33.33
N LEU A 809 -2.85 38.28 -33.46
CA LEU A 809 -3.11 37.16 -32.58
C LEU A 809 -2.08 37.09 -31.47
N GLU A 810 -2.53 36.68 -30.28
CA GLU A 810 -1.62 36.55 -29.14
C GLU A 810 -1.14 35.10 -29.00
N PRO A 811 0.13 34.81 -29.36
CA PRO A 811 0.60 33.42 -29.34
C PRO A 811 0.81 32.96 -27.90
N VAL A 812 0.53 31.69 -27.65
CA VAL A 812 0.70 31.11 -26.33
C VAL A 812 2.17 30.70 -26.18
N ASP A 813 2.75 31.05 -25.03
CA ASP A 813 4.06 30.55 -24.62
C ASP A 813 3.88 29.45 -23.56
N PHE A 814 4.17 28.22 -23.96
CA PHE A 814 4.00 27.04 -23.09
C PHE A 814 4.58 27.24 -21.70
N GLU A 815 3.74 27.12 -20.69
CA GLU A 815 4.13 27.32 -19.30
C GLU A 815 3.57 26.20 -18.40
N LYS A 816 4.39 25.17 -18.19
CA LYS A 816 4.01 23.94 -17.46
C LYS A 816 3.72 24.12 -15.98
N ASP A 817 4.30 25.16 -15.36
CA ASP A 817 4.23 25.36 -13.92
C ASP A 817 3.21 26.43 -13.49
N ASP A 818 2.26 26.77 -14.37
CA ASP A 818 1.13 27.64 -13.98
C ASP A 818 -0.17 26.89 -14.21
N ASP A 819 -0.75 26.38 -13.13
CA ASP A 819 -1.91 25.49 -13.21
C ASP A 819 -3.24 26.21 -13.51
N THR A 820 -3.20 27.53 -13.68
CA THR A 820 -4.39 28.30 -14.05
C THR A 820 -4.47 28.66 -15.55
N ASN A 821 -3.40 28.42 -16.32
CA ASN A 821 -3.34 28.89 -17.72
C ASN A 821 -3.98 27.94 -18.75
N HIS A 822 -4.52 26.80 -18.29
CA HIS A 822 -5.13 25.78 -19.18
C HIS A 822 -4.17 24.92 -20.03
N HIS A 823 -2.85 25.14 -19.92
CA HIS A 823 -1.86 24.47 -20.80
C HIS A 823 -1.81 22.94 -20.59
N ILE A 824 -1.45 22.54 -19.36
CA ILE A 824 -1.46 21.13 -18.96
C ILE A 824 -2.89 20.55 -19.03
N GLU A 825 -3.89 21.33 -18.62
CA GLU A 825 -5.29 20.95 -18.78
C GLU A 825 -5.63 20.52 -20.24
N PHE A 826 -5.18 21.31 -21.21
CA PHE A 826 -5.44 20.97 -22.61
C PHE A 826 -4.68 19.73 -23.07
N ILE A 827 -3.38 19.69 -22.76
CA ILE A 827 -2.53 18.59 -23.20
C ILE A 827 -3.01 17.27 -22.58
N THR A 828 -3.33 17.28 -21.28
CA THR A 828 -3.90 16.11 -20.60
C THR A 828 -5.22 15.64 -21.25
N ALA A 829 -6.18 16.56 -21.43
CA ALA A 829 -7.49 16.20 -21.98
C ALA A 829 -7.37 15.70 -23.41
N CYS A 830 -6.58 16.42 -24.20
CA CYS A 830 -6.34 16.09 -25.60
C CYS A 830 -5.67 14.72 -25.76
N SER A 831 -4.64 14.48 -24.95
CA SER A 831 -3.94 13.19 -24.94
C SER A 831 -4.90 12.09 -24.54
N ASN A 832 -5.71 12.36 -23.53
CA ASN A 832 -6.60 11.35 -22.97
C ASN A 832 -7.70 10.94 -23.92
N CYS A 833 -8.19 11.87 -24.74
CA CYS A 833 -9.22 11.55 -25.74
C CYS A 833 -8.65 10.62 -26.82
N ARG A 834 -7.41 10.87 -27.23
CA ARG A 834 -6.73 9.99 -28.17
C ARG A 834 -6.38 8.66 -27.53
N ALA A 835 -5.99 8.68 -26.25
CA ALA A 835 -5.81 7.45 -25.47
C ALA A 835 -7.11 6.65 -25.45
N GLN A 836 -8.24 7.36 -25.32
CA GLN A 836 -9.58 6.73 -25.43
C GLN A 836 -9.82 6.10 -26.80
N ASN A 837 -9.45 6.82 -27.87
CA ASN A 837 -9.56 6.28 -29.24
C ASN A 837 -8.91 4.90 -29.38
N TYR A 838 -7.70 4.77 -28.84
CA TYR A 838 -6.84 3.61 -29.07
C TYR A 838 -6.77 2.63 -27.89
N PHE A 839 -7.69 2.78 -26.92
CA PHE A 839 -7.79 1.91 -25.74
C PHE A 839 -6.46 1.85 -24.99
N ILE A 840 -5.87 3.02 -24.81
CA ILE A 840 -4.70 3.24 -23.99
C ILE A 840 -5.25 3.81 -22.69
N GLU A 841 -4.73 3.32 -21.57
CA GLU A 841 -5.08 3.85 -20.25
C GLU A 841 -4.74 5.35 -20.17
N THR A 842 -5.74 6.14 -19.75
CA THR A 842 -5.57 7.59 -19.59
C THR A 842 -4.63 7.95 -18.43
N ALA A 843 -3.96 9.09 -18.54
CA ALA A 843 -3.11 9.60 -17.47
C ALA A 843 -3.67 10.88 -16.83
N ASP A 844 -3.28 11.13 -15.59
CA ASP A 844 -3.69 12.37 -14.93
C ASP A 844 -2.74 13.53 -15.29
N ARG A 845 -3.02 14.69 -14.71
CA ARG A 845 -2.32 15.92 -14.98
C ARG A 845 -0.86 15.87 -14.57
N GLN A 846 -0.58 15.23 -13.43
CA GLN A 846 0.79 15.11 -12.91
C GLN A 846 1.68 14.32 -13.87
N LYS A 847 1.20 13.17 -14.35
CA LYS A 847 1.96 12.35 -15.29
C LYS A 847 2.14 13.09 -16.63
N THR A 848 1.05 13.64 -17.16
CA THR A 848 1.12 14.40 -18.42
C THR A 848 2.16 15.54 -18.35
N LYS A 849 2.15 16.28 -17.24
CA LYS A 849 3.07 17.40 -17.00
C LYS A 849 4.52 16.93 -16.99
N PHE A 850 4.75 15.75 -16.39
CA PHE A 850 6.06 15.11 -16.34
C PHE A 850 6.62 14.91 -17.74
N ILE A 851 5.82 14.30 -18.61
CA ILE A 851 6.23 13.94 -19.95
C ILE A 851 6.26 15.18 -20.89
N ALA A 852 5.15 15.92 -20.95
CA ALA A 852 5.03 17.11 -21.81
C ALA A 852 5.97 18.25 -21.39
N GLY A 853 6.18 18.39 -20.08
CA GLY A 853 7.08 19.40 -19.51
C GLY A 853 8.55 19.03 -19.51
N ARG A 854 8.86 17.77 -19.78
CA ARG A 854 10.22 17.23 -19.81
C ARG A 854 10.95 17.47 -18.47
N ILE A 855 10.21 17.27 -17.38
CA ILE A 855 10.69 17.53 -16.02
C ILE A 855 11.65 16.42 -15.57
N ILE A 856 12.81 16.86 -15.09
CA ILE A 856 13.82 16.02 -14.46
C ILE A 856 13.45 15.80 -12.98
N PRO A 857 13.21 14.53 -12.57
CA PRO A 857 13.00 14.27 -11.14
C PRO A 857 14.22 14.71 -10.34
N ALA A 858 13.98 15.29 -9.18
CA ALA A 858 15.02 15.95 -8.42
C ALA A 858 14.63 16.04 -6.95
N ILE A 859 15.61 15.86 -6.07
CA ILE A 859 15.39 15.84 -4.61
C ILE A 859 16.69 16.35 -3.97
N ALA A 860 16.56 17.02 -2.83
CA ALA A 860 17.70 17.63 -2.13
C ALA A 860 18.74 16.62 -1.61
N THR A 861 18.29 15.41 -1.24
CA THR A 861 19.18 14.38 -0.68
C THR A 861 20.33 14.04 -1.63
N THR A 862 20.00 13.66 -2.88
CA THR A 862 21.00 13.31 -3.89
C THR A 862 21.89 14.51 -4.25
N THR A 863 21.26 15.68 -4.38
CA THR A 863 21.97 16.94 -4.67
C THR A 863 23.05 17.27 -3.65
N SER A 864 22.71 17.18 -2.37
CA SER A 864 23.69 17.50 -1.33
C SER A 864 24.80 16.45 -1.27
N LEU A 865 24.43 15.19 -1.45
CA LEU A 865 25.41 14.08 -1.50
C LEU A 865 26.43 14.22 -2.66
N VAL A 866 25.97 14.47 -3.90
CA VAL A 866 26.92 14.53 -5.02
C VAL A 866 27.83 15.76 -4.93
N THR A 867 27.27 16.86 -4.39
CA THR A 867 28.00 18.10 -4.16
C THR A 867 29.10 17.88 -3.13
N GLY A 868 28.79 17.09 -2.10
CA GLY A 868 29.80 16.68 -1.12
C GLY A 868 30.97 15.97 -1.79
N LEU A 869 30.63 14.99 -2.63
CA LEU A 869 31.65 14.25 -3.39
C LEU A 869 32.52 15.14 -4.28
N VAL A 870 31.90 16.15 -4.92
CA VAL A 870 32.61 17.14 -5.73
C VAL A 870 33.65 17.92 -4.91
N ASN A 871 33.27 18.27 -3.68
CA ASN A 871 34.13 19.04 -2.82
C ASN A 871 35.28 18.22 -2.25
N LEU A 872 35.11 16.91 -2.19
CA LEU A 872 36.21 16.02 -1.79
C LEU A 872 37.25 15.85 -2.91
N GLU A 873 36.80 15.96 -4.16
CA GLU A 873 37.70 16.01 -5.32
C GLU A 873 38.39 17.35 -5.42
N LEU A 874 37.66 18.42 -5.08
CA LEU A 874 38.18 19.78 -5.21
C LEU A 874 39.49 19.99 -4.44
N TYR A 875 39.58 19.40 -3.25
CA TYR A 875 40.81 19.35 -2.46
C TYR A 875 42.01 18.86 -3.27
N LYS A 876 41.78 17.92 -4.18
CA LYS A 876 42.87 17.34 -4.98
C LYS A 876 43.35 18.37 -6.02
N LEU A 877 42.42 19.13 -6.59
CA LEU A 877 42.75 20.25 -7.48
C LEU A 877 43.58 21.30 -6.78
N ILE A 878 43.26 21.58 -5.52
CA ILE A 878 44.00 22.56 -4.73
C ILE A 878 45.47 22.14 -4.57
N ASP A 879 45.69 20.84 -4.33
CA ASP A 879 47.04 20.28 -4.23
C ASP A 879 47.72 19.97 -5.59
N ASN A 880 47.06 20.31 -6.70
CA ASN A 880 47.58 20.07 -8.06
C ASN A 880 48.04 18.63 -8.34
N LYS A 881 47.25 17.67 -7.85
CA LYS A 881 47.61 16.25 -7.98
C LYS A 881 47.71 15.86 -9.45
N THR A 882 48.81 15.19 -9.79
CA THR A 882 49.12 14.78 -11.16
C THR A 882 49.06 13.24 -11.29
N ASP A 883 48.87 12.56 -10.16
CA ASP A 883 48.65 11.12 -10.14
C ASP A 883 47.15 10.86 -10.33
N ILE A 884 46.80 10.41 -11.54
CA ILE A 884 45.43 10.06 -11.93
C ILE A 884 44.72 9.09 -10.96
N GLU A 885 45.47 8.24 -10.26
CA GLU A 885 44.94 7.22 -9.35
C GLU A 885 44.42 7.81 -8.02
N GLN A 886 44.68 9.10 -7.78
CA GLN A 886 44.20 9.78 -6.57
C GLN A 886 42.80 10.32 -6.75
N TYR A 887 42.42 10.58 -8.01
CA TYR A 887 41.12 11.14 -8.34
C TYR A 887 40.04 10.04 -8.44
N LYS A 888 38.81 10.42 -8.12
CA LYS A 888 37.66 9.49 -8.14
C LYS A 888 36.45 10.13 -8.82
N ASN A 889 36.02 9.52 -9.92
CA ASN A 889 34.71 9.81 -10.50
C ASN A 889 33.73 9.00 -9.68
N GLY A 890 32.59 9.60 -9.31
CA GLY A 890 31.61 8.94 -8.45
C GLY A 890 30.30 8.60 -9.16
N PHE A 891 29.65 7.55 -8.70
CA PHE A 891 28.40 7.07 -9.28
C PHE A 891 27.53 6.57 -8.14
N VAL A 892 26.32 7.10 -8.04
CA VAL A 892 25.44 6.75 -6.91
C VAL A 892 24.00 6.48 -7.38
N ASN A 893 23.35 5.59 -6.65
CA ASN A 893 21.89 5.49 -6.62
C ASN A 893 21.45 5.23 -5.18
N LEU A 894 20.88 6.27 -4.57
CA LEU A 894 20.44 6.20 -3.18
C LEU A 894 19.27 5.23 -2.97
N ALA A 895 18.54 4.89 -4.03
CA ALA A 895 17.42 3.94 -3.91
C ALA A 895 17.88 2.53 -3.47
N LEU A 896 19.10 2.14 -3.84
CA LEU A 896 19.53 0.72 -3.69
C LEU A 896 19.99 0.26 -2.29
N PRO A 897 20.86 0.97 -1.55
CA PRO A 897 21.67 2.10 -2.00
C PRO A 897 23.00 1.63 -2.62
N PHE A 898 23.46 2.34 -3.66
CA PHE A 898 24.70 1.98 -4.30
C PHE A 898 25.64 3.16 -4.40
N PHE A 899 26.89 2.91 -4.03
CA PHE A 899 27.97 3.88 -4.14
C PHE A 899 29.13 3.21 -4.85
N GLY A 900 29.65 3.86 -5.88
CA GLY A 900 30.78 3.32 -6.61
C GLY A 900 31.67 4.42 -7.14
N PHE A 901 32.97 4.17 -7.19
CA PHE A 901 33.96 5.13 -7.67
C PHE A 901 34.91 4.49 -8.66
N SER A 902 35.39 5.30 -9.60
CA SER A 902 36.40 4.86 -10.54
C SER A 902 37.36 5.98 -10.82
N GLU A 903 38.64 5.61 -10.87
CA GLU A 903 39.71 6.47 -11.37
C GLU A 903 39.36 7.00 -12.78
N PRO A 904 39.60 8.29 -13.03
CA PRO A 904 39.32 8.83 -14.39
C PRO A 904 40.20 8.17 -15.47
N ILE A 905 39.69 8.14 -16.69
CA ILE A 905 40.39 7.65 -17.87
C ILE A 905 41.45 8.67 -18.27
N ALA A 906 42.70 8.21 -18.43
CA ALA A 906 43.80 9.02 -18.99
C ALA A 906 43.46 9.51 -20.39
N SER A 907 43.92 10.71 -20.71
CA SER A 907 43.74 11.28 -22.06
C SER A 907 44.44 10.38 -23.10
N PRO A 908 43.70 9.89 -24.13
CA PRO A 908 44.34 9.11 -25.19
C PRO A 908 45.45 9.90 -25.88
N LYS A 909 46.59 9.23 -26.06
CA LYS A 909 47.75 9.80 -26.75
C LYS A 909 47.81 9.33 -28.20
N GLY A 910 48.39 10.16 -29.07
CA GLY A 910 48.54 9.82 -30.50
C GLY A 910 49.92 10.12 -31.03
N GLU A 911 50.17 9.78 -32.30
CA GLU A 911 51.43 10.13 -32.95
C GLU A 911 51.27 10.50 -34.43
N TYR A 912 52.10 11.43 -34.89
CA TYR A 912 52.31 11.69 -36.31
C TYR A 912 53.79 11.92 -36.52
N ASN A 913 54.36 11.30 -37.54
CA ASN A 913 55.82 11.34 -37.83
C ASN A 913 56.68 11.08 -36.57
N ASN A 914 56.28 10.08 -35.78
CA ASN A 914 56.89 9.72 -34.49
C ASN A 914 56.85 10.82 -33.37
N LYS A 915 56.16 11.93 -33.62
CA LYS A 915 55.92 12.98 -32.58
C LYS A 915 54.65 12.62 -31.83
N LYS A 916 54.77 12.46 -30.52
CA LYS A 916 53.64 12.16 -29.65
C LYS A 916 52.85 13.42 -29.26
N TYR A 917 51.55 13.24 -29.07
CA TYR A 917 50.69 14.36 -28.66
C TYR A 917 49.50 13.85 -27.87
N ASP A 918 48.90 14.76 -27.12
CA ASP A 918 47.68 14.49 -26.38
C ASP A 918 46.48 14.82 -27.26
N LYS A 919 45.68 13.79 -27.55
CA LYS A 919 44.49 13.89 -28.40
C LYS A 919 43.36 14.78 -27.82
N ILE A 920 43.35 14.98 -26.51
CA ILE A 920 42.38 15.91 -25.93
C ILE A 920 42.96 17.30 -25.72
N TRP A 921 44.18 17.36 -25.18
CA TRP A 921 44.73 18.62 -24.66
C TRP A 921 45.63 19.42 -25.61
N ASP A 922 46.34 18.74 -26.51
CA ASP A 922 47.23 19.45 -27.44
C ASP A 922 46.47 20.09 -28.60
N ARG A 923 47.09 21.13 -29.16
CA ARG A 923 46.59 21.82 -30.35
C ARG A 923 47.76 22.52 -31.04
N PHE A 924 47.56 22.96 -32.29
CA PHE A 924 48.56 23.76 -33.01
C PHE A 924 48.20 25.20 -32.85
N ASP A 925 49.03 25.92 -32.10
CA ASP A 925 48.85 27.35 -31.89
C ASP A 925 49.59 28.06 -33.00
N ILE A 926 48.90 28.96 -33.69
CA ILE A 926 49.45 29.71 -34.81
C ILE A 926 49.26 31.20 -34.51
N LYS A 927 50.37 31.93 -34.50
CA LYS A 927 50.36 33.38 -34.23
C LYS A 927 50.06 34.19 -35.50
N GLY A 928 49.11 35.11 -35.38
CA GLY A 928 48.79 36.07 -36.44
C GLY A 928 47.81 35.54 -37.47
N ASP A 929 47.15 36.46 -38.17
CA ASP A 929 46.22 36.16 -39.25
C ASP A 929 46.99 35.67 -40.49
N ILE A 930 47.41 34.41 -40.43
CA ILE A 930 48.29 33.76 -41.41
C ILE A 930 47.62 33.58 -42.77
N LYS A 931 48.39 33.68 -43.85
CA LYS A 931 47.91 33.36 -45.19
C LYS A 931 47.90 31.85 -45.36
N LEU A 932 46.86 31.36 -46.04
CA LEU A 932 46.66 29.93 -46.30
C LEU A 932 47.93 29.19 -46.76
N SER A 933 48.61 29.74 -47.76
CA SER A 933 49.85 29.15 -48.31
C SER A 933 50.92 29.02 -47.25
N ASP A 934 51.08 30.07 -46.44
CA ASP A 934 52.03 30.08 -45.31
C ASP A 934 51.66 29.00 -44.27
N LEU A 935 50.36 28.87 -44.00
CA LEU A 935 49.85 27.84 -43.08
C LEU A 935 50.18 26.45 -43.60
N ILE A 936 49.94 26.23 -44.89
CA ILE A 936 50.29 24.97 -45.56
C ILE A 936 51.80 24.75 -45.49
N GLU A 937 52.57 25.82 -45.78
CA GLU A 937 54.06 25.78 -45.71
C GLU A 937 54.57 25.44 -44.31
N HIS A 938 54.04 26.15 -43.30
CA HIS A 938 54.37 25.91 -41.88
C HIS A 938 54.18 24.45 -41.47
N PHE A 939 53.07 23.82 -41.87
CA PHE A 939 52.80 22.42 -41.52
C PHE A 939 53.70 21.38 -42.20
N GLU A 940 54.10 21.67 -43.43
CA GLU A 940 55.07 20.83 -44.14
C GLU A 940 56.44 20.97 -43.48
N LYS A 941 56.89 22.21 -43.26
CA LYS A 941 58.23 22.49 -42.72
C LYS A 941 58.41 22.10 -41.24
N ASP A 942 57.49 22.53 -40.37
CA ASP A 942 57.59 22.30 -38.91
C ASP A 942 57.04 20.95 -38.42
N GLU A 943 55.97 20.46 -39.05
CA GLU A 943 55.28 19.27 -38.54
C GLU A 943 55.43 18.04 -39.44
N GLY A 944 55.77 18.27 -40.70
CA GLY A 944 55.87 17.19 -41.69
C GLY A 944 54.49 16.69 -42.04
N LEU A 945 53.55 17.62 -42.16
CA LEU A 945 52.16 17.30 -42.45
C LEU A 945 51.71 18.04 -43.69
N GLU A 946 51.15 17.29 -44.64
CA GLU A 946 50.51 17.90 -45.81
C GLU A 946 49.03 18.09 -45.47
N ILE A 947 48.59 19.34 -45.38
CA ILE A 947 47.19 19.63 -45.11
C ILE A 947 46.36 19.18 -46.30
N THR A 948 45.47 18.22 -46.06
CA THR A 948 44.53 17.71 -47.08
C THR A 948 43.16 18.37 -47.00
N MET A 949 42.79 18.92 -45.84
CA MET A 949 41.50 19.59 -45.65
C MET A 949 41.58 20.61 -44.52
N LEU A 950 40.92 21.75 -44.72
CA LEU A 950 40.89 22.83 -43.74
C LEU A 950 39.50 23.39 -43.63
N SER A 951 38.97 23.39 -42.41
CA SER A 951 37.60 23.88 -42.17
C SER A 951 37.46 24.80 -40.96
N TYR A 952 36.48 25.70 -41.05
CA TYR A 952 36.08 26.60 -39.97
C TYR A 952 34.59 26.46 -39.72
N GLY A 953 34.25 25.75 -38.64
CA GLY A 953 32.86 25.41 -38.34
C GLY A 953 32.29 24.44 -39.37
N VAL A 954 31.26 24.91 -40.06
CA VAL A 954 30.57 24.12 -41.10
C VAL A 954 31.12 24.50 -42.50
N SER A 955 32.04 25.46 -42.54
CA SER A 955 32.61 25.96 -43.79
C SER A 955 33.92 25.25 -44.17
N LEU A 956 33.96 24.70 -45.39
CA LEU A 956 35.19 24.14 -45.94
C LEU A 956 36.01 25.27 -46.60
N LEU A 957 37.28 25.35 -46.23
CA LEU A 957 38.15 26.48 -46.63
C LEU A 957 39.23 26.10 -47.62
N TYR A 958 39.67 24.85 -47.55
CA TYR A 958 40.74 24.35 -48.38
C TYR A 958 40.67 22.84 -48.42
N ALA A 959 40.99 22.28 -49.58
CA ALA A 959 41.19 20.85 -49.74
C ALA A 959 42.26 20.63 -50.79
N SER A 960 43.01 19.54 -50.64
CA SER A 960 44.11 19.22 -51.54
C SER A 960 43.63 18.76 -52.93
N PHE A 961 42.33 18.49 -53.06
CA PHE A 961 41.72 18.12 -54.34
C PHE A 961 41.13 19.31 -55.11
N PHE A 962 41.22 20.52 -54.52
CA PHE A 962 40.70 21.75 -55.14
C PHE A 962 41.42 22.03 -56.47
N PRO A 963 40.70 22.61 -57.48
CA PRO A 963 41.32 22.95 -58.77
C PRO A 963 42.00 24.33 -58.79
N PRO A 964 43.09 24.51 -59.60
CA PRO A 964 43.89 25.75 -59.69
C PRO A 964 43.15 27.08 -59.64
N LYS A 965 41.95 27.14 -60.23
CA LYS A 965 41.15 28.37 -60.26
C LYS A 965 40.62 28.76 -58.88
N LYS A 966 40.13 27.78 -58.12
CA LYS A 966 39.67 27.98 -56.74
C LYS A 966 40.85 28.28 -55.81
N LEU A 967 41.93 27.52 -55.97
CA LEU A 967 43.19 27.71 -55.23
C LEU A 967 43.82 29.10 -55.38
N LYS A 968 43.72 29.69 -56.57
CA LYS A 968 44.25 31.04 -56.84
C LYS A 968 43.50 32.13 -56.08
N GLU A 969 42.18 32.04 -56.03
CA GLU A 969 41.35 32.97 -55.25
C GLU A 969 41.45 32.74 -53.72
N ARG A 970 42.20 31.71 -53.31
CA ARG A 970 42.25 31.24 -51.90
C ARG A 970 43.63 31.31 -51.24
N LEU A 971 44.63 30.69 -51.87
CA LEU A 971 45.97 30.49 -51.29
C LEU A 971 46.66 31.72 -50.67
N ASN A 972 46.41 32.91 -51.23
CA ASN A 972 47.12 34.11 -50.76
C ASN A 972 46.33 34.98 -49.76
N LEU A 973 45.20 34.46 -49.29
CA LEU A 973 44.39 35.19 -48.31
C LEU A 973 44.70 34.84 -46.84
N PRO A 974 44.73 35.87 -45.96
CA PRO A 974 44.68 35.64 -44.51
C PRO A 974 43.38 34.95 -44.08
N ILE A 975 43.47 34.10 -43.06
CA ILE A 975 42.37 33.21 -42.63
C ILE A 975 41.03 33.92 -42.47
N THR A 976 41.02 35.10 -41.86
CA THR A 976 39.80 35.92 -41.74
C THR A 976 39.17 36.24 -43.10
N GLN A 977 40.01 36.63 -44.07
CA GLN A 977 39.55 36.92 -45.43
C GLN A 977 39.08 35.68 -46.17
N LEU A 978 39.75 34.55 -45.91
CA LEU A 978 39.36 33.25 -46.47
C LEU A 978 37.99 32.80 -45.95
N VAL A 979 37.75 33.00 -44.64
CA VAL A 979 36.46 32.76 -44.00
C VAL A 979 35.39 33.72 -44.53
N LYS A 980 35.76 35.00 -44.71
CA LYS A 980 34.86 36.02 -45.26
C LYS A 980 34.38 35.67 -46.67
N LEU A 981 35.30 35.14 -47.48
CA LEU A 981 35.02 34.69 -48.85
C LEU A 981 34.03 33.53 -48.93
N VAL A 982 34.05 32.66 -47.91
CA VAL A 982 33.18 31.48 -47.86
C VAL A 982 31.80 31.79 -47.23
N THR A 983 31.74 32.77 -46.32
CA THR A 983 30.47 33.17 -45.68
C THR A 983 29.65 34.10 -46.59
N PRO A 988 34.17 39.41 -37.16
CA PRO A 988 33.60 40.16 -36.04
C PRO A 988 34.69 40.66 -35.08
N ALA A 989 34.54 41.91 -34.63
CA ALA A 989 35.57 42.62 -33.84
C ALA A 989 35.94 41.99 -32.48
N HIS A 990 34.95 41.39 -31.79
CA HIS A 990 35.14 40.73 -30.50
C HIS A 990 36.14 39.55 -30.54
N VAL A 991 36.32 38.98 -31.73
CA VAL A 991 37.01 37.70 -31.95
C VAL A 991 38.54 37.85 -31.91
N SER A 992 39.17 37.09 -31.01
CA SER A 992 40.63 37.08 -30.85
C SER A 992 41.27 35.77 -31.29
N THR A 993 40.48 34.69 -31.33
CA THR A 993 40.95 33.37 -31.79
C THR A 993 39.97 32.71 -32.76
N MET A 994 40.52 31.88 -33.65
CA MET A 994 39.72 31.08 -34.58
C MET A 994 40.18 29.64 -34.52
N ILE A 995 39.24 28.73 -34.30
CA ILE A 995 39.55 27.30 -34.20
C ILE A 995 39.33 26.64 -35.58
N LEU A 996 40.34 25.92 -36.06
CA LEU A 996 40.27 25.27 -37.36
C LEU A 996 40.51 23.78 -37.19
N GLU A 997 39.78 23.02 -37.99
CA GLU A 997 39.94 21.57 -38.05
C GLU A 997 40.72 21.23 -39.32
N ILE A 998 41.55 20.19 -39.23
CA ILE A 998 42.35 19.73 -40.37
C ILE A 998 42.42 18.23 -40.49
N CYS A 999 42.35 17.76 -41.74
CA CYS A 999 42.85 16.42 -42.08
C CYS A 999 44.22 16.65 -42.70
N ALA A 1000 45.10 15.67 -42.54
CA ALA A 1000 46.48 15.76 -43.00
C ALA A 1000 47.07 14.40 -43.30
N ASP A 1001 48.03 14.38 -44.24
CA ASP A 1001 48.86 13.21 -44.51
C ASP A 1001 50.26 13.41 -43.91
N ASP A 1002 50.82 12.33 -43.38
CA ASP A 1002 52.17 12.34 -42.81
C ASP A 1002 53.24 12.23 -43.92
N LYS A 1003 54.51 12.31 -43.51
CA LYS A 1003 55.66 12.16 -44.42
C LYS A 1003 55.63 10.93 -45.32
N GLU A 1004 55.11 9.80 -44.81
CA GLU A 1004 55.00 8.58 -45.60
C GLU A 1004 53.68 8.50 -46.39
N GLY A 1005 53.03 9.66 -46.57
CA GLY A 1005 51.84 9.80 -47.41
C GLY A 1005 50.46 9.45 -46.83
N GLU A 1006 50.44 8.72 -45.72
CA GLU A 1006 49.20 8.18 -45.13
C GLU A 1006 48.45 9.15 -44.20
N ASP A 1007 47.12 9.05 -44.19
CA ASP A 1007 46.26 9.90 -43.36
C ASP A 1007 46.52 9.67 -41.88
N VAL A 1008 46.45 10.75 -41.11
CA VAL A 1008 46.81 10.70 -39.71
C VAL A 1008 45.93 11.65 -38.89
N GLU A 1009 45.36 11.12 -37.80
CA GLU A 1009 44.61 11.93 -36.84
C GLU A 1009 45.56 12.94 -36.20
N VAL A 1010 45.15 14.21 -36.22
CA VAL A 1010 45.96 15.32 -35.72
C VAL A 1010 45.07 16.30 -34.95
N PRO A 1011 45.65 17.06 -33.99
CA PRO A 1011 44.79 18.00 -33.24
C PRO A 1011 44.38 19.22 -34.05
N PHE A 1012 43.43 19.96 -33.49
CA PHE A 1012 42.95 21.21 -34.07
C PHE A 1012 43.99 22.34 -34.08
N ILE A 1013 43.68 23.39 -34.83
CA ILE A 1013 44.53 24.55 -34.93
C ILE A 1013 43.80 25.70 -34.24
N THR A 1014 44.54 26.50 -33.46
CA THR A 1014 44.04 27.76 -32.91
C THR A 1014 44.83 28.85 -33.61
N ILE A 1015 44.13 29.70 -34.36
CA ILE A 1015 44.74 30.92 -34.90
C ILE A 1015 44.51 32.04 -33.89
N HIS A 1016 45.62 32.56 -33.38
CA HIS A 1016 45.62 33.70 -32.47
C HIS A 1016 45.73 34.99 -33.31
N LEU A 1017 44.66 35.79 -33.31
CA LEU A 1017 44.55 37.01 -34.14
C LEU A 1017 45.18 38.24 -33.52
N MET B 1 34.14 -18.95 -16.78
CA MET B 1 33.66 -18.48 -15.45
C MET B 1 32.45 -17.54 -15.55
N GLN B 2 31.65 -17.54 -14.49
CA GLN B 2 30.52 -16.63 -14.36
C GLN B 2 30.96 -15.31 -13.70
N ILE B 3 30.56 -14.19 -14.28
CA ILE B 3 30.61 -12.88 -13.61
C ILE B 3 29.23 -12.18 -13.65
N PHE B 4 29.08 -11.17 -12.81
CA PHE B 4 27.84 -10.43 -12.73
C PHE B 4 28.05 -8.97 -13.11
N VAL B 5 27.07 -8.42 -13.82
CA VAL B 5 27.04 -6.99 -14.09
C VAL B 5 25.78 -6.41 -13.43
N LYS B 6 25.96 -5.45 -12.53
CA LYS B 6 24.83 -4.71 -11.95
C LYS B 6 24.69 -3.34 -12.56
N THR B 7 23.50 -3.02 -13.05
CA THR B 7 23.19 -1.69 -13.56
C THR B 7 22.86 -0.73 -12.41
N LEU B 8 22.92 0.57 -12.70
CA LEU B 8 22.53 1.61 -11.76
C LEU B 8 21.04 1.58 -11.37
N THR B 9 20.23 0.82 -12.11
CA THR B 9 18.80 0.61 -11.82
C THR B 9 18.54 -0.60 -10.92
N GLY B 10 19.59 -1.36 -10.59
CA GLY B 10 19.46 -2.54 -9.72
C GLY B 10 19.42 -3.90 -10.40
N LYS B 11 19.27 -3.90 -11.73
CA LYS B 11 19.28 -5.11 -12.56
C LYS B 11 20.62 -5.82 -12.54
N THR B 12 20.58 -7.13 -12.31
CA THR B 12 21.74 -8.02 -12.40
C THR B 12 21.71 -8.82 -13.71
N ILE B 13 22.85 -8.79 -14.41
CA ILE B 13 23.09 -9.54 -15.65
C ILE B 13 24.18 -10.59 -15.34
N THR B 14 23.98 -11.82 -15.82
CA THR B 14 25.00 -12.89 -15.67
C THR B 14 25.70 -13.14 -17.00
N LEU B 15 27.03 -13.12 -16.97
CA LEU B 15 27.85 -13.36 -18.17
C LEU B 15 28.77 -14.56 -17.98
N GLU B 16 28.95 -15.34 -19.05
CA GLU B 16 29.96 -16.41 -19.09
C GLU B 16 31.16 -15.85 -19.83
N VAL B 17 32.29 -15.81 -19.16
CA VAL B 17 33.50 -15.16 -19.67
C VAL B 17 34.76 -15.98 -19.38
N GLU B 18 35.84 -15.68 -20.10
CA GLU B 18 37.16 -16.20 -19.72
C GLU B 18 38.06 -15.08 -19.22
N SER B 19 38.99 -15.43 -18.35
CA SER B 19 39.97 -14.49 -17.82
C SER B 19 40.65 -13.64 -18.91
N SER B 20 40.90 -14.25 -20.07
CA SER B 20 41.62 -13.61 -21.16
C SER B 20 40.75 -12.79 -22.12
N ASP B 21 39.42 -12.82 -21.95
CA ASP B 21 38.50 -11.98 -22.75
C ASP B 21 38.84 -10.49 -22.67
N THR B 22 38.74 -9.79 -23.79
CA THR B 22 38.93 -8.34 -23.82
C THR B 22 37.70 -7.65 -23.24
N ILE B 23 37.88 -6.39 -22.83
CA ILE B 23 36.79 -5.54 -22.36
C ILE B 23 35.80 -5.30 -23.49
N ASP B 24 36.32 -5.11 -24.72
CA ASP B 24 35.50 -4.98 -25.95
C ASP B 24 34.54 -6.17 -26.12
N ASN B 25 35.02 -7.37 -25.79
CA ASN B 25 34.26 -8.61 -25.93
C ASN B 25 33.18 -8.75 -24.85
N VAL B 26 33.52 -8.40 -23.60
CA VAL B 26 32.53 -8.32 -22.52
C VAL B 26 31.42 -7.32 -22.89
N LYS B 27 31.82 -6.18 -23.45
CA LYS B 27 30.84 -5.16 -23.83
C LYS B 27 29.88 -5.66 -24.91
N SER B 28 30.40 -6.47 -25.83
CA SER B 28 29.59 -7.08 -26.90
C SER B 28 28.53 -8.02 -26.31
N LYS B 29 28.94 -8.82 -25.32
CA LYS B 29 28.02 -9.67 -24.56
C LYS B 29 26.95 -8.87 -23.83
N ILE B 30 27.34 -7.72 -23.24
CA ILE B 30 26.36 -6.81 -22.60
C ILE B 30 25.38 -6.27 -23.63
N GLN B 31 25.89 -5.85 -24.78
CA GLN B 31 25.02 -5.39 -25.88
C GLN B 31 23.95 -6.41 -26.33
N ASP B 32 24.35 -7.68 -26.44
CA ASP B 32 23.40 -8.76 -26.77
C ASP B 32 22.29 -8.84 -25.73
N LYS B 33 22.70 -8.91 -24.45
CA LYS B 33 21.75 -9.04 -23.35
C LYS B 33 20.90 -7.80 -23.10
N GLU B 34 21.50 -6.61 -23.22
CA GLU B 34 20.81 -5.38 -22.82
C GLU B 34 20.45 -4.40 -23.93
N GLY B 35 21.13 -4.48 -25.08
CA GLY B 35 20.90 -3.54 -26.19
C GLY B 35 21.72 -2.27 -26.18
N ILE B 36 22.53 -2.07 -25.13
CA ILE B 36 23.35 -0.86 -24.97
C ILE B 36 24.61 -0.97 -25.86
N PRO B 37 24.77 -0.05 -26.82
CA PRO B 37 25.97 -0.08 -27.70
C PRO B 37 27.25 0.10 -26.87
N PRO B 38 28.29 -0.72 -27.14
CA PRO B 38 29.54 -0.70 -26.34
C PRO B 38 30.10 0.70 -26.00
N ASP B 39 29.99 1.65 -26.94
CA ASP B 39 30.48 3.03 -26.74
C ASP B 39 29.73 3.82 -25.64
N GLN B 40 28.53 3.36 -25.28
CA GLN B 40 27.71 3.99 -24.23
C GLN B 40 27.83 3.27 -22.87
N GLN B 41 28.63 2.20 -22.81
CA GLN B 41 28.78 1.42 -21.59
C GLN B 41 29.95 1.95 -20.79
N ARG B 42 29.71 2.16 -19.49
CA ARG B 42 30.76 2.50 -18.53
C ARG B 42 30.75 1.43 -17.47
N LEU B 43 31.78 0.59 -17.50
CA LEU B 43 31.91 -0.50 -16.54
C LEU B 43 33.00 -0.15 -15.54
N ILE B 44 32.68 -0.35 -14.27
CA ILE B 44 33.63 -0.05 -13.20
C ILE B 44 33.80 -1.28 -12.32
N PHE B 45 35.02 -1.48 -11.84
CA PHE B 45 35.33 -2.60 -10.94
C PHE B 45 36.52 -2.24 -10.07
N ALA B 46 36.37 -2.43 -8.77
CA ALA B 46 37.46 -2.20 -7.80
C ALA B 46 38.21 -0.89 -8.03
N GLY B 47 37.48 0.20 -8.26
CA GLY B 47 38.07 1.53 -8.37
C GLY B 47 38.63 1.89 -9.73
N LYS B 48 38.38 1.05 -10.73
CA LYS B 48 38.82 1.30 -12.08
C LYS B 48 37.65 1.30 -13.04
N GLN B 49 37.77 2.09 -14.09
CA GLN B 49 36.86 2.01 -15.23
C GLN B 49 37.51 1.11 -16.31
N LEU B 50 36.73 0.17 -16.84
CA LEU B 50 37.26 -0.83 -17.78
C LEU B 50 37.39 -0.25 -19.19
N GLU B 51 38.59 -0.34 -19.76
CA GLU B 51 38.87 0.23 -21.08
C GLU B 51 39.10 -0.82 -22.16
N ASP B 52 38.73 -0.48 -23.39
CA ASP B 52 38.97 -1.33 -24.55
C ASP B 52 40.45 -1.61 -24.77
N GLY B 53 40.75 -2.81 -25.26
CA GLY B 53 42.13 -3.23 -25.49
C GLY B 53 42.81 -3.89 -24.31
N ARG B 54 42.17 -3.87 -23.15
CA ARG B 54 42.68 -4.58 -21.98
C ARG B 54 41.80 -5.82 -21.78
N THR B 55 42.26 -6.75 -20.92
CA THR B 55 41.53 -7.98 -20.61
C THR B 55 40.97 -7.95 -19.19
N LEU B 56 40.04 -8.85 -18.89
CA LEU B 56 39.49 -9.02 -17.53
C LEU B 56 40.57 -9.26 -16.46
N SER B 57 41.56 -10.10 -16.78
CA SER B 57 42.65 -10.43 -15.86
C SER B 57 43.55 -9.23 -15.54
N ASP B 58 43.74 -8.34 -16.52
CA ASP B 58 44.40 -7.04 -16.27
C ASP B 58 43.79 -6.29 -15.08
N TYR B 59 42.48 -6.40 -14.92
CA TYR B 59 41.77 -5.73 -13.83
C TYR B 59 41.52 -6.64 -12.63
N ASN B 60 42.18 -7.81 -12.61
CA ASN B 60 41.99 -8.82 -11.56
C ASN B 60 40.52 -9.21 -11.34
N ILE B 61 39.76 -9.27 -12.44
CA ILE B 61 38.37 -9.71 -12.39
C ILE B 61 38.39 -11.24 -12.29
N GLN B 62 37.81 -11.74 -11.19
CA GLN B 62 37.82 -13.16 -10.87
C GLN B 62 36.43 -13.77 -11.12
N LYS B 63 36.30 -15.08 -10.88
CA LYS B 63 34.99 -15.73 -10.95
C LYS B 63 34.08 -15.18 -9.84
N GLU B 64 32.80 -15.02 -10.17
CA GLU B 64 31.78 -14.45 -9.25
C GLU B 64 31.97 -12.95 -8.92
N SER B 65 32.92 -12.29 -9.57
CA SER B 65 33.08 -10.84 -9.48
C SER B 65 31.82 -10.09 -9.95
N THR B 66 31.57 -8.92 -9.36
CA THR B 66 30.53 -8.02 -9.87
C THR B 66 31.11 -6.74 -10.47
N LEU B 67 30.74 -6.49 -11.73
CA LEU B 67 31.03 -5.21 -12.39
C LEU B 67 29.81 -4.30 -12.26
N HIS B 68 30.04 -3.00 -12.28
CA HIS B 68 28.93 -2.05 -12.24
C HIS B 68 28.85 -1.27 -13.52
N LEU B 69 27.70 -1.41 -14.17
CA LEU B 69 27.34 -0.59 -15.32
C LEU B 69 26.68 0.69 -14.80
N VAL B 70 27.39 1.79 -14.99
CA VAL B 70 27.02 3.09 -14.42
C VAL B 70 26.70 4.14 -15.48
N LEU B 71 26.15 5.28 -15.05
CA LEU B 71 25.65 6.31 -15.97
C LEU B 71 26.02 7.72 -15.52
N ARG B 72 25.99 8.66 -16.46
CA ARG B 72 26.10 10.08 -16.14
C ARG B 72 24.71 10.69 -16.23
N LEU B 73 24.38 11.52 -15.25
CA LEU B 73 23.04 12.09 -15.13
C LEU B 73 23.05 13.57 -15.47
N ARG B 74 21.96 14.02 -16.08
CA ARG B 74 21.87 15.33 -16.67
C ARG B 74 21.30 16.43 -15.75
N GLY B 75 20.54 16.05 -14.73
CA GLY B 75 19.88 17.03 -13.85
C GLY B 75 20.86 17.77 -12.95
N GLY B 76 20.41 18.88 -12.38
CA GLY B 76 21.24 19.69 -11.47
C GLY B 76 20.64 21.03 -11.09
N ILE C 7 -5.74 5.97 15.67
CA ILE C 7 -7.07 5.29 15.78
C ILE C 7 -7.50 5.15 17.25
N ASP C 8 -8.72 5.63 17.53
CA ASP C 8 -9.33 5.52 18.84
C ASP C 8 -9.74 4.07 19.12
N GLU C 9 -8.82 3.33 19.74
CA GLU C 9 -9.01 1.93 20.11
C GLU C 9 -10.24 1.70 20.98
N SER C 10 -10.56 2.64 21.88
CA SER C 10 -11.69 2.47 22.81
C SER C 10 -13.05 2.47 22.11
N LEU C 11 -13.17 3.23 21.02
CA LEU C 11 -14.37 3.20 20.19
C LEU C 11 -14.37 2.03 19.19
N TYR C 12 -13.25 1.87 18.48
CA TYR C 12 -13.21 1.05 17.27
C TYR C 12 -12.63 -0.35 17.47
N SER C 13 -12.42 -0.72 18.74
CA SER C 13 -11.80 -1.98 19.12
C SER C 13 -12.22 -3.18 18.23
N ARG C 14 -13.51 -3.50 18.26
CA ARG C 14 -14.03 -4.73 17.65
C ARG C 14 -13.95 -4.70 16.13
N GLN C 15 -14.17 -3.52 15.57
CA GLN C 15 -14.04 -3.27 14.12
C GLN C 15 -12.61 -3.32 13.61
N LEU C 16 -11.68 -2.79 14.42
CA LEU C 16 -10.25 -2.83 14.10
C LEU C 16 -9.75 -4.26 13.85
N TYR C 17 -10.30 -5.22 14.58
CA TYR C 17 -9.98 -6.62 14.34
C TYR C 17 -10.60 -7.23 13.07
N VAL C 18 -11.54 -6.52 12.44
CA VAL C 18 -12.10 -6.93 11.14
C VAL C 18 -11.27 -6.31 10.03
N LEU C 19 -11.03 -5.01 10.16
CA LEU C 19 -10.48 -4.23 9.07
C LEU C 19 -8.98 -3.99 9.12
N GLY C 20 -8.41 -3.90 10.32
CA GLY C 20 -6.99 -3.54 10.49
C GLY C 20 -6.77 -2.04 10.42
N LYS C 21 -5.67 -1.60 11.05
CA LYS C 21 -5.30 -0.18 11.19
C LYS C 21 -5.09 0.52 9.85
N GLU C 22 -4.36 -0.11 8.92
CA GLU C 22 -4.07 0.47 7.60
C GLU C 22 -5.36 0.84 6.87
N ALA C 23 -6.29 -0.12 6.79
CA ALA C 23 -7.56 0.09 6.10
C ALA C 23 -8.34 1.24 6.75
N MET C 24 -8.40 1.23 8.08
CA MET C 24 -9.11 2.27 8.82
C MET C 24 -8.49 3.66 8.70
N LEU C 25 -7.16 3.75 8.66
CA LEU C 25 -6.49 5.02 8.36
C LEU C 25 -6.84 5.55 6.98
N LYS C 26 -6.91 4.67 5.98
CA LYS C 26 -7.35 5.04 4.63
C LYS C 26 -8.79 5.53 4.58
N MET C 27 -9.68 4.84 5.30
CA MET C 27 -11.10 5.24 5.40
C MET C 27 -11.21 6.64 5.98
N GLN C 28 -10.34 6.94 6.94
CA GLN C 28 -10.36 8.21 7.64
C GLN C 28 -9.83 9.39 6.82
N THR C 29 -9.32 9.11 5.61
CA THR C 29 -8.99 10.15 4.61
C THR C 29 -10.02 10.21 3.46
N SER C 30 -11.11 9.44 3.55
CA SER C 30 -12.07 9.35 2.43
C SER C 30 -13.36 10.09 2.70
N ASN C 31 -13.76 10.94 1.74
CA ASN C 31 -15.03 11.65 1.77
C ASN C 31 -16.03 10.92 0.91
N VAL C 32 -17.18 10.61 1.51
CA VAL C 32 -18.22 9.81 0.89
C VAL C 32 -19.44 10.71 0.65
N LEU C 33 -20.05 10.56 -0.53
CA LEU C 33 -21.31 11.19 -0.88
C LEU C 33 -22.38 10.11 -1.11
N ILE C 34 -23.53 10.26 -0.46
CA ILE C 34 -24.69 9.40 -0.75
C ILE C 34 -25.79 10.24 -1.39
N LEU C 35 -26.26 9.80 -2.54
CA LEU C 35 -27.38 10.43 -3.20
C LEU C 35 -28.64 9.63 -2.88
N GLY C 36 -29.55 10.26 -2.14
CA GLY C 36 -30.84 9.65 -1.79
C GLY C 36 -30.83 9.16 -0.35
N LEU C 37 -31.90 9.51 0.37
CA LEU C 37 -32.05 9.13 1.77
C LEU C 37 -33.44 8.64 2.12
N LYS C 38 -33.98 7.78 1.25
CA LYS C 38 -35.04 6.86 1.63
C LYS C 38 -34.37 5.73 2.46
N GLY C 39 -35.07 4.62 2.71
CA GLY C 39 -34.55 3.57 3.60
C GLY C 39 -33.15 3.10 3.22
N LEU C 40 -32.95 2.88 1.92
CA LEU C 40 -31.69 2.29 1.41
C LEU C 40 -30.53 3.22 1.69
N GLY C 41 -30.67 4.48 1.26
CA GLY C 41 -29.67 5.51 1.54
C GLY C 41 -29.33 5.66 3.00
N VAL C 42 -30.34 5.77 3.87
CA VAL C 42 -30.09 5.99 5.30
C VAL C 42 -29.39 4.77 5.95
N GLU C 43 -29.75 3.57 5.50
CA GLU C 43 -29.09 2.35 5.98
C GLU C 43 -27.61 2.30 5.60
N ILE C 44 -27.32 2.63 4.33
CA ILE C 44 -25.92 2.71 3.85
C ILE C 44 -25.14 3.73 4.71
N ALA C 45 -25.71 4.93 4.83
CA ALA C 45 -25.12 6.04 5.55
C ALA C 45 -24.86 5.73 7.02
N LYS C 46 -25.82 5.06 7.67
CA LYS C 46 -25.67 4.61 9.06
C LYS C 46 -24.39 3.79 9.24
N ASN C 47 -24.22 2.77 8.40
CA ASN C 47 -23.11 1.83 8.53
C ASN C 47 -21.77 2.47 8.17
N VAL C 48 -21.74 3.28 7.11
CA VAL C 48 -20.51 4.04 6.77
C VAL C 48 -20.07 5.02 7.89
N VAL C 49 -21.03 5.74 8.49
CA VAL C 49 -20.72 6.73 9.53
C VAL C 49 -20.20 6.03 10.81
N LEU C 50 -20.87 4.94 11.22
CA LEU C 50 -20.36 4.12 12.33
C LEU C 50 -18.94 3.59 12.08
N ALA C 51 -18.66 3.20 10.84
CA ALA C 51 -17.36 2.62 10.49
C ALA C 51 -16.23 3.63 10.57
N GLY C 52 -16.53 4.90 10.27
CA GLY C 52 -15.55 6.00 10.38
C GLY C 52 -14.85 6.34 9.08
N VAL C 53 -15.38 7.32 8.38
CA VAL C 53 -14.74 7.89 7.18
C VAL C 53 -14.41 9.33 7.50
N LYS C 54 -13.70 10.03 6.62
CA LYS C 54 -13.35 11.42 6.90
C LYS C 54 -14.61 12.26 7.02
N SER C 55 -15.51 12.14 6.04
CA SER C 55 -16.78 12.88 6.10
C SER C 55 -17.86 12.14 5.35
N MET C 56 -19.10 12.38 5.75
CA MET C 56 -20.26 11.88 5.05
C MET C 56 -21.10 13.06 4.56
N THR C 57 -21.34 13.09 3.26
CA THR C 57 -22.22 14.10 2.68
C THR C 57 -23.45 13.43 2.09
N VAL C 58 -24.62 13.95 2.45
CA VAL C 58 -25.90 13.41 1.95
C VAL C 58 -26.61 14.40 1.02
N PHE C 59 -27.29 13.88 0.00
CA PHE C 59 -28.08 14.72 -0.90
C PHE C 59 -29.44 14.08 -1.11
N ASP C 60 -30.47 14.78 -0.65
CA ASP C 60 -31.85 14.39 -0.88
C ASP C 60 -32.73 15.60 -0.57
N PRO C 61 -33.07 16.40 -1.61
CA PRO C 61 -33.89 17.60 -1.45
C PRO C 61 -35.42 17.34 -1.45
N GLU C 62 -35.84 16.09 -1.66
CA GLU C 62 -37.25 15.72 -1.75
C GLU C 62 -38.00 15.78 -0.40
N PRO C 63 -39.25 16.29 -0.40
CA PRO C 63 -39.97 16.38 0.87
C PRO C 63 -40.44 15.01 1.38
N VAL C 64 -40.30 14.79 2.70
CA VAL C 64 -40.79 13.57 3.37
C VAL C 64 -42.27 13.33 3.10
N GLN C 65 -42.58 12.11 2.67
CA GLN C 65 -43.96 11.63 2.55
C GLN C 65 -44.16 10.47 3.50
N LEU C 66 -45.40 10.28 3.96
CA LEU C 66 -45.76 9.22 4.91
C LEU C 66 -45.18 7.84 4.51
N ALA C 67 -45.31 7.51 3.23
CA ALA C 67 -44.86 6.24 2.68
C ALA C 67 -43.35 6.00 2.84
N ASP C 68 -42.55 7.08 2.91
CA ASP C 68 -41.09 6.99 3.12
C ASP C 68 -40.70 6.30 4.42
N LEU C 69 -41.59 6.39 5.40
CA LEU C 69 -41.34 5.82 6.73
C LEU C 69 -41.32 4.30 6.76
N SER C 70 -41.65 3.68 5.63
CA SER C 70 -41.64 2.22 5.51
C SER C 70 -40.36 1.59 6.03
N THR C 71 -39.22 2.17 5.66
CA THR C 71 -37.90 1.64 5.96
C THR C 71 -36.94 2.70 6.46
N GLN C 72 -37.33 3.97 6.35
CA GLN C 72 -36.48 5.08 6.77
C GLN C 72 -36.66 5.36 8.26
N PHE C 73 -35.87 4.65 9.08
CA PHE C 73 -36.00 4.63 10.54
C PHE C 73 -35.62 5.95 11.24
N PHE C 74 -35.06 6.90 10.50
CA PHE C 74 -34.71 8.22 11.03
C PHE C 74 -35.75 9.29 10.70
N LEU C 75 -36.83 8.89 10.02
CA LEU C 75 -37.93 9.80 9.73
C LEU C 75 -39.11 9.53 10.66
N THR C 76 -39.82 10.58 11.04
CA THR C 76 -41.03 10.47 11.89
C THR C 76 -42.22 11.13 11.18
N GLU C 77 -43.41 10.95 11.74
CA GLU C 77 -44.61 11.63 11.22
C GLU C 77 -44.60 13.16 11.47
N LYS C 78 -43.72 13.61 12.37
CA LYS C 78 -43.40 15.03 12.58
C LYS C 78 -42.70 15.70 11.39
N ASP C 79 -42.04 14.90 10.55
CA ASP C 79 -41.16 15.43 9.50
C ASP C 79 -41.83 15.61 8.15
N ILE C 80 -43.10 15.21 8.04
CA ILE C 80 -43.82 15.26 6.76
C ILE C 80 -43.69 16.67 6.15
N GLY C 81 -43.26 16.72 4.89
CA GLY C 81 -43.08 17.99 4.19
C GLY C 81 -41.67 18.54 4.21
N GLN C 82 -40.88 18.22 5.24
CA GLN C 82 -39.48 18.66 5.31
C GLN C 82 -38.57 17.90 4.33
N LYS C 83 -37.43 18.51 3.96
CA LYS C 83 -36.45 17.88 3.08
C LYS C 83 -35.82 16.66 3.76
N ARG C 84 -35.84 15.51 3.08
CA ARG C 84 -35.33 14.25 3.67
C ARG C 84 -33.89 14.36 4.16
N GLY C 85 -33.04 14.97 3.33
CA GLY C 85 -31.63 15.26 3.69
C GLY C 85 -31.44 16.07 4.95
N ASP C 86 -32.11 17.22 5.02
CA ASP C 86 -32.04 18.09 6.19
C ASP C 86 -32.46 17.37 7.49
N VAL C 87 -33.55 16.62 7.43
CA VAL C 87 -34.11 15.92 8.61
C VAL C 87 -33.22 14.78 9.10
N THR C 88 -32.51 14.13 8.19
CA THR C 88 -31.72 12.93 8.53
C THR C 88 -30.34 13.28 9.09
N ARG C 89 -29.80 14.43 8.67
CA ARG C 89 -28.41 14.82 8.96
C ARG C 89 -28.02 14.72 10.43
N ALA C 90 -28.84 15.33 11.30
CA ALA C 90 -28.59 15.40 12.74
C ALA C 90 -28.59 14.03 13.41
N LYS C 91 -29.49 13.15 12.96
CA LYS C 91 -29.56 11.80 13.53
C LYS C 91 -28.37 10.92 13.10
N LEU C 92 -27.93 11.06 11.85
CA LEU C 92 -26.69 10.41 11.37
C LEU C 92 -25.45 10.90 12.11
N ALA C 93 -25.37 12.23 12.32
CA ALA C 93 -24.24 12.87 13.03
C ALA C 93 -24.07 12.35 14.45
N GLU C 94 -25.17 11.93 15.06
CA GLU C 94 -25.14 11.40 16.44
C GLU C 94 -24.46 10.04 16.55
N LEU C 95 -24.43 9.29 15.44
CA LEU C 95 -23.81 7.94 15.38
C LEU C 95 -22.30 7.91 15.62
N ASN C 96 -21.61 8.99 15.23
CA ASN C 96 -20.16 9.06 15.31
C ASN C 96 -19.68 10.51 15.27
N ALA C 97 -19.29 11.01 16.44
CA ALA C 97 -18.80 12.37 16.62
C ALA C 97 -17.53 12.70 15.79
N TYR C 98 -16.78 11.67 15.41
CA TYR C 98 -15.62 11.79 14.54
C TYR C 98 -15.92 12.05 13.05
N VAL C 99 -17.14 11.78 12.62
CA VAL C 99 -17.53 11.93 11.23
C VAL C 99 -18.47 13.13 11.06
N PRO C 100 -17.97 14.26 10.50
CA PRO C 100 -18.88 15.33 10.11
C PRO C 100 -19.87 14.84 9.07
N VAL C 101 -21.14 15.17 9.27
CA VAL C 101 -22.18 14.86 8.32
C VAL C 101 -22.74 16.18 7.77
N ASN C 102 -22.59 16.38 6.46
CA ASN C 102 -23.04 17.58 5.77
C ASN C 102 -24.19 17.27 4.82
N VAL C 103 -25.04 18.26 4.60
CA VAL C 103 -26.07 18.21 3.56
C VAL C 103 -25.58 19.03 2.38
N LEU C 104 -25.58 18.41 1.21
CA LEU C 104 -25.41 19.12 -0.05
C LEU C 104 -26.81 19.63 -0.44
N ASP C 105 -26.96 20.96 -0.48
CA ASP C 105 -28.23 21.62 -0.84
C ASP C 105 -28.59 21.40 -2.31
N SER C 106 -27.58 21.37 -3.18
CA SER C 106 -27.77 21.24 -4.62
C SER C 106 -26.66 20.44 -5.31
N LEU C 107 -27.05 19.54 -6.21
CA LEU C 107 -26.10 18.90 -7.13
C LEU C 107 -26.29 19.44 -8.56
N ASP C 108 -26.55 20.74 -8.69
CA ASP C 108 -26.71 21.39 -10.00
C ASP C 108 -25.43 21.32 -10.85
N ASP C 109 -24.29 21.68 -10.25
CA ASP C 109 -22.97 21.46 -10.86
C ASP C 109 -22.49 20.03 -10.54
N VAL C 110 -22.50 19.15 -11.55
CA VAL C 110 -21.93 17.80 -11.45
C VAL C 110 -20.41 17.81 -11.11
N THR C 111 -19.75 18.95 -11.35
CA THR C 111 -18.34 19.14 -11.02
C THR C 111 -18.10 19.10 -9.50
N GLN C 112 -19.18 19.25 -8.73
CA GLN C 112 -19.13 19.11 -7.25
C GLN C 112 -18.69 17.74 -6.76
N LEU C 113 -18.93 16.71 -7.58
CA LEU C 113 -18.55 15.34 -7.23
C LEU C 113 -17.05 15.14 -7.08
N SER C 114 -16.24 16.08 -7.62
CA SER C 114 -14.77 16.03 -7.55
C SER C 114 -14.24 16.06 -6.11
N GLN C 115 -14.99 16.67 -5.21
CA GLN C 115 -14.67 16.71 -3.77
C GLN C 115 -14.64 15.34 -3.10
N PHE C 116 -15.26 14.33 -3.71
CA PHE C 116 -15.50 13.03 -3.04
C PHE C 116 -14.63 11.89 -3.57
N GLN C 117 -14.32 10.94 -2.69
CA GLN C 117 -13.59 9.71 -3.07
C GLN C 117 -14.52 8.60 -3.54
N VAL C 118 -15.71 8.54 -2.95
CA VAL C 118 -16.71 7.52 -3.24
C VAL C 118 -18.07 8.20 -3.37
N VAL C 119 -18.77 7.87 -4.45
CA VAL C 119 -20.12 8.39 -4.69
C VAL C 119 -21.08 7.22 -4.74
N VAL C 120 -22.15 7.31 -3.97
CA VAL C 120 -23.19 6.28 -3.90
C VAL C 120 -24.56 6.81 -4.42
N ALA C 121 -25.08 6.22 -5.49
CA ALA C 121 -26.40 6.58 -6.02
C ALA C 121 -27.46 5.56 -5.60
N THR C 122 -28.49 6.00 -4.89
CA THR C 122 -29.52 5.05 -4.41
C THR C 122 -30.77 5.04 -5.30
N ASP C 123 -31.91 4.58 -4.78
CA ASP C 123 -33.15 4.40 -5.57
C ASP C 123 -33.85 5.71 -6.02
N THR C 124 -33.46 6.83 -5.43
CA THR C 124 -33.96 8.18 -5.80
C THR C 124 -33.36 8.76 -7.08
N VAL C 125 -32.36 8.10 -7.65
CA VAL C 125 -31.63 8.62 -8.82
C VAL C 125 -32.04 7.80 -10.05
N SER C 126 -32.47 8.49 -11.12
CA SER C 126 -32.81 7.81 -12.37
C SER C 126 -31.60 7.11 -13.01
N LEU C 127 -31.87 6.09 -13.82
CA LEU C 127 -30.79 5.38 -14.51
C LEU C 127 -30.04 6.30 -15.47
N GLU C 128 -30.77 7.15 -16.20
CA GLU C 128 -30.20 8.21 -17.05
C GLU C 128 -29.16 9.04 -16.27
N ASP C 129 -29.53 9.47 -15.07
CA ASP C 129 -28.64 10.25 -14.19
C ASP C 129 -27.52 9.40 -13.59
N LYS C 130 -27.79 8.14 -13.26
CA LYS C 130 -26.74 7.22 -12.79
C LYS C 130 -25.63 7.04 -13.84
N VAL C 131 -26.02 6.86 -15.10
CA VAL C 131 -25.09 6.71 -16.24
C VAL C 131 -24.17 7.94 -16.38
N LYS C 132 -24.74 9.14 -16.28
CA LYS C 132 -23.99 10.40 -16.37
C LYS C 132 -23.04 10.60 -15.21
N ILE C 133 -23.54 10.38 -13.99
CA ILE C 133 -22.75 10.47 -12.76
C ILE C 133 -21.61 9.46 -12.79
N ASN C 134 -21.91 8.23 -13.22
CA ASN C 134 -20.90 7.18 -13.30
C ASN C 134 -19.82 7.56 -14.32
N GLU C 135 -20.23 8.10 -15.47
CA GLU C 135 -19.26 8.56 -16.48
C GLU C 135 -18.32 9.62 -15.90
N PHE C 136 -18.86 10.60 -15.18
CA PHE C 136 -18.06 11.62 -14.52
C PHE C 136 -17.10 11.01 -13.53
N CYS C 137 -17.59 10.04 -12.75
CA CYS C 137 -16.77 9.43 -11.69
C CYS C 137 -15.64 8.57 -12.28
N HIS C 138 -16.01 7.69 -13.19
CA HIS C 138 -15.08 6.79 -13.88
C HIS C 138 -13.94 7.54 -14.59
N SER C 139 -14.28 8.61 -15.31
CA SER C 139 -13.29 9.41 -16.05
C SER C 139 -12.45 10.34 -15.15
N SER C 140 -12.89 10.52 -13.90
CA SER C 140 -12.21 11.39 -12.93
C SER C 140 -11.47 10.63 -11.82
N GLY C 141 -11.54 9.31 -11.81
CA GLY C 141 -10.94 8.49 -10.74
C GLY C 141 -11.70 8.47 -9.41
N ILE C 142 -13.00 8.75 -9.47
CA ILE C 142 -13.89 8.67 -8.30
C ILE C 142 -14.64 7.32 -8.31
N ARG C 143 -14.68 6.65 -7.16
CA ARG C 143 -15.30 5.35 -7.04
C ARG C 143 -16.81 5.50 -7.05
N PHE C 144 -17.49 4.64 -7.81
CA PHE C 144 -18.95 4.75 -7.97
C PHE C 144 -19.62 3.45 -7.54
N ILE C 145 -20.66 3.59 -6.71
CA ILE C 145 -21.51 2.47 -6.32
C ILE C 145 -22.96 2.91 -6.46
N SER C 146 -23.81 2.03 -6.97
CA SER C 146 -25.24 2.30 -6.93
C SER C 146 -26.01 1.10 -6.39
N SER C 147 -27.22 1.37 -5.91
CA SER C 147 -28.11 0.32 -5.42
C SER C 147 -29.56 0.76 -5.51
N GLU C 148 -30.45 -0.20 -5.73
CA GLU C 148 -31.90 0.05 -5.62
C GLU C 148 -32.64 -1.20 -5.16
N THR C 149 -33.67 -0.99 -4.37
CA THR C 149 -34.52 -2.06 -3.87
C THR C 149 -35.95 -1.84 -4.36
N ARG C 150 -36.63 -2.91 -4.73
CA ARG C 150 -38.00 -2.82 -5.29
C ARG C 150 -38.79 -4.02 -4.78
N GLY C 151 -39.59 -3.79 -3.75
CA GLY C 151 -40.32 -4.87 -3.07
C GLY C 151 -39.33 -5.89 -2.54
N LEU C 152 -39.52 -7.14 -2.93
CA LEU C 152 -38.65 -8.22 -2.49
C LEU C 152 -37.46 -8.45 -3.46
N PHE C 153 -37.17 -7.44 -4.28
CA PHE C 153 -36.03 -7.49 -5.19
C PHE C 153 -35.06 -6.36 -4.87
N GLY C 154 -33.81 -6.56 -5.27
CA GLY C 154 -32.81 -5.53 -5.14
C GLY C 154 -31.62 -5.79 -6.04
N ASN C 155 -30.81 -4.74 -6.21
CA ASN C 155 -29.57 -4.87 -6.94
C ASN C 155 -28.53 -3.89 -6.39
N THR C 156 -27.27 -4.16 -6.75
CA THR C 156 -26.16 -3.26 -6.52
C THR C 156 -25.16 -3.35 -7.68
N PHE C 157 -24.47 -2.25 -7.92
CA PHE C 157 -23.48 -2.13 -8.99
C PHE C 157 -22.28 -1.39 -8.45
N VAL C 158 -21.09 -1.92 -8.74
CA VAL C 158 -19.84 -1.35 -8.24
C VAL C 158 -18.97 -1.07 -9.46
N ASP C 159 -18.46 0.16 -9.54
CA ASP C 159 -17.48 0.53 -10.55
C ASP C 159 -16.40 1.36 -9.85
N LEU C 160 -15.29 0.70 -9.53
CA LEU C 160 -14.18 1.39 -8.86
C LEU C 160 -13.10 1.92 -9.81
N GLY C 161 -13.41 1.98 -11.10
CA GLY C 161 -12.53 2.62 -12.09
C GLY C 161 -11.56 1.71 -12.81
N ASP C 162 -10.73 2.31 -13.66
CA ASP C 162 -9.81 1.58 -14.57
C ASP C 162 -8.73 0.80 -13.83
N GLU C 163 -8.25 1.38 -12.73
CA GLU C 163 -7.16 0.79 -11.96
C GLU C 163 -7.48 0.92 -10.47
N PHE C 164 -7.84 -0.21 -9.86
CA PHE C 164 -8.08 -0.28 -8.44
C PHE C 164 -7.18 -1.37 -7.87
N THR C 165 -6.61 -1.12 -6.70
CA THR C 165 -5.71 -2.08 -6.07
C THR C 165 -6.34 -2.74 -4.84
N VAL C 166 -6.45 -4.07 -4.88
CA VAL C 166 -6.83 -4.82 -3.70
C VAL C 166 -5.55 -5.18 -2.96
N LEU C 167 -5.44 -4.73 -1.72
CA LEU C 167 -4.30 -5.05 -0.87
C LEU C 167 -4.41 -6.38 -0.11
N ASP C 168 -5.65 -6.82 0.19
CA ASP C 168 -5.90 -8.08 0.91
C ASP C 168 -7.26 -8.64 0.47
N PRO C 169 -7.26 -9.78 -0.23
CA PRO C 169 -8.51 -10.21 -0.84
C PRO C 169 -9.56 -10.74 0.15
N THR C 170 -9.11 -11.23 1.33
CA THR C 170 -9.99 -12.03 2.21
C THR C 170 -10.09 -11.57 3.68
N GLY C 171 -9.08 -10.87 4.17
CA GLY C 171 -8.98 -10.55 5.59
C GLY C 171 -8.58 -11.69 6.51
N GLU C 172 -8.23 -12.86 5.95
CA GLU C 172 -7.82 -14.02 6.75
C GLU C 172 -6.40 -13.88 7.24
N GLU C 173 -6.12 -14.38 8.43
CA GLU C 173 -4.75 -14.42 8.97
C GLU C 173 -3.84 -15.18 7.98
N PRO C 174 -2.66 -14.62 7.66
CA PRO C 174 -1.71 -15.30 6.78
C PRO C 174 -1.35 -16.70 7.29
N ARG C 175 -1.45 -17.70 6.42
CA ARG C 175 -1.05 -19.07 6.79
C ARG C 175 0.46 -19.13 7.11
N THR C 176 0.80 -19.99 8.06
CA THR C 176 2.17 -20.14 8.53
C THR C 176 2.43 -21.62 8.81
N GLY C 177 3.69 -22.04 8.77
CA GLY C 177 3.98 -23.42 9.09
C GLY C 177 5.44 -23.79 9.12
N MET C 178 5.75 -24.88 9.82
CA MET C 178 7.10 -25.40 9.94
C MET C 178 7.41 -26.40 8.82
N VAL C 179 8.61 -26.26 8.29
CA VAL C 179 9.10 -27.01 7.14
C VAL C 179 10.01 -28.16 7.61
N SER C 180 9.82 -29.33 7.02
CA SER C 180 10.65 -30.51 7.30
C SER C 180 11.78 -30.62 6.29
N ASP C 181 11.50 -30.28 5.04
CA ASP C 181 12.43 -30.49 3.94
C ASP C 181 12.09 -29.55 2.77
N ILE C 182 13.12 -29.08 2.07
CA ILE C 182 12.96 -28.45 0.77
C ILE C 182 13.90 -29.12 -0.26
N GLU C 183 13.32 -29.92 -1.17
CA GLU C 183 14.03 -30.54 -2.30
C GLU C 183 14.60 -29.50 -3.28
N PRO C 184 15.56 -29.90 -4.16
CA PRO C 184 16.09 -28.93 -5.14
C PRO C 184 15.08 -28.39 -6.17
N ASP C 185 14.03 -29.16 -6.48
CA ASP C 185 12.99 -28.70 -7.42
C ASP C 185 11.98 -27.74 -6.76
N GLY C 186 12.16 -27.50 -5.46
CA GLY C 186 11.33 -26.60 -4.69
C GLY C 186 10.15 -27.27 -4.02
N THR C 187 10.22 -28.59 -3.87
CA THR C 187 9.19 -29.33 -3.15
C THR C 187 9.40 -29.16 -1.65
N VAL C 188 8.41 -28.56 -1.02
CA VAL C 188 8.42 -28.26 0.40
C VAL C 188 7.56 -29.29 1.12
N THR C 189 8.17 -30.01 2.06
CA THR C 189 7.46 -30.96 2.92
C THR C 189 7.26 -30.36 4.32
N MET C 190 6.03 -30.44 4.80
CA MET C 190 5.66 -29.96 6.12
C MET C 190 6.20 -30.86 7.22
N LEU C 191 6.39 -30.29 8.40
CA LEU C 191 6.78 -31.03 9.59
C LEU C 191 5.62 -31.91 10.08
N ASP C 192 5.92 -33.17 10.35
CA ASP C 192 4.98 -34.14 10.94
C ASP C 192 3.60 -34.14 10.24
N ASP C 193 2.53 -33.89 10.98
CA ASP C 193 1.18 -33.89 10.43
C ASP C 193 0.59 -32.47 10.28
N ASN C 194 1.45 -31.45 10.23
CA ASN C 194 1.06 -30.07 9.98
C ASN C 194 0.52 -29.90 8.56
N ARG C 195 -0.64 -29.27 8.45
CA ARG C 195 -1.24 -28.92 7.17
C ARG C 195 -0.81 -27.51 6.81
N HIS C 196 -0.34 -27.33 5.57
CA HIS C 196 0.07 -26.00 5.13
C HIS C 196 -1.09 -25.03 5.00
N GLY C 197 -2.25 -25.55 4.59
CA GLY C 197 -3.48 -24.75 4.44
C GLY C 197 -3.51 -23.81 3.23
N LEU C 198 -2.50 -23.90 2.37
CA LEU C 198 -2.35 -23.00 1.22
C LEU C 198 -3.15 -23.47 0.02
N GLU C 199 -3.50 -22.50 -0.82
CA GLU C 199 -4.20 -22.70 -2.10
C GLU C 199 -3.18 -22.45 -3.21
N ASP C 200 -3.42 -23.00 -4.41
CA ASP C 200 -2.58 -22.71 -5.59
C ASP C 200 -2.62 -21.22 -5.90
N GLY C 201 -1.44 -20.66 -6.16
CA GLY C 201 -1.33 -19.25 -6.49
C GLY C 201 -1.08 -18.33 -5.31
N ASN C 202 -1.10 -18.88 -4.09
CA ASN C 202 -0.64 -18.16 -2.87
C ASN C 202 0.86 -17.83 -2.96
N PHE C 203 1.30 -16.85 -2.17
CA PHE C 203 2.74 -16.52 -2.09
C PHE C 203 3.24 -16.67 -0.68
N VAL C 204 4.44 -17.21 -0.54
CA VAL C 204 5.06 -17.41 0.77
C VAL C 204 6.45 -16.76 0.81
N ARG C 205 6.86 -16.35 1.99
CA ARG C 205 8.27 -16.02 2.26
C ARG C 205 8.81 -17.07 3.24
N PHE C 206 10.13 -17.07 3.49
CA PHE C 206 10.74 -18.07 4.37
C PHE C 206 11.64 -17.46 5.42
N SER C 207 11.70 -18.09 6.58
CA SER C 207 12.69 -17.74 7.61
C SER C 207 13.28 -19.03 8.13
N GLU C 208 14.50 -18.94 8.66
CA GLU C 208 15.15 -20.06 9.40
C GLU C 208 15.50 -21.30 8.57
N VAL C 209 15.42 -21.19 7.25
CA VAL C 209 15.81 -22.30 6.37
C VAL C 209 17.34 -22.35 6.23
N GLU C 210 17.95 -23.29 6.96
CA GLU C 210 19.40 -23.48 6.92
C GLU C 210 19.81 -24.21 5.64
N GLY C 211 20.82 -23.65 4.96
CA GLY C 211 21.35 -24.23 3.73
C GLY C 211 20.89 -23.52 2.46
N LEU C 212 19.78 -22.78 2.57
CA LEU C 212 19.24 -22.02 1.44
C LEU C 212 19.32 -20.51 1.67
N ASP C 213 20.31 -20.10 2.47
CA ASP C 213 20.61 -18.69 2.87
C ASP C 213 19.67 -17.59 2.35
N LYS C 214 19.82 -17.20 1.07
CA LYS C 214 19.07 -16.10 0.45
C LYS C 214 17.55 -16.34 0.26
N LEU C 215 17.12 -17.60 0.32
CA LEU C 215 15.70 -17.95 0.38
C LEU C 215 14.95 -17.23 1.51
N ASN C 216 15.69 -16.86 2.56
CA ASN C 216 15.15 -16.24 3.77
C ASN C 216 15.07 -14.69 3.76
N ASP C 217 15.41 -14.05 2.63
CA ASP C 217 15.51 -12.59 2.57
C ASP C 217 14.20 -11.82 2.34
N GLY C 218 13.07 -12.55 2.37
CA GLY C 218 11.76 -11.95 2.08
C GLY C 218 11.29 -12.09 0.64
N THR C 219 12.07 -12.80 -0.18
CA THR C 219 11.68 -13.14 -1.56
C THR C 219 10.38 -13.94 -1.53
N LEU C 220 9.46 -13.64 -2.43
CA LEU C 220 8.19 -14.37 -2.50
C LEU C 220 8.27 -15.52 -3.48
N PHE C 221 7.55 -16.59 -3.15
CA PHE C 221 7.49 -17.77 -3.98
C PHE C 221 6.03 -18.11 -4.25
N LYS C 222 5.72 -18.34 -5.53
CA LYS C 222 4.40 -18.82 -5.95
C LYS C 222 4.22 -20.30 -5.55
N VAL C 223 3.08 -20.58 -4.93
CA VAL C 223 2.77 -21.88 -4.39
C VAL C 223 2.05 -22.75 -5.45
N GLU C 224 2.54 -23.99 -5.57
CA GLU C 224 1.88 -25.07 -6.32
C GLU C 224 1.62 -26.19 -5.30
N VAL C 225 0.35 -26.42 -5.00
CA VAL C 225 -0.08 -27.39 -3.99
C VAL C 225 0.04 -28.82 -4.55
N LEU C 226 0.62 -29.71 -3.74
CA LEU C 226 0.78 -31.12 -4.10
C LEU C 226 0.15 -31.97 -3.00
N GLY C 227 -1.16 -31.84 -2.81
CA GLY C 227 -1.83 -32.41 -1.66
C GLY C 227 -1.51 -31.68 -0.35
N PRO C 228 -2.07 -32.18 0.77
CA PRO C 228 -2.26 -31.34 1.95
C PRO C 228 -1.01 -31.10 2.80
N PHE C 229 0.04 -31.89 2.56
CA PHE C 229 1.25 -31.85 3.40
C PHE C 229 2.49 -31.40 2.64
N ALA C 230 2.32 -31.09 1.36
CA ALA C 230 3.43 -30.66 0.52
C ALA C 230 3.02 -29.59 -0.49
N PHE C 231 3.96 -28.72 -0.85
CA PHE C 231 3.76 -27.76 -1.92
C PHE C 231 5.08 -27.49 -2.60
N ARG C 232 5.03 -26.89 -3.80
CA ARG C 232 6.22 -26.61 -4.58
C ARG C 232 6.38 -25.12 -4.86
N ILE C 233 7.62 -24.64 -4.76
CA ILE C 233 7.96 -23.22 -4.92
C ILE C 233 8.85 -22.93 -6.16
N GLY C 234 8.98 -23.88 -7.07
CA GLY C 234 9.94 -23.76 -8.17
C GLY C 234 11.34 -24.09 -7.67
N SER C 235 12.30 -24.23 -8.60
CA SER C 235 13.65 -24.70 -8.28
C SER C 235 14.43 -23.80 -7.31
N VAL C 236 15.05 -24.43 -6.31
CA VAL C 236 15.89 -23.73 -5.32
C VAL C 236 17.39 -24.11 -5.38
N LYS C 237 17.77 -24.93 -6.36
CA LYS C 237 19.16 -25.42 -6.52
C LYS C 237 20.19 -24.28 -6.61
N GLU C 238 19.76 -23.14 -7.15
CA GLU C 238 20.55 -21.91 -7.21
C GLU C 238 20.88 -21.36 -5.81
N TYR C 239 19.92 -21.48 -4.88
CA TYR C 239 20.08 -21.03 -3.48
C TYR C 239 20.90 -21.99 -2.60
N GLY C 240 21.19 -23.19 -3.12
CA GLY C 240 22.04 -24.15 -2.42
C GLY C 240 21.34 -25.47 -2.17
N GLU C 241 21.59 -26.04 -0.99
CA GLU C 241 21.02 -27.33 -0.59
C GLU C 241 20.51 -27.27 0.84
N TYR C 242 19.26 -27.70 1.04
CA TYR C 242 18.60 -27.68 2.35
C TYR C 242 19.39 -28.47 3.41
N LYS C 243 19.40 -27.95 4.64
CA LYS C 243 20.00 -28.64 5.78
C LYS C 243 18.91 -29.02 6.78
N LYS C 244 18.27 -28.02 7.39
CA LYS C 244 17.24 -28.21 8.43
C LYS C 244 16.46 -26.92 8.69
N GLY C 245 15.36 -27.05 9.43
CA GLY C 245 14.58 -25.92 9.93
C GLY C 245 13.71 -25.24 8.90
N GLY C 246 13.17 -24.09 9.26
CA GLY C 246 12.33 -23.31 8.35
C GLY C 246 10.88 -23.09 8.74
N ILE C 247 10.43 -21.85 8.51
CA ILE C 247 9.02 -21.46 8.66
C ILE C 247 8.63 -20.70 7.40
N PHE C 248 7.59 -21.17 6.71
CA PHE C 248 6.98 -20.36 5.67
C PHE C 248 5.97 -19.38 6.29
N THR C 249 5.79 -18.23 5.64
CA THR C 249 4.73 -17.29 6.03
C THR C 249 4.11 -16.81 4.74
N GLU C 250 2.81 -17.03 4.62
CA GLU C 250 2.00 -16.54 3.50
C GLU C 250 2.05 -15.01 3.43
N VAL C 251 2.04 -14.50 2.21
CA VAL C 251 2.05 -13.06 1.95
C VAL C 251 0.99 -12.75 0.91
N LYS C 252 0.14 -11.78 1.18
CA LYS C 252 -0.90 -11.33 0.25
C LYS C 252 -0.30 -10.29 -0.68
N VAL C 253 -0.28 -10.61 -1.98
CA VAL C 253 0.25 -9.68 -2.98
C VAL C 253 -0.88 -8.76 -3.44
N PRO C 254 -0.54 -7.51 -3.84
CA PRO C 254 -1.56 -6.62 -4.42
C PRO C 254 -2.09 -7.18 -5.74
N ARG C 255 -3.35 -6.92 -6.02
CA ARG C 255 -3.98 -7.23 -7.29
C ARG C 255 -4.58 -5.93 -7.87
N LYS C 256 -4.10 -5.53 -9.04
CA LYS C 256 -4.70 -4.47 -9.85
C LYS C 256 -5.91 -5.08 -10.57
N ILE C 257 -7.07 -4.46 -10.42
CA ILE C 257 -8.27 -4.89 -11.13
C ILE C 257 -8.88 -3.71 -11.88
N SER C 258 -9.67 -4.02 -12.90
CA SER C 258 -10.19 -3.03 -13.79
C SER C 258 -11.71 -3.19 -13.91
N PHE C 259 -12.44 -2.12 -13.64
CA PHE C 259 -13.90 -2.10 -13.72
C PHE C 259 -14.35 -1.35 -14.96
N LYS C 260 -15.46 -1.81 -15.54
CA LYS C 260 -16.11 -1.12 -16.65
C LYS C 260 -17.18 -0.17 -16.15
N SER C 261 -17.43 0.89 -16.94
CA SER C 261 -18.51 1.85 -16.67
C SER C 261 -19.91 1.20 -16.64
N LEU C 262 -20.85 1.92 -16.04
CA LEU C 262 -22.24 1.49 -15.97
C LEU C 262 -22.83 1.30 -17.36
N LYS C 263 -22.58 2.26 -18.26
CA LYS C 263 -23.05 2.18 -19.65
C LYS C 263 -22.64 0.88 -20.31
N GLN C 264 -21.35 0.56 -20.28
CA GLN C 264 -20.85 -0.71 -20.84
C GLN C 264 -21.47 -1.92 -20.12
N GLN C 265 -21.63 -1.82 -18.79
CA GLN C 265 -22.12 -2.95 -17.98
C GLN C 265 -23.61 -3.25 -18.14
N LEU C 266 -24.38 -2.26 -18.59
CA LEU C 266 -25.80 -2.46 -18.87
C LEU C 266 -26.05 -3.46 -19.98
N SER C 267 -25.23 -3.47 -21.04
CA SER C 267 -25.41 -4.48 -22.09
C SER C 267 -24.48 -5.68 -22.02
N ASN C 268 -23.37 -5.55 -21.28
CA ASN C 268 -22.48 -6.70 -21.01
C ASN C 268 -22.13 -6.83 -19.53
N PRO C 269 -23.13 -7.18 -18.69
CA PRO C 269 -22.92 -7.20 -17.23
C PRO C 269 -22.04 -8.36 -16.76
N GLU C 270 -21.20 -8.09 -15.78
CA GLU C 270 -20.50 -9.16 -15.07
C GLU C 270 -21.23 -9.37 -13.73
N PHE C 271 -21.75 -10.59 -13.52
CA PHE C 271 -22.57 -10.93 -12.35
C PHE C 271 -21.80 -11.64 -11.24
N VAL C 272 -22.06 -11.22 -10.01
CA VAL C 272 -21.77 -12.02 -8.82
C VAL C 272 -23.14 -12.45 -8.32
N PHE C 273 -23.34 -13.74 -8.08
CA PHE C 273 -24.66 -14.26 -7.71
C PHE C 273 -24.91 -14.21 -6.21
N SER C 274 -26.16 -13.91 -5.83
CA SER C 274 -26.59 -13.90 -4.42
C SER C 274 -27.18 -15.25 -3.98
N ASP C 275 -27.57 -16.07 -4.93
CA ASP C 275 -28.20 -17.36 -4.65
C ASP C 275 -28.01 -18.26 -5.87
N PHE C 276 -27.12 -19.25 -5.73
CA PHE C 276 -26.72 -20.13 -6.84
C PHE C 276 -27.94 -20.92 -7.39
N ALA C 277 -28.90 -21.22 -6.52
CA ALA C 277 -30.20 -21.77 -6.91
C ALA C 277 -31.04 -20.86 -7.83
N LYS C 278 -30.65 -19.58 -7.92
CA LYS C 278 -31.41 -18.57 -8.67
C LYS C 278 -30.54 -17.88 -9.72
N PHE C 279 -29.39 -18.47 -10.09
CA PHE C 279 -28.43 -17.82 -11.02
C PHE C 279 -29.04 -17.37 -12.36
N ASP C 280 -30.04 -18.11 -12.83
CA ASP C 280 -30.79 -17.81 -14.04
C ASP C 280 -31.64 -16.53 -13.93
N ARG C 281 -31.89 -16.07 -12.70
CA ARG C 281 -32.77 -14.91 -12.47
C ARG C 281 -32.06 -13.56 -12.62
N ALA C 282 -30.73 -13.57 -12.45
CA ALA C 282 -29.92 -12.34 -12.43
C ALA C 282 -30.04 -11.57 -13.75
N ALA C 283 -29.85 -12.26 -14.88
CA ALA C 283 -29.93 -11.61 -16.18
C ALA C 283 -31.35 -11.11 -16.47
N GLN C 284 -32.36 -11.86 -16.01
CA GLN C 284 -33.76 -11.44 -16.11
C GLN C 284 -34.05 -10.14 -15.35
N LEU C 285 -33.60 -10.07 -14.10
CA LEU C 285 -33.80 -8.89 -13.26
C LEU C 285 -32.96 -7.69 -13.70
N HIS C 286 -31.81 -7.98 -14.30
CA HIS C 286 -30.97 -6.96 -14.93
C HIS C 286 -31.78 -6.20 -16.01
N LEU C 287 -32.46 -6.95 -16.88
CA LEU C 287 -33.37 -6.32 -17.86
C LEU C 287 -34.55 -5.66 -17.18
N GLY C 288 -35.10 -6.33 -16.16
CA GLY C 288 -36.27 -5.86 -15.42
C GLY C 288 -36.11 -4.52 -14.70
N PHE C 289 -34.99 -4.36 -13.99
CA PHE C 289 -34.66 -3.10 -13.31
C PHE C 289 -34.47 -1.95 -14.30
N GLN C 290 -33.81 -2.20 -15.44
CA GLN C 290 -33.73 -1.20 -16.50
C GLN C 290 -35.12 -0.87 -17.07
N ALA C 291 -35.90 -1.91 -17.41
CA ALA C 291 -37.28 -1.75 -17.89
C ALA C 291 -38.13 -0.90 -16.96
N LEU C 292 -37.90 -1.02 -15.65
CA LEU C 292 -38.61 -0.21 -14.66
C LEU C 292 -38.34 1.29 -14.81
N HIS C 293 -37.09 1.64 -15.11
CA HIS C 293 -36.70 3.04 -15.37
C HIS C 293 -37.36 3.56 -16.65
N GLN C 294 -37.32 2.78 -17.73
CA GLN C 294 -38.04 3.13 -18.98
C GLN C 294 -39.56 3.28 -18.77
N PHE C 295 -40.19 2.35 -18.05
CA PHE C 295 -41.60 2.49 -17.61
C PHE C 295 -41.87 3.84 -16.90
N ALA C 296 -40.99 4.24 -15.98
CA ALA C 296 -41.17 5.50 -15.25
C ALA C 296 -41.09 6.71 -16.20
N VAL C 297 -40.12 6.70 -17.12
CA VAL C 297 -39.98 7.75 -18.14
C VAL C 297 -41.31 7.89 -18.92
N ARG C 298 -41.81 6.77 -19.42
CA ARG C 298 -43.06 6.74 -20.18
C ARG C 298 -44.33 7.05 -19.36
N HIS C 299 -44.29 6.89 -18.04
CA HIS C 299 -45.48 7.12 -17.22
C HIS C 299 -45.32 8.22 -16.16
N ASN C 300 -44.75 9.37 -16.58
CA ASN C 300 -44.70 10.60 -15.75
C ASN C 300 -43.87 10.39 -14.44
N GLY C 301 -42.79 9.62 -14.58
CA GLY C 301 -41.92 9.24 -13.45
C GLY C 301 -42.54 8.24 -12.49
N GLU C 302 -43.71 7.68 -12.82
CA GLU C 302 -44.38 6.68 -11.97
C GLU C 302 -43.93 5.25 -12.24
N LEU C 303 -43.80 4.47 -11.17
CA LEU C 303 -43.51 3.03 -11.25
C LEU C 303 -44.79 2.26 -11.63
N PRO C 304 -44.68 0.99 -12.10
CA PRO C 304 -45.91 0.21 -12.32
C PRO C 304 -46.82 0.19 -11.09
N ARG C 305 -48.14 0.14 -11.34
CA ARG C 305 -49.11 0.12 -10.25
C ARG C 305 -49.07 -1.24 -9.56
N THR C 306 -49.29 -1.19 -8.25
CA THR C 306 -49.34 -2.37 -7.39
C THR C 306 -50.36 -3.41 -7.89
N MET C 307 -49.88 -4.62 -8.13
CA MET C 307 -50.69 -5.78 -8.55
C MET C 307 -51.44 -5.60 -9.88
N ASN C 308 -50.98 -4.66 -10.71
CA ASN C 308 -51.66 -4.27 -11.96
C ASN C 308 -51.19 -5.07 -13.17
N ASP C 309 -52.16 -5.79 -13.76
CA ASP C 309 -51.96 -6.65 -14.93
C ASP C 309 -51.46 -5.89 -16.16
N GLU C 310 -52.12 -4.76 -16.46
CA GLU C 310 -51.83 -3.93 -17.62
C GLU C 310 -50.38 -3.42 -17.59
N ASP C 311 -49.94 -2.93 -16.43
CA ASP C 311 -48.54 -2.47 -16.23
C ASP C 311 -47.50 -3.60 -16.31
N ALA C 312 -47.83 -4.75 -15.72
CA ALA C 312 -46.97 -5.93 -15.80
C ALA C 312 -46.73 -6.38 -17.24
N ASN C 313 -47.78 -6.37 -18.06
CA ASN C 313 -47.67 -6.69 -19.50
C ASN C 313 -46.80 -5.69 -20.23
N GLU C 314 -46.94 -4.41 -19.87
CA GLU C 314 -46.12 -3.36 -20.47
C GLU C 314 -44.63 -3.56 -20.12
N LEU C 315 -44.35 -3.86 -18.84
CA LEU C 315 -42.99 -4.12 -18.38
C LEU C 315 -42.38 -5.34 -19.08
N ILE C 316 -43.20 -6.38 -19.26
CA ILE C 316 -42.80 -7.57 -20.05
C ILE C 316 -42.43 -7.18 -21.49
N LYS C 317 -43.24 -6.29 -22.08
CA LYS C 317 -42.98 -5.83 -23.45
C LYS C 317 -41.64 -5.09 -23.51
N LEU C 318 -41.43 -4.17 -22.55
CA LEU C 318 -40.14 -3.44 -22.36
C LEU C 318 -38.94 -4.35 -22.15
N VAL C 319 -39.10 -5.40 -21.34
CA VAL C 319 -38.02 -6.38 -21.12
C VAL C 319 -37.72 -7.10 -22.44
N THR C 320 -38.77 -7.50 -23.16
CA THR C 320 -38.62 -8.19 -24.45
C THR C 320 -37.85 -7.32 -25.46
N ASP C 321 -38.21 -6.04 -25.55
CA ASP C 321 -37.53 -5.08 -26.42
C ASP C 321 -36.07 -4.89 -26.02
N LEU C 322 -35.84 -4.71 -24.72
CA LEU C 322 -34.49 -4.50 -24.21
C LEU C 322 -33.57 -5.70 -24.45
N SER C 323 -34.07 -6.93 -24.30
CA SER C 323 -33.29 -8.14 -24.61
C SER C 323 -32.82 -8.19 -26.07
N VAL C 324 -33.61 -7.61 -26.98
CA VAL C 324 -33.24 -7.46 -28.40
C VAL C 324 -32.11 -6.42 -28.57
N GLN C 325 -32.20 -5.31 -27.82
CA GLN C 325 -31.15 -4.27 -27.80
C GLN C 325 -29.89 -4.70 -27.03
N GLN C 326 -30.07 -5.62 -26.07
CA GLN C 326 -28.98 -6.06 -25.22
C GLN C 326 -28.80 -7.58 -25.32
N PRO C 327 -28.42 -8.09 -26.53
CA PRO C 327 -28.50 -9.52 -26.78
C PRO C 327 -27.59 -10.39 -25.90
N GLU C 328 -26.49 -9.85 -25.39
CA GLU C 328 -25.55 -10.62 -24.54
C GLU C 328 -26.01 -10.83 -23.09
N VAL C 329 -27.08 -10.14 -22.67
CA VAL C 329 -27.62 -10.28 -21.31
C VAL C 329 -28.23 -11.68 -21.09
N LEU C 330 -29.22 -12.05 -21.90
CA LEU C 330 -29.85 -13.36 -21.78
C LEU C 330 -29.06 -14.42 -22.55
N GLY C 331 -28.61 -14.05 -23.75
CA GLY C 331 -27.90 -14.96 -24.64
C GLY C 331 -28.84 -15.62 -25.64
N GLU C 332 -28.25 -16.39 -26.56
CA GLU C 332 -28.95 -17.07 -27.67
C GLU C 332 -30.11 -17.97 -27.20
N GLY C 333 -31.32 -17.63 -27.64
CA GLY C 333 -32.50 -18.47 -27.45
C GLY C 333 -33.11 -18.60 -26.06
N VAL C 334 -32.58 -17.86 -25.09
CA VAL C 334 -33.16 -17.81 -23.73
C VAL C 334 -34.32 -16.82 -23.74
N ASP C 335 -35.50 -17.27 -23.32
CA ASP C 335 -36.68 -16.43 -23.24
C ASP C 335 -36.74 -15.61 -21.95
N VAL C 336 -37.51 -14.53 -22.03
CA VAL C 336 -37.88 -13.68 -20.90
C VAL C 336 -38.73 -14.49 -19.93
N ASN C 337 -38.37 -14.45 -18.65
CA ASN C 337 -39.13 -15.10 -17.58
C ASN C 337 -40.30 -14.17 -17.22
N GLU C 338 -41.41 -14.39 -17.89
CA GLU C 338 -42.59 -13.51 -17.76
C GLU C 338 -43.21 -13.47 -16.36
N ASP C 339 -43.31 -14.64 -15.70
CA ASP C 339 -43.81 -14.68 -14.32
C ASP C 339 -42.89 -13.91 -13.36
N LEU C 340 -41.57 -13.98 -13.59
CA LEU C 340 -40.61 -13.24 -12.76
C LEU C 340 -40.73 -11.72 -12.96
N ILE C 341 -40.71 -11.27 -14.21
CA ILE C 341 -40.88 -9.85 -14.54
C ILE C 341 -42.23 -9.30 -14.08
N LYS C 342 -43.30 -10.09 -14.25
CA LYS C 342 -44.63 -9.72 -13.72
C LYS C 342 -44.57 -9.38 -12.22
N GLU C 343 -43.95 -10.27 -11.43
CA GLU C 343 -43.79 -10.04 -9.99
C GLU C 343 -42.98 -8.79 -9.67
N LEU C 344 -41.96 -8.49 -10.48
CA LEU C 344 -41.17 -7.27 -10.30
C LEU C 344 -42.07 -6.05 -10.49
N SER C 345 -42.87 -6.08 -11.56
CA SER C 345 -43.89 -5.04 -11.81
C SER C 345 -44.87 -4.88 -10.65
N TYR C 346 -45.48 -5.99 -10.23
CA TYR C 346 -46.45 -6.04 -9.11
C TYR C 346 -45.93 -5.45 -7.79
N GLN C 347 -44.63 -5.64 -7.53
CA GLN C 347 -43.98 -5.27 -6.27
C GLN C 347 -43.14 -4.00 -6.38
N ALA C 348 -43.07 -3.42 -7.59
CA ALA C 348 -42.15 -2.32 -7.90
C ALA C 348 -42.10 -1.22 -6.83
N ARG C 349 -43.26 -0.92 -6.24
CA ARG C 349 -43.39 0.17 -5.25
C ARG C 349 -43.13 -0.29 -3.83
N GLY C 350 -42.91 -1.59 -3.66
CA GLY C 350 -42.61 -2.14 -2.35
C GLY C 350 -41.32 -1.58 -1.78
N ASP C 351 -41.29 -1.40 -0.47
CA ASP C 351 -40.10 -0.93 0.24
C ASP C 351 -40.03 -1.74 1.55
N ILE C 352 -39.28 -2.84 1.48
CA ILE C 352 -39.32 -3.93 2.47
C ILE C 352 -38.08 -3.91 3.38
N PRO C 353 -38.27 -3.74 4.71
CA PRO C 353 -37.16 -3.54 5.67
C PRO C 353 -36.03 -4.57 5.58
N GLY C 354 -36.37 -5.85 5.42
CA GLY C 354 -35.38 -6.91 5.31
C GLY C 354 -34.47 -6.81 4.09
N VAL C 355 -35.04 -6.47 2.94
CA VAL C 355 -34.32 -6.22 1.69
C VAL C 355 -33.41 -5.00 1.81
N VAL C 356 -33.95 -3.92 2.38
CA VAL C 356 -33.22 -2.66 2.55
C VAL C 356 -32.03 -2.85 3.49
N ALA C 357 -32.21 -3.64 4.55
CA ALA C 357 -31.13 -3.98 5.47
C ALA C 357 -30.08 -4.86 4.80
N PHE C 358 -30.51 -5.80 3.97
CA PHE C 358 -29.57 -6.67 3.24
C PHE C 358 -28.64 -5.79 2.40
N PHE C 359 -29.24 -4.97 1.54
CA PHE C 359 -28.45 -4.10 0.66
C PHE C 359 -27.68 -2.98 1.35
N GLY C 360 -28.24 -2.49 2.46
CA GLY C 360 -27.62 -1.44 3.27
C GLY C 360 -26.31 -1.88 3.88
N GLY C 361 -26.29 -3.11 4.42
CA GLY C 361 -25.05 -3.71 4.93
C GLY C 361 -24.02 -4.00 3.85
N LEU C 362 -24.47 -4.63 2.78
CA LEU C 362 -23.64 -5.01 1.65
C LEU C 362 -22.97 -3.80 0.96
N VAL C 363 -23.78 -2.79 0.61
CA VAL C 363 -23.32 -1.60 -0.10
C VAL C 363 -22.40 -0.78 0.79
N ALA C 364 -22.74 -0.67 2.07
CA ALA C 364 -21.86 0.02 3.02
C ALA C 364 -20.50 -0.66 3.13
N GLN C 365 -20.46 -1.99 3.18
CA GLN C 365 -19.16 -2.69 3.14
C GLN C 365 -18.38 -2.40 1.84
N GLU C 366 -19.06 -2.43 0.70
CA GLU C 366 -18.48 -2.10 -0.60
C GLU C 366 -17.89 -0.70 -0.61
N VAL C 367 -18.58 0.27 -0.01
CA VAL C 367 -18.02 1.61 0.26
C VAL C 367 -16.68 1.52 0.99
N LEU C 368 -16.64 0.75 2.08
CA LEU C 368 -15.42 0.60 2.87
C LEU C 368 -14.29 -0.04 2.06
N LYS C 369 -14.63 -1.03 1.23
CA LYS C 369 -13.64 -1.65 0.31
C LYS C 369 -13.09 -0.62 -0.68
N ALA C 370 -14.01 0.18 -1.23
CA ALA C 370 -13.68 1.27 -2.17
C ALA C 370 -12.67 2.24 -1.55
N CYS C 371 -12.87 2.55 -0.27
CA CYS C 371 -12.03 3.48 0.48
C CYS C 371 -10.64 2.92 0.82
N SER C 372 -10.53 1.60 1.02
CA SER C 372 -9.35 1.01 1.68
C SER C 372 -8.45 0.07 0.87
N GLY C 373 -9.00 -0.59 -0.12
CA GLY C 373 -8.33 -1.73 -0.78
C GLY C 373 -8.43 -3.02 0.03
N LYS C 374 -9.17 -3.01 1.13
CA LYS C 374 -9.32 -4.20 1.98
C LYS C 374 -10.54 -4.99 1.51
N PHE C 375 -10.35 -6.29 1.24
CA PHE C 375 -11.37 -7.26 0.76
C PHE C 375 -11.57 -7.17 -0.75
N THR C 376 -12.30 -8.14 -1.31
CA THR C 376 -12.53 -8.23 -2.76
C THR C 376 -13.82 -7.51 -3.12
N PRO C 377 -13.72 -6.43 -3.93
CA PRO C 377 -14.93 -5.70 -4.31
C PRO C 377 -15.85 -6.56 -5.15
N LEU C 378 -17.15 -6.33 -4.99
CA LEU C 378 -18.16 -6.93 -5.85
C LEU C 378 -17.91 -6.48 -7.29
N LYS C 379 -17.85 -7.43 -8.22
CA LYS C 379 -17.48 -7.13 -9.60
C LYS C 379 -18.41 -7.81 -10.64
N GLN C 380 -19.42 -7.12 -11.19
CA GLN C 380 -19.79 -5.71 -10.88
C GLN C 380 -21.27 -5.56 -10.47
N PHE C 381 -22.11 -6.51 -10.88
CA PHE C 381 -23.55 -6.48 -10.58
C PHE C 381 -23.95 -7.64 -9.70
N MET C 382 -24.82 -7.37 -8.72
CA MET C 382 -25.47 -8.42 -7.94
CA MET C 382 -25.48 -8.42 -7.96
C MET C 382 -26.96 -8.12 -7.83
N TYR C 383 -27.78 -9.12 -8.14
CA TYR C 383 -29.23 -9.03 -8.06
C TYR C 383 -29.68 -10.03 -7.00
N PHE C 384 -30.74 -9.67 -6.27
CA PHE C 384 -31.27 -10.47 -5.18
C PHE C 384 -32.81 -10.46 -5.27
N ASP C 385 -33.42 -11.59 -4.90
CA ASP C 385 -34.87 -11.63 -4.64
C ASP C 385 -35.19 -12.56 -3.46
N SER C 386 -36.28 -12.27 -2.79
CA SER C 386 -36.73 -13.09 -1.70
C SER C 386 -38.20 -13.48 -1.92
N LEU C 387 -38.50 -13.97 -3.12
CA LEU C 387 -39.87 -14.28 -3.51
C LEU C 387 -40.56 -15.30 -2.60
N GLU C 388 -39.77 -16.15 -1.96
CA GLU C 388 -40.29 -17.16 -1.02
C GLU C 388 -40.98 -16.53 0.21
N SER C 389 -40.66 -15.28 0.52
CA SER C 389 -41.30 -14.55 1.61
C SER C 389 -42.79 -14.28 1.36
N LEU C 390 -43.20 -14.28 0.10
CA LEU C 390 -44.62 -14.08 -0.25
C LEU C 390 -45.51 -15.11 0.44
N PRO C 391 -46.58 -14.65 1.11
CA PRO C 391 -47.50 -15.60 1.73
C PRO C 391 -48.26 -16.38 0.66
N ASP C 392 -48.74 -17.57 1.02
CA ASP C 392 -49.69 -18.32 0.19
C ASP C 392 -50.92 -17.43 -0.01
N PRO C 393 -51.24 -17.09 -1.29
CA PRO C 393 -52.41 -16.22 -1.53
C PRO C 393 -53.77 -16.84 -1.15
N LYS C 394 -53.81 -18.16 -0.88
CA LYS C 394 -55.00 -18.80 -0.28
C LYS C 394 -55.26 -18.26 1.14
N ASN C 395 -54.19 -18.01 1.89
CA ASN C 395 -54.26 -17.47 3.26
C ASN C 395 -54.36 -15.95 3.28
N PHE C 396 -53.61 -15.31 2.38
CA PHE C 396 -53.56 -13.86 2.27
C PHE C 396 -53.63 -13.48 0.79
N PRO C 397 -54.87 -13.34 0.22
CA PRO C 397 -54.99 -12.92 -1.19
C PRO C 397 -54.31 -11.59 -1.53
N ARG C 398 -53.54 -11.58 -2.61
CA ARG C 398 -52.86 -10.41 -3.12
C ARG C 398 -53.59 -9.97 -4.36
N ASN C 399 -54.16 -8.77 -4.30
CA ASN C 399 -54.83 -8.15 -5.46
C ASN C 399 -54.77 -6.64 -5.30
N GLU C 400 -55.23 -5.92 -6.33
CA GLU C 400 -55.22 -4.46 -6.30
C GLU C 400 -55.92 -3.84 -5.08
N LYS C 401 -56.91 -4.56 -4.54
CA LYS C 401 -57.70 -4.08 -3.41
C LYS C 401 -57.02 -4.33 -2.06
N THR C 402 -56.45 -5.52 -1.86
CA THR C 402 -55.82 -5.87 -0.56
C THR C 402 -54.46 -5.18 -0.36
N THR C 403 -53.82 -4.80 -1.48
CA THR C 403 -52.48 -4.20 -1.48
C THR C 403 -52.50 -2.67 -1.62
N GLN C 404 -53.68 -2.08 -1.78
CA GLN C 404 -53.87 -0.63 -1.96
C GLN C 404 -53.40 0.18 -0.73
N PRO C 405 -52.91 1.43 -0.93
CA PRO C 405 -52.51 2.25 0.24
C PRO C 405 -53.67 2.53 1.19
N VAL C 406 -53.40 2.48 2.49
CA VAL C 406 -54.39 2.82 3.53
C VAL C 406 -54.01 4.09 4.29
N ASN C 407 -53.10 4.87 3.69
CA ASN C 407 -52.56 6.11 4.26
C ASN C 407 -51.88 5.85 5.61
N SER C 408 -50.89 4.95 5.59
CA SER C 408 -50.06 4.66 6.76
C SER C 408 -48.58 4.57 6.36
N ARG C 409 -47.72 4.58 7.38
CA ARG C 409 -46.28 4.39 7.19
C ARG C 409 -45.96 3.01 6.57
N TYR C 410 -46.89 2.08 6.72
CA TYR C 410 -46.76 0.69 6.30
C TYR C 410 -47.19 0.42 4.87
N ASP C 411 -47.64 1.46 4.16
CA ASP C 411 -48.26 1.34 2.83
C ASP C 411 -47.41 0.59 1.78
N ASN C 412 -46.10 0.83 1.80
CA ASN C 412 -45.19 0.18 0.85
C ASN C 412 -44.76 -1.23 1.27
N GLN C 413 -45.13 -1.62 2.49
CA GLN C 413 -45.11 -3.03 2.89
C GLN C 413 -46.42 -3.74 2.51
N ILE C 414 -47.54 -3.08 2.79
CA ILE C 414 -48.90 -3.50 2.37
C ILE C 414 -48.96 -3.68 0.85
N ALA C 415 -48.19 -2.86 0.11
CA ALA C 415 -48.15 -2.97 -1.35
C ALA C 415 -47.68 -4.36 -1.79
N VAL C 416 -46.82 -5.00 -1.01
CA VAL C 416 -46.31 -6.35 -1.33
C VAL C 416 -47.19 -7.43 -0.71
N PHE C 417 -47.47 -7.29 0.59
CA PHE C 417 -48.04 -8.36 1.40
C PHE C 417 -49.56 -8.30 1.62
N GLY C 418 -50.16 -7.12 1.41
CA GLY C 418 -51.57 -6.89 1.70
C GLY C 418 -51.81 -6.55 3.16
N LEU C 419 -52.93 -5.88 3.42
CA LEU C 419 -53.31 -5.37 4.75
C LEU C 419 -53.43 -6.43 5.84
N ASP C 420 -54.14 -7.53 5.55
CA ASP C 420 -54.40 -8.60 6.52
C ASP C 420 -53.11 -9.22 7.05
N PHE C 421 -52.15 -9.45 6.16
CA PHE C 421 -50.80 -9.95 6.52
C PHE C 421 -50.07 -8.98 7.44
N GLN C 422 -50.18 -7.68 7.15
CA GLN C 422 -49.54 -6.62 7.93
C GLN C 422 -50.16 -6.53 9.34
N LYS C 423 -51.48 -6.76 9.42
CA LYS C 423 -52.21 -6.82 10.70
C LYS C 423 -51.70 -7.98 11.57
N LYS C 424 -51.51 -9.15 10.96
CA LYS C 424 -50.97 -10.31 11.69
C LYS C 424 -49.52 -10.05 12.19
N ILE C 425 -48.70 -9.36 11.39
CA ILE C 425 -47.37 -8.91 11.86
C ILE C 425 -47.54 -8.09 13.15
N ALA C 426 -48.45 -7.10 13.11
CA ALA C 426 -48.78 -6.25 14.26
C ALA C 426 -49.26 -7.04 15.50
N ASN C 427 -50.04 -8.09 15.27
CA ASN C 427 -50.57 -8.91 16.37
C ASN C 427 -49.66 -10.08 16.80
N SER C 428 -48.41 -10.05 16.38
CA SER C 428 -47.43 -11.08 16.77
C SER C 428 -46.86 -10.80 18.16
N LYS C 429 -46.66 -11.88 18.93
CA LYS C 429 -46.02 -11.83 20.25
C LYS C 429 -44.66 -12.51 20.12
N VAL C 430 -43.61 -11.78 20.47
CA VAL C 430 -42.24 -12.22 20.15
C VAL C 430 -41.27 -11.95 21.27
N PHE C 431 -40.34 -12.90 21.42
CA PHE C 431 -39.32 -12.85 22.43
C PHE C 431 -37.97 -12.68 21.73
N LEU C 432 -37.23 -11.65 22.12
CA LEU C 432 -35.89 -11.36 21.60
C LEU C 432 -34.84 -11.49 22.70
N VAL C 433 -33.97 -12.49 22.54
CA VAL C 433 -32.97 -12.85 23.52
C VAL C 433 -31.65 -12.15 23.16
N GLY C 434 -31.41 -10.99 23.79
CA GLY C 434 -30.20 -10.21 23.55
C GLY C 434 -30.51 -8.85 22.96
N SER C 435 -29.75 -7.83 23.39
CA SER C 435 -29.96 -6.47 22.94
C SER C 435 -28.64 -5.79 22.58
N GLY C 436 -27.70 -6.58 22.03
CA GLY C 436 -26.43 -6.09 21.50
C GLY C 436 -26.55 -5.71 20.03
N ALA C 437 -25.59 -6.15 19.22
CA ALA C 437 -25.52 -5.77 17.79
C ALA C 437 -26.70 -6.29 16.98
N ILE C 438 -26.91 -7.61 16.95
CA ILE C 438 -28.06 -8.19 16.25
C ILE C 438 -29.37 -7.66 16.85
N GLY C 439 -29.45 -7.62 18.18
CA GLY C 439 -30.59 -7.11 18.94
C GLY C 439 -31.09 -5.72 18.52
N CYS C 440 -30.18 -4.75 18.50
CA CYS C 440 -30.48 -3.39 18.03
C CYS C 440 -31.00 -3.33 16.61
N GLU C 441 -30.38 -4.09 15.70
CA GLU C 441 -30.80 -4.10 14.31
C GLU C 441 -32.15 -4.80 14.21
N MET C 442 -32.33 -5.85 15.02
CA MET C 442 -33.58 -6.59 15.03
C MET C 442 -34.74 -5.68 15.44
N LEU C 443 -34.53 -4.93 16.53
CA LEU C 443 -35.55 -4.01 17.05
C LEU C 443 -35.89 -2.89 16.07
N LYS C 444 -34.87 -2.35 15.39
CA LYS C 444 -35.08 -1.37 14.31
C LYS C 444 -35.98 -1.93 13.22
N ASN C 445 -35.65 -3.13 12.73
CA ASN C 445 -36.45 -3.81 11.74
C ASN C 445 -37.91 -4.02 12.21
N TRP C 446 -38.06 -4.34 13.49
CA TRP C 446 -39.37 -4.62 14.06
C TRP C 446 -40.21 -3.36 14.22
N ALA C 447 -39.55 -2.26 14.62
CA ALA C 447 -40.17 -0.92 14.58
C ALA C 447 -40.72 -0.64 13.18
N LEU C 448 -39.93 -0.91 12.14
CA LEU C 448 -40.34 -0.58 10.76
C LEU C 448 -41.47 -1.50 10.27
N LEU C 449 -41.47 -2.73 10.76
CA LEU C 449 -42.52 -3.69 10.44
C LEU C 449 -43.79 -3.37 11.20
N GLY C 450 -43.65 -2.69 12.34
CA GLY C 450 -44.75 -2.50 13.29
C GLY C 450 -45.13 -3.83 13.93
N LEU C 451 -44.15 -4.72 14.07
CA LEU C 451 -44.32 -6.01 14.71
C LEU C 451 -44.63 -5.80 16.20
N GLY C 452 -45.67 -6.48 16.69
CA GLY C 452 -46.05 -6.41 18.09
C GLY C 452 -46.75 -5.13 18.54
N SER C 453 -47.10 -4.28 17.58
CA SER C 453 -47.78 -3.00 17.86
C SER C 453 -49.33 -3.10 17.81
N GLY C 454 -49.86 -4.28 17.54
CA GLY C 454 -51.30 -4.52 17.49
C GLY C 454 -51.81 -4.87 18.88
N SER C 455 -53.13 -4.72 19.09
CA SER C 455 -53.76 -4.97 20.39
C SER C 455 -53.43 -6.36 20.95
N ASP C 456 -53.39 -7.36 20.06
CA ASP C 456 -53.05 -8.73 20.47
C ASP C 456 -51.55 -9.06 20.45
N GLY C 457 -50.71 -8.11 20.08
CA GLY C 457 -49.26 -8.33 19.99
C GLY C 457 -48.44 -7.65 21.07
N TYR C 458 -47.19 -8.10 21.22
CA TYR C 458 -46.16 -7.41 22.01
C TYR C 458 -44.75 -7.88 21.61
N ILE C 459 -43.73 -7.22 22.19
CA ILE C 459 -42.32 -7.60 22.07
C ILE C 459 -41.74 -7.68 23.47
N VAL C 460 -41.16 -8.82 23.81
CA VAL C 460 -40.34 -8.95 25.01
C VAL C 460 -38.87 -9.05 24.58
N VAL C 461 -38.04 -8.15 25.09
CA VAL C 461 -36.60 -8.22 24.87
C VAL C 461 -35.85 -8.29 26.21
N THR C 462 -34.89 -9.20 26.29
CA THR C 462 -34.08 -9.34 27.49
C THR C 462 -32.55 -9.40 27.24
N ASP C 463 -31.82 -8.77 28.14
CA ASP C 463 -30.37 -8.72 28.15
C ASP C 463 -29.95 -8.29 29.55
N MET C 464 -29.00 -9.01 30.14
CA MET C 464 -28.49 -8.70 31.48
C MET C 464 -27.35 -7.66 31.48
N ASP C 465 -26.97 -7.21 30.29
CA ASP C 465 -25.76 -6.40 30.14
C ASP C 465 -26.07 -4.91 30.10
N SER C 466 -25.08 -4.13 30.51
CA SER C 466 -25.10 -2.68 30.41
C SER C 466 -24.27 -2.23 29.19
N ILE C 467 -24.54 -1.02 28.73
CA ILE C 467 -23.81 -0.42 27.59
C ILE C 467 -22.37 -0.02 27.98
N GLU C 468 -21.42 -0.42 27.13
CA GLU C 468 -19.99 -0.03 27.20
C GLU C 468 -19.60 0.76 25.93
N LYS C 469 -18.53 1.56 26.03
CA LYS C 469 -18.09 2.41 24.92
C LYS C 469 -17.81 1.66 23.61
N SER C 470 -17.14 0.51 23.70
CA SER C 470 -16.78 -0.32 22.53
C SER C 470 -17.99 -0.90 21.79
N ASN C 471 -19.15 -0.92 22.47
CA ASN C 471 -20.41 -1.35 21.88
C ASN C 471 -20.95 -0.36 20.86
N LEU C 472 -20.62 0.93 21.02
CA LEU C 472 -21.28 2.00 20.25
C LEU C 472 -21.06 1.91 18.74
N ASN C 473 -19.88 1.41 18.35
CA ASN C 473 -19.48 1.27 16.96
C ASN C 473 -20.44 0.39 16.11
N ARG C 474 -21.18 -0.51 16.75
CA ARG C 474 -22.06 -1.44 16.02
C ARG C 474 -23.45 -1.62 16.64
N GLN C 475 -23.68 -0.98 17.78
CA GLN C 475 -24.98 -1.04 18.47
C GLN C 475 -25.60 0.36 18.43
N PHE C 476 -26.20 0.67 17.27
CA PHE C 476 -26.46 2.04 16.84
C PHE C 476 -27.57 2.79 17.63
N LEU C 477 -28.37 2.04 18.40
CA LEU C 477 -29.44 2.60 19.26
C LEU C 477 -28.91 3.27 20.54
N PHE C 478 -27.61 3.13 20.79
CA PHE C 478 -26.97 3.64 22.00
C PHE C 478 -26.07 4.84 21.68
N ARG C 479 -26.21 5.89 22.50
CA ARG C 479 -25.35 7.08 22.43
C ARG C 479 -24.28 7.06 23.54
N PRO C 480 -23.23 7.90 23.44
CA PRO C 480 -22.24 7.98 24.56
C PRO C 480 -22.83 8.26 25.96
N LYS C 481 -23.89 9.07 26.01
CA LYS C 481 -24.63 9.39 27.26
C LYS C 481 -25.34 8.19 27.88
N ASP C 482 -25.48 7.10 27.13
CA ASP C 482 -26.17 5.88 27.58
C ASP C 482 -25.22 4.85 28.18
N VAL C 483 -23.92 5.13 28.14
CA VAL C 483 -22.90 4.22 28.68
C VAL C 483 -23.13 4.06 30.19
N GLY C 484 -23.24 2.81 30.63
CA GLY C 484 -23.63 2.49 32.01
C GLY C 484 -25.07 2.05 32.16
N LYS C 485 -25.95 2.54 31.27
CA LYS C 485 -27.37 2.14 31.31
C LYS C 485 -27.55 0.70 30.80
N ASN C 486 -28.76 0.16 30.91
CA ASN C 486 -29.06 -1.21 30.49
C ASN C 486 -29.41 -1.25 29.00
N LYS C 487 -28.75 -2.14 28.26
CA LYS C 487 -28.94 -2.27 26.80
C LYS C 487 -30.40 -2.38 26.39
N SER C 488 -31.10 -3.34 26.98
CA SER C 488 -32.49 -3.67 26.60
C SER C 488 -33.46 -2.50 26.82
N GLU C 489 -33.23 -1.75 27.89
CA GLU C 489 -34.05 -0.59 28.26
C GLU C 489 -33.86 0.62 27.34
N VAL C 490 -32.60 0.92 27.02
CA VAL C 490 -32.27 1.99 26.06
C VAL C 490 -32.75 1.66 24.64
N ALA C 491 -32.60 0.40 24.24
CA ALA C 491 -32.98 -0.06 22.91
C ALA C 491 -34.49 0.05 22.71
N ALA C 492 -35.27 -0.40 23.70
CA ALA C 492 -36.74 -0.31 23.64
C ALA C 492 -37.22 1.15 23.51
N GLU C 493 -36.61 2.05 24.29
CA GLU C 493 -36.92 3.49 24.24
C GLU C 493 -36.64 4.07 22.85
N ALA C 494 -35.46 3.74 22.31
CA ALA C 494 -35.00 4.30 21.04
C ALA C 494 -35.89 3.89 19.88
N VAL C 495 -36.38 2.66 19.88
CA VAL C 495 -37.25 2.24 18.75
C VAL C 495 -38.69 2.78 18.86
N CYS C 496 -39.14 3.06 20.09
CA CYS C 496 -40.44 3.75 20.29
C CYS C 496 -40.42 5.18 19.71
N ALA C 497 -39.27 5.84 19.84
CA ALA C 497 -39.01 7.12 19.15
C ALA C 497 -39.08 6.98 17.61
N MET C 498 -38.66 5.84 17.08
CA MET C 498 -38.72 5.57 15.63
C MET C 498 -40.13 5.25 15.14
N ASN C 499 -40.86 4.43 15.92
CA ASN C 499 -42.25 4.10 15.63
C ASN C 499 -43.09 4.16 16.92
N PRO C 500 -43.82 5.30 17.12
CA PRO C 500 -44.63 5.47 18.37
C PRO C 500 -45.73 4.40 18.56
N ASP C 501 -46.17 3.75 17.48
CA ASP C 501 -47.05 2.57 17.57
C ASP C 501 -46.54 1.48 18.52
N LEU C 502 -45.23 1.50 18.82
CA LEU C 502 -44.67 0.58 19.79
C LEU C 502 -44.62 1.11 21.23
N LYS C 503 -45.11 2.33 21.47
CA LYS C 503 -45.21 2.86 22.83
C LYS C 503 -46.02 1.89 23.72
N GLY C 504 -45.41 1.51 24.84
CA GLY C 504 -46.01 0.57 25.80
C GLY C 504 -46.22 -0.85 25.31
N LYS C 505 -45.65 -1.18 24.15
CA LYS C 505 -45.80 -2.51 23.57
C LYS C 505 -44.55 -3.40 23.72
N ILE C 506 -43.47 -2.84 24.26
CA ILE C 506 -42.21 -3.54 24.41
C ILE C 506 -41.89 -3.65 25.87
N ASN C 507 -41.72 -4.89 26.33
CA ASN C 507 -41.29 -5.18 27.70
C ASN C 507 -39.78 -5.40 27.70
N ALA C 508 -39.04 -4.38 28.13
CA ALA C 508 -37.59 -4.45 28.26
C ALA C 508 -37.17 -5.09 29.57
N LYS C 509 -36.63 -6.31 29.50
CA LYS C 509 -36.17 -7.04 30.70
C LYS C 509 -34.65 -7.07 30.81
N ILE C 510 -34.15 -7.19 32.03
CA ILE C 510 -32.72 -7.24 32.28
C ILE C 510 -32.24 -8.60 32.81
N ASP C 511 -32.98 -9.65 32.47
CA ASP C 511 -32.68 -11.02 32.93
C ASP C 511 -31.86 -11.86 31.95
N ARG C 512 -30.85 -12.56 32.49
CA ARG C 512 -30.03 -13.54 31.77
C ARG C 512 -30.78 -14.85 31.65
N VAL C 513 -31.12 -15.23 30.42
CA VAL C 513 -31.83 -16.48 30.13
C VAL C 513 -30.90 -17.67 30.45
N GLY C 514 -31.49 -18.74 30.98
CA GLY C 514 -30.72 -19.89 31.46
C GLY C 514 -31.45 -20.63 32.56
N PRO C 515 -30.86 -21.74 33.07
CA PRO C 515 -31.55 -22.55 34.08
C PRO C 515 -31.97 -21.74 35.32
N GLU C 516 -31.11 -20.81 35.75
CA GLU C 516 -31.35 -19.97 36.92
C GLU C 516 -32.57 -19.02 36.87
N THR C 517 -33.14 -18.76 35.68
CA THR C 517 -34.25 -17.79 35.57
C THR C 517 -35.54 -18.33 34.98
N GLU C 518 -35.73 -19.65 35.14
CA GLU C 518 -36.93 -20.33 34.64
C GLU C 518 -38.22 -19.97 35.40
N GLU C 519 -38.10 -19.38 36.59
CA GLU C 519 -39.26 -18.88 37.34
C GLU C 519 -39.80 -17.59 36.73
N ILE C 520 -38.93 -16.84 36.03
CA ILE C 520 -39.32 -15.65 35.29
C ILE C 520 -39.81 -16.07 33.90
N PHE C 521 -38.95 -16.82 33.19
CA PHE C 521 -39.29 -17.32 31.86
C PHE C 521 -39.87 -18.73 32.01
N ASN C 522 -41.15 -18.74 32.44
CA ASN C 522 -41.88 -19.95 32.84
C ASN C 522 -42.84 -20.42 31.75
N ASP C 523 -43.52 -21.56 31.97
CA ASP C 523 -44.46 -22.13 31.00
C ASP C 523 -45.41 -21.09 30.44
N SER C 524 -46.03 -20.33 31.34
CA SER C 524 -46.98 -19.27 31.00
C SER C 524 -46.38 -18.24 30.01
N PHE C 525 -45.13 -17.86 30.28
CA PHE C 525 -44.39 -16.91 29.42
C PHE C 525 -44.16 -17.43 28.00
N TRP C 526 -43.52 -18.60 27.88
CA TRP C 526 -43.16 -19.18 26.59
C TRP C 526 -44.37 -19.59 25.75
N GLU C 527 -45.42 -20.09 26.41
CA GLU C 527 -46.64 -20.60 25.74
C GLU C 527 -47.43 -19.54 24.97
N SER C 528 -47.41 -18.30 25.48
CA SER C 528 -48.15 -17.19 24.86
C SER C 528 -47.50 -16.70 23.54
N LEU C 529 -46.18 -16.89 23.41
CA LEU C 529 -45.39 -16.36 22.27
C LEU C 529 -45.74 -17.00 20.94
N ASP C 530 -45.70 -16.19 19.87
CA ASP C 530 -45.84 -16.71 18.50
C ASP C 530 -44.52 -17.30 17.96
N PHE C 531 -43.40 -16.65 18.28
CA PHE C 531 -42.05 -17.11 17.89
C PHE C 531 -40.94 -16.41 18.65
N VAL C 532 -39.73 -16.99 18.60
CA VAL C 532 -38.55 -16.51 19.33
C VAL C 532 -37.42 -16.14 18.36
N THR C 533 -36.61 -15.15 18.74
CA THR C 533 -35.49 -14.64 17.93
C THR C 533 -34.24 -14.51 18.80
N ASN C 534 -33.16 -15.18 18.40
CA ASN C 534 -31.85 -15.09 19.08
C ASN C 534 -31.07 -13.84 18.64
N ALA C 535 -30.31 -13.27 19.56
CA ALA C 535 -29.38 -12.17 19.27
C ALA C 535 -28.21 -12.28 20.24
N LEU C 536 -27.57 -13.46 20.20
CA LEU C 536 -26.63 -13.88 21.23
C LEU C 536 -25.18 -13.92 20.73
N ASP C 537 -24.24 -14.03 21.66
CA ASP C 537 -22.81 -14.10 21.34
C ASP C 537 -22.12 -15.36 21.92
N ASN C 538 -22.91 -16.41 22.13
CA ASN C 538 -22.49 -17.58 22.90
C ASN C 538 -23.29 -18.79 22.42
N VAL C 539 -22.57 -19.90 22.19
CA VAL C 539 -23.16 -21.18 21.71
C VAL C 539 -24.05 -21.87 22.78
N ASP C 540 -23.62 -21.86 24.04
CA ASP C 540 -24.40 -22.50 25.13
C ASP C 540 -25.75 -21.83 25.32
N ALA C 541 -25.76 -20.50 25.26
CA ALA C 541 -26.98 -19.69 25.34
C ALA C 541 -27.95 -20.01 24.21
N ARG C 542 -27.43 -20.12 22.99
CA ARG C 542 -28.22 -20.49 21.80
C ARG C 542 -28.84 -21.88 21.96
N THR C 543 -28.02 -22.81 22.45
CA THR C 543 -28.42 -24.19 22.72
C THR C 543 -29.55 -24.20 23.75
N TYR C 544 -29.35 -23.47 24.85
CA TYR C 544 -30.38 -23.32 25.87
C TYR C 544 -31.71 -22.82 25.30
N VAL C 545 -31.68 -21.71 24.52
CA VAL C 545 -32.90 -21.12 23.92
C VAL C 545 -33.56 -22.15 22.97
N ASP C 546 -32.73 -22.87 22.21
CA ASP C 546 -33.16 -23.92 21.28
C ASP C 546 -33.90 -25.09 21.97
N ARG C 547 -33.37 -25.53 23.12
CA ARG C 547 -34.01 -26.57 23.95
C ARG C 547 -35.40 -26.12 24.44
N ARG C 548 -35.50 -24.89 24.94
CA ARG C 548 -36.79 -24.26 25.28
C ARG C 548 -37.77 -24.24 24.11
N CYS C 549 -37.30 -23.79 22.94
CA CYS C 549 -38.15 -23.68 21.75
C CYS C 549 -38.66 -25.03 21.26
N VAL C 550 -37.83 -26.07 21.35
CA VAL C 550 -38.24 -27.45 21.03
C VAL C 550 -39.33 -27.88 22.01
N PHE C 551 -39.04 -27.75 23.32
CA PHE C 551 -39.98 -28.08 24.38
C PHE C 551 -41.35 -27.39 24.26
N TYR C 552 -41.38 -26.09 23.98
CA TYR C 552 -42.66 -25.36 23.84
C TYR C 552 -43.21 -25.31 22.42
N ARG C 553 -42.53 -26.01 21.49
CA ARG C 553 -42.86 -26.00 20.07
C ARG C 553 -43.03 -24.55 19.51
N LYS C 554 -42.03 -23.71 19.76
CA LYS C 554 -42.01 -22.35 19.19
C LYS C 554 -40.96 -22.21 18.06
N PRO C 555 -41.30 -21.49 16.98
CA PRO C 555 -40.30 -21.24 15.93
C PRO C 555 -39.16 -20.37 16.43
N LEU C 556 -37.93 -20.68 16.00
CA LEU C 556 -36.76 -19.90 16.38
C LEU C 556 -35.99 -19.34 15.17
N LEU C 557 -35.76 -18.03 15.19
CA LEU C 557 -34.94 -17.35 14.18
C LEU C 557 -33.57 -17.11 14.79
N GLU C 558 -32.59 -17.85 14.30
CA GLU C 558 -31.22 -17.79 14.80
C GLU C 558 -30.28 -17.10 13.80
N SER C 559 -29.29 -16.35 14.31
CA SER C 559 -28.28 -15.72 13.46
C SER C 559 -26.97 -15.46 14.22
N GLY C 560 -25.88 -15.31 13.47
CA GLY C 560 -24.58 -15.03 14.04
C GLY C 560 -23.70 -14.29 13.05
N THR C 561 -22.69 -13.59 13.58
CA THR C 561 -21.64 -12.93 12.79
C THR C 561 -20.26 -13.22 13.39
N LEU C 562 -19.22 -12.99 12.58
CA LEU C 562 -17.83 -12.98 13.01
C LEU C 562 -17.11 -12.21 11.91
N GLY C 563 -16.72 -10.99 12.20
CA GLY C 563 -16.20 -10.07 11.18
C GLY C 563 -17.14 -9.96 10.00
N THR C 564 -16.64 -10.30 8.80
CA THR C 564 -17.41 -10.19 7.56
C THR C 564 -18.33 -11.40 7.32
N LYS C 565 -18.22 -12.40 8.18
CA LYS C 565 -18.95 -13.66 8.01
C LYS C 565 -20.21 -13.62 8.84
N GLY C 566 -21.25 -14.29 8.37
CA GLY C 566 -22.53 -14.33 9.06
C GLY C 566 -23.34 -15.51 8.59
N ASN C 567 -24.41 -15.82 9.33
CA ASN C 567 -25.27 -16.95 9.00
C ASN C 567 -26.64 -16.75 9.62
N THR C 568 -27.65 -17.36 9.02
CA THR C 568 -29.00 -17.37 9.58
C THR C 568 -29.48 -18.81 9.57
N GLN C 569 -30.25 -19.19 10.59
CA GLN C 569 -30.87 -20.50 10.63
C GLN C 569 -32.30 -20.38 11.14
N VAL C 570 -33.20 -21.06 10.45
CA VAL C 570 -34.60 -21.10 10.84
C VAL C 570 -34.89 -22.50 11.38
N ILE C 571 -35.59 -22.53 12.52
CA ILE C 571 -35.98 -23.75 13.24
C ILE C 571 -37.51 -23.77 13.31
N ILE C 572 -38.13 -24.74 12.61
CA ILE C 572 -39.59 -24.77 12.48
C ILE C 572 -40.18 -26.02 13.20
N PRO C 573 -41.09 -25.79 14.17
CA PRO C 573 -41.83 -26.86 14.89
C PRO C 573 -42.48 -27.86 13.95
N ARG C 574 -42.22 -29.15 14.21
CA ARG C 574 -42.72 -30.29 13.40
C ARG C 574 -42.27 -30.29 11.91
N LEU C 575 -41.17 -29.61 11.61
CA LEU C 575 -40.68 -29.56 10.23
C LEU C 575 -39.18 -29.81 10.10
N THR C 576 -38.37 -29.05 10.84
CA THR C 576 -36.93 -29.02 10.64
C THR C 576 -36.19 -29.58 11.83
N GLU C 577 -34.91 -29.92 11.63
CA GLU C 577 -33.99 -30.14 12.74
C GLU C 577 -33.85 -28.80 13.51
N SER C 578 -33.29 -28.86 14.72
CA SER C 578 -33.15 -27.64 15.53
C SER C 578 -31.67 -27.20 15.57
N TYR C 579 -31.40 -26.05 16.18
CA TYR C 579 -30.00 -25.58 16.32
C TYR C 579 -29.05 -26.66 16.84
N SER C 580 -29.46 -27.34 17.92
CA SER C 580 -28.65 -28.38 18.61
C SER C 580 -28.47 -29.69 17.84
N SER C 581 -29.27 -29.90 16.80
CA SER C 581 -29.17 -31.10 15.94
C SER C 581 -27.81 -31.28 15.26
N SER C 582 -27.03 -30.21 15.17
CA SER C 582 -25.71 -30.25 14.51
C SER C 582 -24.61 -29.58 15.33
N ARG C 583 -23.37 -29.86 14.95
CA ARG C 583 -22.21 -29.44 15.71
C ARG C 583 -21.34 -28.48 14.91
N ASP C 584 -20.83 -27.47 15.61
CA ASP C 584 -19.87 -26.53 15.07
C ASP C 584 -18.46 -26.97 15.46
N PRO C 585 -17.42 -26.58 14.68
CA PRO C 585 -16.06 -26.89 15.12
C PRO C 585 -15.73 -26.35 16.51
N PRO C 586 -15.17 -27.20 17.40
CA PRO C 586 -14.79 -26.70 18.74
C PRO C 586 -13.51 -25.88 18.67
N GLU C 587 -13.21 -25.13 19.73
CA GLU C 587 -11.97 -24.36 19.81
C GLU C 587 -10.75 -25.30 19.93
N LYS C 588 -9.67 -24.97 19.22
CA LYS C 588 -8.43 -25.75 19.25
C LYS C 588 -7.75 -25.69 20.63
N SER C 589 -7.28 -26.84 21.10
CA SER C 589 -6.66 -26.96 22.42
C SER C 589 -5.13 -27.12 22.31
N ILE C 590 -4.40 -26.23 22.97
CA ILE C 590 -2.92 -26.26 22.93
C ILE C 590 -2.42 -27.31 23.93
N PRO C 591 -1.55 -28.24 23.46
CA PRO C 591 -0.88 -29.20 24.36
C PRO C 591 -0.22 -28.53 25.56
N LEU C 592 -0.41 -29.12 26.74
CA LEU C 592 0.07 -28.56 28.01
C LEU C 592 1.58 -28.39 28.05
N CYS C 593 2.30 -29.29 27.37
CA CYS C 593 3.75 -29.24 27.25
C CYS C 593 4.23 -28.10 26.36
N THR C 594 3.52 -27.88 25.24
CA THR C 594 3.71 -26.70 24.39
C THR C 594 3.62 -25.41 25.23
N LEU C 595 2.59 -25.31 26.07
CA LEU C 595 2.43 -24.15 26.96
C LEU C 595 3.53 -24.01 28.01
N ARG C 596 3.90 -25.14 28.63
CA ARG C 596 4.79 -25.15 29.77
C ARG C 596 6.25 -24.97 29.35
N SER C 597 6.66 -25.70 28.32
CA SER C 597 8.07 -25.84 27.97
C SER C 597 8.42 -25.51 26.53
N PHE C 598 7.51 -25.79 25.60
CA PHE C 598 7.86 -25.73 24.17
C PHE C 598 6.98 -24.82 23.28
N PRO C 599 6.84 -23.51 23.62
CA PRO C 599 6.02 -22.64 22.76
C PRO C 599 6.70 -22.35 21.44
N ASN C 600 5.93 -22.24 20.36
CA ASN C 600 6.45 -21.83 19.05
C ASN C 600 5.60 -20.76 18.32
N LYS C 601 4.56 -20.29 18.99
CA LYS C 601 3.67 -19.26 18.46
C LYS C 601 3.32 -18.26 19.56
N ILE C 602 2.96 -17.04 19.16
CA ILE C 602 2.62 -15.99 20.13
C ILE C 602 1.37 -16.32 20.96
N ASP C 603 0.47 -17.12 20.37
CA ASP C 603 -0.74 -17.63 21.09
C ASP C 603 -0.34 -18.44 22.33
N HIS C 604 0.76 -19.20 22.21
CA HIS C 604 1.30 -20.03 23.31
C HIS C 604 1.89 -19.18 24.44
N THR C 605 2.57 -18.10 24.09
CA THR C 605 3.17 -17.23 25.10
C THR C 605 2.13 -16.30 25.74
N ILE C 606 1.11 -15.93 24.97
CA ILE C 606 0.01 -15.11 25.50
C ILE C 606 -0.82 -15.89 26.52
N ALA C 607 -1.15 -17.14 26.21
CA ALA C 607 -1.91 -18.00 27.13
C ALA C 607 -1.12 -18.24 28.43
N TRP C 608 0.18 -18.49 28.28
CA TRP C 608 1.12 -18.65 29.40
C TRP C 608 1.15 -17.41 30.29
N ALA C 609 1.23 -16.25 29.64
CA ALA C 609 1.23 -14.95 30.34
C ALA C 609 -0.08 -14.68 31.05
N LYS C 610 -1.18 -15.12 30.44
CA LYS C 610 -2.51 -14.90 30.99
C LYS C 610 -2.73 -15.75 32.26
N SER C 611 -2.27 -17.00 32.23
CA SER C 611 -2.27 -17.90 33.38
C SER C 611 -1.44 -17.34 34.51
N LEU C 612 -0.21 -16.89 34.18
CA LEU C 612 0.71 -16.28 35.13
C LEU C 612 0.09 -15.05 35.80
N PHE C 613 -0.58 -14.23 34.98
CA PHE C 613 -1.34 -13.05 35.44
C PHE C 613 -2.42 -13.45 36.46
N GLN C 614 -3.27 -14.40 36.10
CA GLN C 614 -4.32 -14.93 36.98
C GLN C 614 -3.69 -15.48 38.27
N GLY C 615 -2.65 -16.30 38.12
CA GLY C 615 -1.84 -16.82 39.23
C GLY C 615 -1.34 -15.75 40.17
N TYR C 616 -0.57 -14.79 39.66
CA TYR C 616 0.05 -13.73 40.47
C TYR C 616 -0.93 -12.79 41.19
N PHE C 617 -2.02 -12.42 40.49
CA PHE C 617 -2.79 -11.25 40.89
C PHE C 617 -4.24 -11.51 41.27
N THR C 618 -4.73 -12.71 40.95
CA THR C 618 -6.12 -13.09 41.25
C THR C 618 -6.17 -14.29 42.22
N ASP C 619 -5.64 -15.43 41.78
CA ASP C 619 -5.66 -16.68 42.55
C ASP C 619 -4.85 -16.61 43.86
N SER C 620 -3.61 -16.15 43.77
CA SER C 620 -2.74 -15.94 44.94
C SER C 620 -3.38 -15.05 46.02
N ALA C 621 -4.03 -13.98 45.59
CA ALA C 621 -4.72 -13.09 46.50
C ALA C 621 -5.96 -13.76 47.09
N GLU C 622 -6.66 -14.56 46.27
CA GLU C 622 -7.84 -15.33 46.70
C GLU C 622 -7.50 -16.38 47.76
N ASN C 623 -6.45 -17.16 47.52
CA ASN C 623 -5.99 -18.23 48.43
C ASN C 623 -5.50 -17.70 49.77
N VAL C 624 -4.74 -16.59 49.74
CA VAL C 624 -4.26 -15.91 50.94
C VAL C 624 -5.43 -15.37 51.79
N ASN C 625 -6.44 -14.81 51.14
CA ASN C 625 -7.66 -14.36 51.81
C ASN C 625 -8.52 -15.51 52.40
N MET C 626 -8.25 -16.74 51.94
CA MET C 626 -8.89 -17.95 52.50
C MET C 626 -8.17 -18.50 53.74
N TYR C 627 -6.85 -18.34 53.80
CA TYR C 627 -6.05 -18.64 55.01
C TYR C 627 -5.99 -17.44 55.97
N LEU C 628 -7.03 -16.61 55.95
CA LEU C 628 -7.21 -15.48 56.88
C LEU C 628 -8.68 -15.27 57.26
N VAL C 644 -2.36 -28.51 45.02
CA VAL C 644 -1.96 -28.74 46.41
C VAL C 644 -0.60 -28.10 46.72
N LYS C 645 0.44 -28.56 46.03
CA LYS C 645 1.78 -27.94 46.09
C LYS C 645 1.74 -26.50 45.56
N GLY C 646 0.92 -26.30 44.52
CA GLY C 646 0.69 -24.99 43.93
C GLY C 646 0.00 -24.01 44.86
N VAL C 647 -1.10 -24.46 45.48
CA VAL C 647 -1.89 -23.66 46.42
C VAL C 647 -1.08 -23.32 47.67
N LEU C 648 -0.26 -24.27 48.12
CA LEU C 648 0.63 -24.08 49.27
C LEU C 648 1.74 -23.06 48.96
N GLU C 649 2.33 -23.17 47.77
CA GLU C 649 3.35 -22.22 47.30
C GLU C 649 2.77 -20.80 47.07
N SER C 650 1.56 -20.73 46.52
CA SER C 650 0.85 -19.46 46.29
C SER C 650 0.51 -18.72 47.59
N ILE C 651 0.13 -19.47 48.62
CA ILE C 651 -0.26 -18.90 49.91
C ILE C 651 0.95 -18.42 50.72
N SER C 652 2.07 -19.14 50.59
CA SER C 652 3.29 -18.87 51.34
C SER C 652 4.11 -17.70 50.77
N ASP C 653 4.23 -17.66 49.44
CA ASP C 653 5.01 -16.63 48.75
C ASP C 653 4.49 -15.21 48.95
N SER C 654 3.16 -15.07 48.95
CA SER C 654 2.51 -13.77 49.15
C SER C 654 2.63 -13.28 50.59
N LEU C 655 2.44 -14.18 51.56
CA LEU C 655 2.46 -13.82 52.98
C LEU C 655 3.86 -13.43 53.51
N SER C 656 4.89 -14.15 53.05
CA SER C 656 6.27 -13.94 53.52
C SER C 656 6.97 -12.71 52.92
N SER C 657 6.90 -12.59 51.58
CA SER C 657 7.55 -11.50 50.86
C SER C 657 6.64 -10.28 50.68
N LYS C 658 6.02 -9.85 51.78
CA LYS C 658 5.02 -8.76 51.77
C LYS C 658 5.65 -7.38 51.51
N PRO C 659 5.14 -6.63 50.51
CA PRO C 659 5.59 -5.26 50.26
C PRO C 659 5.05 -4.25 51.27
N HIS C 660 5.79 -3.15 51.46
CA HIS C 660 5.37 -2.05 52.32
C HIS C 660 5.42 -0.67 51.64
N ASN C 661 6.09 -0.62 50.50
CA ASN C 661 6.13 0.57 49.64
C ASN C 661 6.09 0.13 48.17
N PHE C 662 6.11 1.09 47.25
CA PHE C 662 6.16 0.76 45.83
C PHE C 662 7.49 0.14 45.38
N GLU C 663 8.61 0.63 45.93
CA GLU C 663 9.94 0.06 45.69
C GLU C 663 10.02 -1.46 45.91
N ASP C 664 9.31 -1.96 46.91
CA ASP C 664 9.25 -3.39 47.21
C ASP C 664 8.54 -4.18 46.11
N CYS C 665 7.55 -3.56 45.48
CA CYS C 665 6.82 -4.15 44.36
C CYS C 665 7.72 -4.25 43.11
N ILE C 666 8.49 -3.18 42.87
CA ILE C 666 9.50 -3.13 41.80
C ILE C 666 10.51 -4.26 41.98
N LYS C 667 11.01 -4.41 43.21
CA LYS C 667 11.95 -5.46 43.58
C LYS C 667 11.37 -6.84 43.30
N TRP C 668 10.14 -7.06 43.75
CA TRP C 668 9.40 -8.30 43.53
C TRP C 668 9.28 -8.63 42.02
N ALA C 669 8.89 -7.62 41.22
CA ALA C 669 8.67 -7.78 39.77
C ALA C 669 9.98 -8.12 39.05
N ARG C 670 11.05 -7.40 39.40
CA ARG C 670 12.40 -7.67 38.87
C ARG C 670 12.89 -9.08 39.20
N LEU C 671 12.64 -9.52 40.44
CA LEU C 671 12.99 -10.89 40.84
C LEU C 671 12.17 -11.96 40.12
N GLU C 672 10.89 -11.68 39.86
CA GLU C 672 10.04 -12.56 39.04
C GLU C 672 10.57 -12.70 37.61
N PHE C 673 10.94 -11.57 37.00
CA PHE C 673 11.57 -11.56 35.67
C PHE C 673 12.74 -12.54 35.62
N GLU C 674 13.60 -12.48 36.63
CA GLU C 674 14.77 -13.37 36.72
C GLU C 674 14.39 -14.83 36.84
N LYS C 675 13.37 -15.11 37.65
CA LYS C 675 12.83 -16.45 37.79
C LYS C 675 12.31 -16.96 36.43
N LYS C 676 11.46 -16.18 35.78
CA LYS C 676 10.69 -16.67 34.62
C LYS C 676 11.45 -16.72 33.29
N PHE C 677 12.34 -15.75 33.09
CA PHE C 677 12.97 -15.57 31.78
C PHE C 677 14.47 -15.85 31.77
N ASN C 678 15.03 -16.21 32.92
CA ASN C 678 16.44 -16.54 33.03
C ASN C 678 16.64 -17.89 33.73
N HIS C 679 16.22 -17.96 34.99
CA HIS C 679 16.41 -19.15 35.84
C HIS C 679 15.68 -20.37 35.30
N ASP C 680 14.35 -20.26 35.12
CA ASP C 680 13.50 -21.34 34.61
C ASP C 680 13.95 -21.84 33.24
N ILE C 681 14.44 -20.93 32.40
CA ILE C 681 14.96 -21.27 31.08
C ILE C 681 16.28 -22.03 31.20
N LYS C 682 17.17 -21.53 32.08
CA LYS C 682 18.43 -22.23 32.40
C LYS C 682 18.19 -23.64 32.96
N GLN C 683 17.13 -23.79 33.76
CA GLN C 683 16.71 -25.09 34.29
C GLN C 683 16.27 -26.05 33.19
N LEU C 684 15.56 -25.52 32.18
CA LEU C 684 15.11 -26.32 31.04
C LEU C 684 16.30 -26.78 30.17
N LEU C 685 17.24 -25.86 29.93
CA LEU C 685 18.46 -26.14 29.17
C LEU C 685 19.39 -27.10 29.91
N PHE C 686 19.26 -27.16 31.24
CA PHE C 686 20.02 -28.12 32.04
C PHE C 686 19.52 -29.55 31.79
N ASN C 687 18.20 -29.73 31.80
CA ASN C 687 17.58 -31.02 31.47
C ASN C 687 17.76 -31.41 30.00
N PHE C 688 17.76 -30.41 29.11
CA PHE C 688 17.96 -30.62 27.67
C PHE C 688 18.87 -29.55 27.11
N PRO C 689 20.20 -29.80 27.06
CA PRO C 689 21.15 -28.81 26.51
C PRO C 689 20.84 -28.46 25.04
N LYS C 690 21.39 -27.34 24.55
CA LYS C 690 21.18 -26.89 23.17
C LYS C 690 21.44 -27.99 22.13
N ASP C 691 22.46 -28.81 22.38
CA ASP C 691 22.88 -29.90 21.48
C ASP C 691 22.27 -31.28 21.79
N ALA C 692 21.38 -31.35 22.79
CA ALA C 692 20.70 -32.60 23.18
C ALA C 692 20.09 -33.37 22.00
N LYS C 693 20.16 -34.70 22.08
CA LYS C 693 19.75 -35.58 20.99
C LYS C 693 18.83 -36.69 21.48
N THR C 694 18.31 -37.48 20.53
CA THR C 694 17.49 -38.67 20.82
C THR C 694 18.09 -39.92 20.12
N GLY C 697 18.16 -40.97 17.00
CA GLY C 697 19.40 -40.20 16.84
C GLY C 697 19.25 -38.77 16.36
N GLU C 698 18.01 -38.25 16.35
CA GLU C 698 17.67 -36.89 15.89
C GLU C 698 17.99 -35.79 16.93
N PRO C 699 18.22 -34.52 16.48
CA PRO C 699 18.44 -33.43 17.45
C PRO C 699 17.16 -33.10 18.22
N PHE C 700 17.28 -32.88 19.53
CA PHE C 700 16.11 -32.63 20.40
C PHE C 700 15.40 -31.30 20.10
N TRP C 701 16.18 -30.24 19.88
CA TRP C 701 15.63 -28.93 19.60
C TRP C 701 15.44 -28.70 18.09
N SER C 702 14.39 -29.31 17.54
CA SER C 702 13.96 -29.04 16.17
C SER C 702 12.44 -29.04 16.06
N GLY C 703 11.92 -28.50 14.95
CA GLY C 703 10.48 -28.36 14.74
C GLY C 703 9.83 -27.50 15.81
N ALA C 704 8.74 -28.00 16.37
CA ALA C 704 7.97 -27.35 17.44
C ALA C 704 8.78 -26.95 18.68
N LYS C 705 9.90 -27.65 18.90
CA LYS C 705 10.79 -27.37 20.03
C LYS C 705 11.89 -26.41 19.58
N ARG C 706 11.87 -25.22 20.16
CA ARG C 706 12.81 -24.16 19.81
C ARG C 706 13.71 -23.89 21.01
N ALA C 707 15.02 -24.05 20.81
CA ALA C 707 16.01 -23.91 21.90
C ALA C 707 16.08 -22.48 22.45
N PRO C 708 15.62 -22.28 23.70
CA PRO C 708 15.56 -20.93 24.22
C PRO C 708 16.91 -20.39 24.70
N THR C 709 17.01 -19.06 24.74
CA THR C 709 18.11 -18.35 25.37
C THR C 709 17.56 -17.60 26.58
N PRO C 710 18.23 -17.71 27.76
CA PRO C 710 17.83 -16.94 28.94
C PRO C 710 18.04 -15.44 28.68
N LEU C 711 17.12 -14.63 29.22
CA LEU C 711 17.20 -13.17 29.07
C LEU C 711 18.07 -12.50 30.14
N GLU C 712 18.88 -11.55 29.71
CA GLU C 712 19.55 -10.63 30.63
C GLU C 712 18.75 -9.33 30.65
N PHE C 713 18.17 -9.03 31.81
CA PHE C 713 17.31 -7.85 31.98
C PHE C 713 17.98 -6.59 31.46
N ASP C 714 17.25 -5.86 30.62
CA ASP C 714 17.74 -4.63 30.03
C ASP C 714 16.56 -3.68 30.09
N ILE C 715 16.61 -2.72 31.01
CA ILE C 715 15.49 -1.80 31.25
C ILE C 715 15.09 -0.97 30.01
N TYR C 716 16.00 -0.91 29.03
CA TYR C 716 15.79 -0.18 27.76
C TYR C 716 15.01 -1.03 26.76
N ASN C 717 14.94 -2.34 27.00
CA ASN C 717 14.00 -3.17 26.26
C ASN C 717 12.60 -2.91 26.80
N ASN C 718 11.70 -2.54 25.90
CA ASN C 718 10.35 -2.14 26.25
C ASN C 718 9.56 -3.22 27.00
N ASP C 719 9.71 -4.47 26.57
CA ASP C 719 9.03 -5.60 27.21
C ASP C 719 9.56 -5.89 28.63
N HIS C 720 10.88 -5.77 28.81
CA HIS C 720 11.52 -5.93 30.12
C HIS C 720 10.99 -4.86 31.07
N PHE C 721 11.08 -3.60 30.63
CA PHE C 721 10.60 -2.45 31.37
C PHE C 721 9.12 -2.60 31.75
N HIS C 722 8.28 -2.91 30.77
CA HIS C 722 6.85 -2.99 31.02
C HIS C 722 6.41 -4.19 31.87
N PHE C 723 7.18 -5.28 31.82
CA PHE C 723 6.97 -6.41 32.73
C PHE C 723 7.09 -5.92 34.20
N VAL C 724 8.15 -5.17 34.48
CA VAL C 724 8.44 -4.67 35.82
C VAL C 724 7.41 -3.61 36.23
N VAL C 725 7.10 -2.68 35.32
CA VAL C 725 6.13 -1.60 35.61
C VAL C 725 4.75 -2.18 35.92
N ALA C 726 4.25 -3.04 35.04
CA ALA C 726 2.92 -3.60 35.18
C ALA C 726 2.83 -4.61 36.32
N GLY C 727 3.82 -5.47 36.44
CA GLY C 727 3.92 -6.46 37.53
C GLY C 727 4.00 -5.83 38.91
N ALA C 728 4.77 -4.75 39.04
CA ALA C 728 4.85 -4.00 40.30
C ALA C 728 3.55 -3.26 40.60
N SER C 729 2.93 -2.71 39.57
CA SER C 729 1.68 -1.95 39.71
C SER C 729 0.50 -2.80 40.16
N LEU C 730 0.47 -4.05 39.69
CA LEU C 730 -0.57 -5.01 40.05
C LEU C 730 -0.30 -5.66 41.41
N ARG C 731 0.98 -5.87 41.72
CA ARG C 731 1.45 -6.27 43.05
C ARG C 731 1.05 -5.21 44.06
N ALA C 732 1.28 -3.93 43.72
CA ALA C 732 0.84 -2.80 44.53
C ALA C 732 -0.68 -2.75 44.71
N TYR C 733 -1.42 -3.09 43.64
CA TYR C 733 -2.88 -3.17 43.71
C TYR C 733 -3.37 -4.24 44.72
N ASN C 734 -2.71 -5.41 44.74
CA ASN C 734 -2.99 -6.49 45.70
C ASN C 734 -2.88 -6.04 47.17
N TYR C 735 -1.87 -5.23 47.47
CA TYR C 735 -1.53 -4.86 48.84
C TYR C 735 -1.96 -3.44 49.24
N GLY C 736 -2.83 -2.82 48.43
CA GLY C 736 -3.33 -1.48 48.71
C GLY C 736 -2.30 -0.35 48.68
N ILE C 737 -1.22 -0.55 47.92
CA ILE C 737 -0.15 0.44 47.73
C ILE C 737 -0.45 1.24 46.45
N LYS C 738 -0.19 2.55 46.49
CA LYS C 738 -0.37 3.45 45.33
C LYS C 738 0.82 3.39 44.35
N SER C 739 0.50 3.35 43.06
CA SER C 739 1.48 3.39 41.96
C SER C 739 1.33 4.70 41.17
N ASP C 740 0.93 4.61 39.91
CA ASP C 740 0.54 5.75 39.04
C ASP C 740 1.42 7.01 39.16
N LYS C 745 2.64 8.41 33.22
CA LYS C 745 3.84 7.98 32.50
C LYS C 745 4.90 7.42 33.45
N PRO C 746 5.29 6.13 33.28
CA PRO C 746 6.42 5.58 34.05
C PRO C 746 7.79 5.99 33.49
N ASN C 747 8.73 6.22 34.39
CA ASN C 747 10.05 6.77 34.08
C ASN C 747 11.11 5.69 34.23
N VAL C 748 11.86 5.42 33.15
CA VAL C 748 12.93 4.40 33.14
C VAL C 748 13.94 4.61 34.28
N ASP C 749 14.38 5.85 34.47
CA ASP C 749 15.43 6.20 35.44
C ASP C 749 15.01 6.00 36.89
N GLU C 750 13.75 6.32 37.19
CA GLU C 750 13.16 6.05 38.50
C GLU C 750 13.23 4.56 38.85
N TYR C 751 12.79 3.70 37.92
CA TYR C 751 12.85 2.24 38.12
C TYR C 751 14.26 1.71 38.17
N LYS C 752 15.14 2.33 37.38
CA LYS C 752 16.54 1.92 37.23
C LYS C 752 17.31 2.08 38.54
N SER C 753 17.11 3.21 39.20
CA SER C 753 17.77 3.52 40.48
C SER C 753 17.40 2.53 41.61
N VAL C 754 16.21 1.94 41.53
CA VAL C 754 15.82 0.82 42.40
C VAL C 754 16.58 -0.46 42.01
N ILE C 755 16.43 -0.87 40.74
CA ILE C 755 16.93 -2.15 40.21
C ILE C 755 18.46 -2.25 40.22
N ASP C 756 19.14 -1.11 40.06
CA ASP C 756 20.62 -1.07 40.06
C ASP C 756 21.28 -1.41 41.41
N HIS C 757 20.55 -1.24 42.51
CA HIS C 757 21.05 -1.57 43.85
C HIS C 757 20.72 -3.00 44.31
N MET C 758 19.94 -3.73 43.51
CA MET C 758 19.52 -5.10 43.85
C MET C 758 20.61 -6.13 43.65
N ILE C 759 20.75 -7.05 44.61
CA ILE C 759 21.57 -8.23 44.43
C ILE C 759 20.69 -9.30 43.79
N ILE C 760 21.03 -9.67 42.56
CA ILE C 760 20.27 -10.68 41.83
C ILE C 760 20.92 -12.06 42.07
N PRO C 761 20.19 -13.01 42.71
CA PRO C 761 20.74 -14.34 43.00
C PRO C 761 21.13 -15.10 41.74
N GLU C 762 22.21 -15.87 41.85
CA GLU C 762 22.69 -16.72 40.76
C GLU C 762 21.78 -17.93 40.57
N PHE C 763 21.80 -18.49 39.36
CA PHE C 763 21.11 -19.74 39.07
C PHE C 763 21.82 -20.91 39.72
N THR C 764 21.04 -21.78 40.35
CA THR C 764 21.51 -23.08 40.82
C THR C 764 20.59 -24.17 40.22
N PRO C 765 21.16 -25.11 39.44
CA PRO C 765 20.34 -26.19 38.86
C PRO C 765 19.76 -27.16 39.88
N ASN C 766 18.56 -27.66 39.58
CA ASN C 766 17.91 -28.69 40.36
C ASN C 766 17.94 -29.99 39.54
N ALA C 767 18.74 -30.95 40.01
CA ALA C 767 18.89 -32.26 39.34
C ALA C 767 17.66 -33.16 39.51
N ASN C 768 16.86 -32.91 40.55
CA ASN C 768 15.66 -33.69 40.85
C ASN C 768 14.45 -33.38 39.96
N LEU C 769 14.38 -32.16 39.42
CA LEU C 769 13.25 -31.73 38.57
C LEU C 769 13.24 -32.42 37.21
N LYS C 770 12.24 -33.29 37.01
CA LYS C 770 12.04 -33.99 35.74
C LYS C 770 10.99 -33.27 34.90
N ILE C 771 11.26 -33.15 33.60
CA ILE C 771 10.39 -32.40 32.67
C ILE C 771 9.68 -33.31 31.66
N GLN C 772 8.36 -33.16 31.61
CA GLN C 772 7.52 -33.87 30.67
C GLN C 772 7.74 -33.35 29.24
N VAL C 773 7.91 -34.28 28.32
CA VAL C 773 8.17 -33.96 26.91
C VAL C 773 6.85 -33.88 26.09
N ASN C 774 5.88 -34.75 26.38
CA ASN C 774 4.59 -34.79 25.63
C ASN C 774 3.33 -34.83 26.48
N ASP C 775 2.37 -33.96 26.16
CA ASP C 775 1.13 -33.79 26.93
C ASP C 775 0.13 -34.91 26.69
N LYS C 808 -5.77 -8.25 54.66
CA LYS C 808 -6.73 -8.25 53.56
C LYS C 808 -6.10 -7.81 52.22
N LEU C 809 -6.06 -8.74 51.25
CA LEU C 809 -5.57 -8.47 49.89
C LEU C 809 -6.70 -8.12 48.91
N GLU C 810 -6.41 -7.21 47.97
CA GLU C 810 -7.35 -6.89 46.88
C GLU C 810 -7.03 -7.68 45.59
N PRO C 811 -7.82 -8.75 45.28
CA PRO C 811 -7.55 -9.53 44.06
C PRO C 811 -7.96 -8.78 42.79
N VAL C 812 -7.17 -8.96 41.73
CA VAL C 812 -7.44 -8.34 40.43
C VAL C 812 -8.57 -9.07 39.69
N ASP C 813 -9.51 -8.30 39.13
CA ASP C 813 -10.52 -8.82 38.20
C ASP C 813 -10.20 -8.39 36.75
N PHE C 814 -9.85 -9.35 35.89
CA PHE C 814 -9.38 -9.10 34.51
C PHE C 814 -10.36 -8.24 33.72
N GLU C 815 -9.87 -7.09 33.29
CA GLU C 815 -10.65 -6.13 32.54
C GLU C 815 -9.88 -5.68 31.28
N LYS C 816 -10.13 -6.36 30.16
CA LYS C 816 -9.44 -6.11 28.88
C LYS C 816 -9.67 -4.70 28.30
N ASP C 817 -10.75 -4.04 28.70
CA ASP C 817 -11.19 -2.77 28.06
C ASP C 817 -10.84 -1.47 28.80
N ASP C 818 -10.02 -1.55 29.83
CA ASP C 818 -9.49 -0.36 30.47
C ASP C 818 -7.98 -0.32 30.29
N ASP C 819 -7.53 0.51 29.35
CA ASP C 819 -6.09 0.58 29.02
C ASP C 819 -5.19 1.21 30.10
N THR C 820 -5.79 1.68 31.19
CA THR C 820 -5.05 2.31 32.31
C THR C 820 -4.74 1.37 33.48
N ASN C 821 -5.27 0.14 33.44
CA ASN C 821 -5.26 -0.75 34.62
C ASN C 821 -4.08 -1.73 34.70
N HIS C 822 -3.20 -1.70 33.69
CA HIS C 822 -1.98 -2.53 33.58
C HIS C 822 -2.19 -4.00 33.20
N HIS C 823 -3.44 -4.40 32.96
CA HIS C 823 -3.74 -5.81 32.67
C HIS C 823 -3.15 -6.28 31.33
N ILE C 824 -3.52 -5.60 30.25
CA ILE C 824 -2.97 -5.93 28.92
C ILE C 824 -1.47 -5.59 28.87
N GLU C 825 -1.10 -4.46 29.46
CA GLU C 825 0.32 -4.11 29.61
C GLU C 825 1.12 -5.29 30.20
N PHE C 826 0.70 -5.80 31.35
CA PHE C 826 1.35 -7.01 31.91
C PHE C 826 1.38 -8.19 30.95
N ILE C 827 0.21 -8.59 30.45
CA ILE C 827 0.10 -9.79 29.60
C ILE C 827 0.98 -9.65 28.36
N THR C 828 0.95 -8.47 27.74
CA THR C 828 1.77 -8.21 26.55
C THR C 828 3.26 -8.34 26.87
N ALA C 829 3.70 -7.64 27.91
CA ALA C 829 5.12 -7.62 28.26
C ALA C 829 5.61 -9.01 28.65
N CYS C 830 4.80 -9.70 29.46
CA CYS C 830 5.12 -11.04 29.96
C CYS C 830 5.20 -12.05 28.82
N SER C 831 4.18 -12.06 27.95
CA SER C 831 4.20 -12.87 26.73
C SER C 831 5.41 -12.55 25.84
N ASN C 832 5.68 -11.26 25.67
CA ASN C 832 6.78 -10.83 24.80
C ASN C 832 8.17 -11.21 25.31
N CYS C 833 8.35 -11.24 26.64
CA CYS C 833 9.64 -11.69 27.22
C CYS C 833 9.88 -13.19 26.98
N ARG C 834 8.82 -13.98 27.09
CA ARG C 834 8.88 -15.43 26.81
C ARG C 834 9.09 -15.69 25.32
N ALA C 835 8.46 -14.88 24.47
CA ALA C 835 8.70 -14.88 23.03
C ALA C 835 10.16 -14.61 22.72
N GLN C 836 10.77 -13.65 23.41
CA GLN C 836 12.21 -13.39 23.25
C GLN C 836 13.04 -14.60 23.67
N ASN C 837 12.63 -15.30 24.75
CA ASN C 837 13.30 -16.55 25.19
C ASN C 837 13.39 -17.53 24.03
N TYR C 838 12.27 -17.71 23.33
CA TYR C 838 12.11 -18.75 22.31
C TYR C 838 12.20 -18.27 20.84
N PHE C 839 12.69 -17.05 20.63
CA PHE C 839 12.84 -16.43 19.30
C PHE C 839 11.53 -16.44 18.48
N ILE C 840 10.46 -16.01 19.14
CA ILE C 840 9.15 -15.79 18.56
C ILE C 840 8.98 -14.29 18.43
N GLU C 841 8.47 -13.87 17.27
CA GLU C 841 8.15 -12.47 17.00
C GLU C 841 7.17 -11.94 18.04
N THR C 842 7.54 -10.83 18.67
CA THR C 842 6.73 -10.20 19.71
C THR C 842 5.45 -9.61 19.10
N ALA C 843 4.42 -9.41 19.93
CA ALA C 843 3.17 -8.81 19.47
C ALA C 843 2.87 -7.55 20.30
N ASP C 844 2.07 -6.65 19.75
CA ASP C 844 1.78 -5.41 20.43
C ASP C 844 0.53 -5.57 21.33
N ARG C 845 0.17 -4.50 22.04
CA ARG C 845 -0.97 -4.48 22.96
C ARG C 845 -2.29 -4.92 22.28
N GLN C 846 -2.55 -4.37 21.08
CA GLN C 846 -3.81 -4.62 20.37
C GLN C 846 -3.98 -6.10 20.01
N LYS C 847 -2.93 -6.73 19.50
CA LYS C 847 -2.96 -8.16 19.19
C LYS C 847 -3.08 -9.04 20.44
N THR C 848 -2.32 -8.70 21.48
CA THR C 848 -2.41 -9.40 22.76
C THR C 848 -3.82 -9.30 23.33
N LYS C 849 -4.41 -8.10 23.28
CA LYS C 849 -5.78 -7.85 23.75
C LYS C 849 -6.76 -8.74 23.00
N PHE C 850 -6.63 -8.80 21.67
CA PHE C 850 -7.44 -9.68 20.83
C PHE C 850 -7.42 -11.11 21.37
N ILE C 851 -6.21 -11.65 21.57
CA ILE C 851 -6.03 -13.04 21.94
C ILE C 851 -6.38 -13.32 23.41
N ALA C 852 -5.74 -12.60 24.35
CA ALA C 852 -6.01 -12.78 25.79
C ALA C 852 -7.46 -12.45 26.17
N GLY C 853 -8.02 -11.45 25.51
CA GLY C 853 -9.39 -11.00 25.80
C GLY C 853 -10.50 -11.75 25.09
N ARG C 854 -10.12 -12.68 24.20
CA ARG C 854 -11.06 -13.50 23.41
C ARG C 854 -12.13 -12.66 22.70
N ILE C 855 -11.68 -11.58 22.06
CA ILE C 855 -12.60 -10.61 21.47
C ILE C 855 -13.08 -11.14 20.12
N ILE C 856 -14.39 -11.03 19.90
CA ILE C 856 -15.01 -11.42 18.65
C ILE C 856 -14.99 -10.22 17.69
N PRO C 857 -14.24 -10.35 16.55
CA PRO C 857 -14.26 -9.29 15.52
C PRO C 857 -15.70 -9.00 15.10
N ALA C 858 -16.08 -7.72 15.05
CA ALA C 858 -17.46 -7.35 14.81
C ALA C 858 -17.59 -5.99 14.11
N ILE C 859 -18.58 -5.88 13.23
CA ILE C 859 -18.79 -4.68 12.41
C ILE C 859 -20.29 -4.58 12.08
N ALA C 860 -20.78 -3.35 11.93
CA ALA C 860 -22.20 -3.07 11.71
C ALA C 860 -22.73 -3.52 10.36
N THR C 861 -21.87 -3.55 9.34
CA THR C 861 -22.29 -3.93 7.98
C THR C 861 -22.89 -5.34 7.95
N THR C 862 -22.12 -6.30 8.44
CA THR C 862 -22.53 -7.70 8.46
C THR C 862 -23.76 -7.89 9.35
N THR C 863 -23.76 -7.19 10.48
CA THR C 863 -24.85 -7.30 11.45
C THR C 863 -26.20 -6.91 10.86
N SER C 864 -26.23 -5.80 10.12
CA SER C 864 -27.48 -5.35 9.53
C SER C 864 -27.89 -6.22 8.36
N LEU C 865 -26.90 -6.77 7.66
CA LEU C 865 -27.17 -7.69 6.56
C LEU C 865 -27.84 -8.98 7.04
N VAL C 866 -27.24 -9.65 8.02
CA VAL C 866 -27.79 -10.92 8.47
C VAL C 866 -29.17 -10.72 9.14
N THR C 867 -29.31 -9.60 9.88
CA THR C 867 -30.58 -9.23 10.50
C THR C 867 -31.64 -9.02 9.44
N GLY C 868 -31.27 -8.34 8.34
CA GLY C 868 -32.14 -8.24 7.18
C GLY C 868 -32.64 -9.58 6.69
N LEU C 869 -31.74 -10.57 6.64
CA LEU C 869 -32.08 -11.92 6.17
C LEU C 869 -32.99 -12.68 7.14
N VAL C 870 -32.75 -12.52 8.44
CA VAL C 870 -33.65 -13.05 9.45
C VAL C 870 -35.07 -12.50 9.23
N ASN C 871 -35.18 -11.20 8.95
CA ASN C 871 -36.50 -10.60 8.75
C ASN C 871 -37.19 -10.94 7.44
N LEU C 872 -36.46 -11.55 6.51
CA LEU C 872 -37.07 -12.13 5.34
C LEU C 872 -37.60 -13.54 5.61
N GLU C 873 -36.99 -14.23 6.58
CA GLU C 873 -37.48 -15.54 7.03
C GLU C 873 -38.67 -15.37 7.97
N LEU C 874 -38.64 -14.30 8.78
CA LEU C 874 -39.77 -13.89 9.63
C LEU C 874 -41.15 -13.95 8.94
N TYR C 875 -41.24 -13.42 7.72
CA TYR C 875 -42.47 -13.43 6.93
C TYR C 875 -43.03 -14.84 6.70
N LYS C 876 -42.15 -15.83 6.61
CA LYS C 876 -42.54 -17.23 6.40
C LYS C 876 -43.17 -17.85 7.66
N LEU C 877 -42.75 -17.38 8.83
CA LEU C 877 -43.41 -17.70 10.10
C LEU C 877 -44.84 -17.16 10.18
N ILE C 878 -45.03 -15.88 9.81
CA ILE C 878 -46.35 -15.23 9.76
C ILE C 878 -47.36 -16.03 8.91
N ASP C 879 -46.88 -16.67 7.85
CA ASP C 879 -47.73 -17.45 6.95
C ASP C 879 -47.83 -18.91 7.41
N ASN C 880 -47.21 -19.25 8.54
CA ASN C 880 -47.14 -20.63 9.07
C ASN C 880 -46.78 -21.64 7.97
N LYS C 881 -45.72 -21.34 7.21
CA LYS C 881 -45.34 -22.18 6.08
C LYS C 881 -44.90 -23.55 6.55
N THR C 882 -45.45 -24.56 5.90
CA THR C 882 -45.18 -25.96 6.23
C THR C 882 -44.34 -26.63 5.15
N ASP C 883 -44.18 -25.97 4.00
CA ASP C 883 -43.27 -26.46 2.96
C ASP C 883 -41.82 -26.09 3.32
N ILE C 884 -41.01 -27.12 3.64
CA ILE C 884 -39.60 -26.95 4.02
C ILE C 884 -38.77 -26.24 2.93
N GLU C 885 -39.19 -26.43 1.67
CA GLU C 885 -38.50 -25.90 0.50
C GLU C 885 -38.61 -24.38 0.40
N GLN C 886 -39.58 -23.77 1.10
CA GLN C 886 -39.75 -22.31 1.08
C GLN C 886 -38.78 -21.57 2.00
N TYR C 887 -38.25 -22.27 2.99
CA TYR C 887 -37.36 -21.65 3.98
C TYR C 887 -35.91 -21.63 3.49
N LYS C 888 -35.15 -20.67 4.00
CA LYS C 888 -33.74 -20.52 3.65
C LYS C 888 -32.86 -20.21 4.85
N ASN C 889 -31.96 -21.14 5.16
CA ASN C 889 -30.79 -20.82 6.00
C ASN C 889 -29.77 -20.07 5.11
N GLY C 890 -29.16 -19.03 5.66
CA GLY C 890 -28.28 -18.15 4.89
C GLY C 890 -26.87 -18.19 5.41
N PHE C 891 -25.91 -18.01 4.51
CA PHE C 891 -24.48 -18.01 4.84
C PHE C 891 -23.83 -16.93 4.02
N VAL C 892 -23.02 -16.09 4.68
CA VAL C 892 -22.41 -14.94 4.02
C VAL C 892 -20.98 -14.73 4.46
N ASN C 893 -20.16 -14.24 3.54
CA ASN C 893 -18.90 -13.59 3.86
C ASN C 893 -18.79 -12.33 2.98
N LEU C 894 -19.01 -11.17 3.59
CA LEU C 894 -18.99 -9.89 2.89
C LEU C 894 -17.61 -9.52 2.32
N ALA C 895 -16.57 -10.23 2.77
CA ALA C 895 -15.19 -10.04 2.28
C ALA C 895 -14.99 -10.46 0.80
N LEU C 896 -15.79 -11.42 0.34
CA LEU C 896 -15.49 -12.10 -0.93
C LEU C 896 -16.00 -11.42 -2.22
N PRO C 897 -17.22 -10.88 -2.28
CA PRO C 897 -18.30 -11.12 -1.32
C PRO C 897 -19.06 -12.39 -1.70
N PHE C 898 -19.51 -13.13 -0.70
CA PHE C 898 -20.20 -14.40 -0.94
C PHE C 898 -21.53 -14.47 -0.22
N PHE C 899 -22.53 -15.00 -0.92
CA PHE C 899 -23.85 -15.27 -0.33
C PHE C 899 -24.34 -16.63 -0.81
N GLY C 900 -24.84 -17.42 0.14
CA GLY C 900 -25.34 -18.77 -0.13
C GLY C 900 -26.53 -19.08 0.75
N PHE C 901 -27.45 -19.88 0.23
CA PHE C 901 -28.67 -20.26 0.92
C PHE C 901 -28.94 -21.73 0.76
N SER C 902 -29.47 -22.33 1.82
CA SER C 902 -29.94 -23.70 1.77
C SER C 902 -31.21 -23.89 2.57
N GLU C 903 -32.13 -24.66 1.97
CA GLU C 903 -33.29 -25.21 2.62
C GLU C 903 -32.86 -25.96 3.91
N PRO C 904 -33.58 -25.72 5.04
CA PRO C 904 -33.22 -26.38 6.30
C PRO C 904 -33.35 -27.91 6.21
N ILE C 905 -32.66 -28.63 7.09
CA ILE C 905 -32.73 -30.09 7.11
C ILE C 905 -34.04 -30.49 7.82
N ALA C 906 -34.76 -31.44 7.24
CA ALA C 906 -35.96 -32.02 7.89
C ALA C 906 -35.60 -32.73 9.19
N SER C 907 -36.50 -32.65 10.17
CA SER C 907 -36.32 -33.34 11.46
C SER C 907 -36.31 -34.85 11.23
N PRO C 908 -35.38 -35.59 11.88
CA PRO C 908 -35.37 -37.04 11.70
C PRO C 908 -36.67 -37.66 12.18
N LYS C 909 -37.21 -38.60 11.40
CA LYS C 909 -38.43 -39.31 11.75
C LYS C 909 -38.13 -40.71 12.30
N GLY C 910 -39.09 -41.26 13.06
CA GLY C 910 -39.03 -42.64 13.54
C GLY C 910 -40.37 -43.35 13.38
N GLU C 911 -40.40 -44.63 13.75
CA GLU C 911 -41.63 -45.43 13.69
C GLU C 911 -41.82 -46.38 14.88
N TYR C 912 -43.08 -46.47 15.32
CA TYR C 912 -43.60 -47.58 16.15
C TYR C 912 -45.02 -47.91 15.64
N ASN C 913 -45.35 -49.21 15.58
CA ASN C 913 -46.66 -49.70 15.06
C ASN C 913 -47.09 -49.07 13.72
N ASN C 914 -46.13 -48.93 12.80
CA ASN C 914 -46.36 -48.31 11.48
C ASN C 914 -47.00 -46.90 11.50
N LYS C 915 -46.88 -46.23 12.65
CA LYS C 915 -47.19 -44.79 12.78
C LYS C 915 -45.86 -44.04 12.88
N LYS C 916 -45.67 -43.06 11.99
CA LYS C 916 -44.48 -42.22 12.02
C LYS C 916 -44.59 -41.18 13.12
N TYR C 917 -43.46 -40.86 13.75
CA TYR C 917 -43.38 -39.74 14.68
C TYR C 917 -42.12 -38.90 14.40
N ASP C 918 -42.11 -37.69 14.95
CA ASP C 918 -41.01 -36.76 14.83
C ASP C 918 -40.11 -36.87 16.06
N LYS C 919 -38.88 -37.32 15.84
CA LYS C 919 -37.94 -37.61 16.93
C LYS C 919 -37.46 -36.36 17.71
N ILE C 920 -37.79 -35.18 17.22
CA ILE C 920 -37.42 -33.92 17.88
C ILE C 920 -38.65 -33.28 18.49
N TRP C 921 -39.73 -33.20 17.71
CA TRP C 921 -40.88 -32.36 18.04
C TRP C 921 -42.09 -33.07 18.66
N ASP C 922 -42.23 -34.38 18.41
CA ASP C 922 -43.37 -35.14 18.96
C ASP C 922 -43.15 -35.55 20.41
N ARG C 923 -44.22 -35.48 21.18
CA ARG C 923 -44.23 -35.86 22.59
C ARG C 923 -45.64 -36.29 22.98
N PHE C 924 -45.74 -37.15 23.98
CA PHE C 924 -47.03 -37.49 24.55
C PHE C 924 -47.41 -36.41 25.58
N ASP C 925 -48.33 -35.54 25.19
CA ASP C 925 -48.80 -34.49 26.08
C ASP C 925 -50.04 -34.98 26.85
N ILE C 926 -49.93 -34.97 28.18
CA ILE C 926 -51.01 -35.42 29.08
C ILE C 926 -51.47 -34.24 29.94
N LYS C 927 -52.78 -33.93 29.88
CA LYS C 927 -53.37 -32.84 30.66
C LYS C 927 -53.84 -33.35 32.03
N GLY C 928 -53.29 -32.75 33.09
CA GLY C 928 -53.67 -33.06 34.47
C GLY C 928 -52.74 -34.05 35.15
N ASP C 929 -52.84 -34.14 36.47
CA ASP C 929 -52.04 -35.05 37.30
C ASP C 929 -52.64 -36.46 37.26
N ILE C 930 -52.35 -37.16 36.16
CA ILE C 930 -52.96 -38.45 35.82
C ILE C 930 -52.54 -39.58 36.78
N LYS C 931 -53.47 -40.50 37.04
CA LYS C 931 -53.19 -41.70 37.82
C LYS C 931 -52.40 -42.70 36.97
N LEU C 932 -51.41 -43.35 37.59
CA LEU C 932 -50.52 -44.29 36.89
C LEU C 932 -51.24 -45.38 36.09
N SER C 933 -52.31 -45.96 36.66
CA SER C 933 -53.12 -46.97 35.98
C SER C 933 -53.71 -46.43 34.67
N ASP C 934 -54.31 -45.24 34.74
CA ASP C 934 -54.81 -44.53 33.55
C ASP C 934 -53.72 -44.29 32.49
N LEU C 935 -52.54 -43.84 32.94
CA LEU C 935 -51.39 -43.63 32.06
C LEU C 935 -50.99 -44.92 31.34
N ILE C 936 -50.68 -46.00 32.08
CA ILE C 936 -50.32 -47.28 31.43
C ILE C 936 -51.44 -47.86 30.55
N GLU C 937 -52.70 -47.66 30.98
CA GLU C 937 -53.88 -48.12 30.23
C GLU C 937 -54.07 -47.38 28.91
N HIS C 938 -54.05 -46.04 28.94
CA HIS C 938 -54.11 -45.20 27.74
C HIS C 938 -53.05 -45.59 26.69
N PHE C 939 -51.84 -45.90 27.16
CA PHE C 939 -50.74 -46.25 26.26
C PHE C 939 -50.90 -47.58 25.53
N GLU C 940 -51.47 -48.59 26.19
CA GLU C 940 -51.76 -49.86 25.54
C GLU C 940 -52.96 -49.74 24.59
N LYS C 941 -53.97 -48.98 25.04
CA LYS C 941 -55.23 -48.83 24.30
C LYS C 941 -55.10 -47.92 23.09
N ASP C 942 -54.62 -46.68 23.32
CA ASP C 942 -54.58 -45.62 22.28
C ASP C 942 -53.31 -45.54 21.43
N GLU C 943 -52.18 -46.02 21.96
CA GLU C 943 -50.90 -45.97 21.25
C GLU C 943 -50.31 -47.34 20.88
N GLY C 944 -50.86 -48.41 21.45
CA GLY C 944 -50.35 -49.77 21.23
C GLY C 944 -49.03 -50.06 21.92
N LEU C 945 -48.70 -49.25 22.92
CA LEU C 945 -47.43 -49.36 23.64
C LEU C 945 -47.58 -49.96 25.04
N GLU C 946 -46.82 -51.03 25.29
CA GLU C 946 -46.73 -51.66 26.62
C GLU C 946 -45.54 -51.05 27.35
N ILE C 947 -45.84 -50.08 28.22
CA ILE C 947 -44.81 -49.39 29.03
C ILE C 947 -44.06 -50.39 29.91
N THR C 948 -42.74 -50.48 29.69
CA THR C 948 -41.87 -51.40 30.45
C THR C 948 -41.07 -50.69 31.54
N MET C 949 -40.77 -49.41 31.31
CA MET C 949 -40.14 -48.55 32.31
C MET C 949 -40.75 -47.15 32.22
N LEU C 950 -40.84 -46.48 33.36
CA LEU C 950 -41.24 -45.07 33.46
C LEU C 950 -40.42 -44.43 34.58
N SER C 951 -39.80 -43.29 34.26
CA SER C 951 -38.91 -42.58 35.22
C SER C 951 -38.99 -41.05 35.16
N TYR C 952 -38.61 -40.44 36.28
CA TYR C 952 -38.54 -38.99 36.46
C TYR C 952 -37.13 -38.66 36.96
N GLY C 953 -36.20 -38.49 36.02
CA GLY C 953 -34.79 -38.35 36.34
C GLY C 953 -34.22 -39.68 36.77
N VAL C 954 -33.62 -39.70 37.96
CA VAL C 954 -33.04 -40.92 38.55
C VAL C 954 -34.06 -41.76 39.35
N SER C 955 -35.33 -41.33 39.31
CA SER C 955 -36.40 -41.95 40.11
C SER C 955 -37.33 -42.82 39.27
N LEU C 956 -37.15 -44.14 39.37
CA LEU C 956 -38.02 -45.11 38.70
C LEU C 956 -39.42 -45.07 39.32
N LEU C 957 -40.42 -44.79 38.49
CA LEU C 957 -41.82 -44.69 38.93
C LEU C 957 -42.61 -45.96 38.68
N TYR C 958 -42.25 -46.69 37.62
CA TYR C 958 -42.96 -47.89 37.20
C TYR C 958 -42.05 -48.78 36.33
N ALA C 959 -42.18 -50.10 36.50
CA ALA C 959 -41.51 -51.09 35.67
C ALA C 959 -42.37 -52.35 35.58
N SER C 960 -42.38 -52.99 34.40
CA SER C 960 -43.20 -54.19 34.19
C SER C 960 -42.67 -55.46 34.89
N PHE C 961 -41.52 -55.34 35.56
CA PHE C 961 -40.98 -56.40 36.42
C PHE C 961 -41.32 -56.21 37.90
N PHE C 962 -42.06 -55.14 38.21
CA PHE C 962 -42.53 -54.84 39.57
C PHE C 962 -43.46 -55.94 40.13
N PRO C 963 -43.24 -56.34 41.41
CA PRO C 963 -44.16 -57.31 42.02
C PRO C 963 -45.51 -56.67 42.42
N PRO C 964 -46.63 -57.43 42.30
CA PRO C 964 -48.00 -57.04 42.65
C PRO C 964 -48.14 -56.08 43.84
N LYS C 965 -47.46 -56.38 44.94
CA LYS C 965 -47.47 -55.55 46.15
C LYS C 965 -47.01 -54.10 45.89
N LYS C 966 -45.89 -53.96 45.16
CA LYS C 966 -45.36 -52.66 44.75
C LYS C 966 -46.30 -51.96 43.75
N LEU C 967 -46.88 -52.74 42.83
CA LEU C 967 -47.85 -52.21 41.86
C LEU C 967 -49.10 -51.61 42.51
N LYS C 968 -49.74 -52.37 43.42
CA LYS C 968 -50.94 -51.92 44.15
C LYS C 968 -50.72 -50.61 44.92
N GLU C 969 -49.54 -50.48 45.52
CA GLU C 969 -49.14 -49.26 46.23
C GLU C 969 -48.90 -48.03 45.33
N ARG C 970 -48.77 -48.25 44.01
CA ARG C 970 -48.47 -47.18 43.05
C ARG C 970 -49.60 -46.87 42.03
N LEU C 971 -50.27 -47.92 41.56
CA LEU C 971 -51.22 -47.83 40.43
C LEU C 971 -52.34 -46.79 40.54
N ASN C 972 -52.77 -46.48 41.76
CA ASN C 972 -53.87 -45.54 41.93
C ASN C 972 -53.39 -44.12 42.30
N LEU C 973 -52.08 -43.93 42.37
CA LEU C 973 -51.52 -42.62 42.71
C LEU C 973 -51.38 -41.70 41.50
N PRO C 974 -51.68 -40.40 41.66
CA PRO C 974 -51.30 -39.39 40.66
C PRO C 974 -49.77 -39.26 40.59
N ILE C 975 -49.26 -38.73 39.48
CA ILE C 975 -47.81 -38.66 39.23
C ILE C 975 -47.03 -37.98 40.37
N THR C 976 -47.53 -36.84 40.85
CA THR C 976 -46.88 -36.06 41.93
C THR C 976 -46.71 -36.88 43.22
N GLN C 977 -47.81 -37.48 43.69
CA GLN C 977 -47.81 -38.34 44.87
C GLN C 977 -46.94 -39.59 44.70
N LEU C 978 -46.83 -40.05 43.45
CA LEU C 978 -45.99 -41.20 43.08
C LEU C 978 -44.48 -40.86 43.06
N VAL C 979 -44.14 -39.67 42.55
CA VAL C 979 -42.77 -39.15 42.65
C VAL C 979 -42.42 -38.92 44.13
N LYS C 980 -43.34 -38.30 44.87
CA LYS C 980 -43.21 -38.07 46.31
C LYS C 980 -43.04 -39.34 47.14
N LEU C 981 -43.61 -40.46 46.66
CA LEU C 981 -43.41 -41.79 47.26
C LEU C 981 -42.00 -42.34 47.03
N VAL C 982 -41.31 -41.83 46.00
CA VAL C 982 -39.92 -42.23 45.71
C VAL C 982 -38.91 -41.19 46.27
N THR C 983 -39.33 -39.93 46.40
CA THR C 983 -38.51 -38.84 46.96
C THR C 983 -38.27 -39.01 48.48
N VAL C 991 -43.04 -25.67 39.65
CA VAL C 991 -43.06 -26.84 38.76
C VAL C 991 -44.49 -27.07 38.26
N SER C 992 -44.72 -26.82 36.97
CA SER C 992 -46.06 -27.05 36.36
C SER C 992 -46.07 -27.99 35.14
N THR C 993 -44.89 -28.51 34.80
CA THR C 993 -44.75 -29.60 33.82
C THR C 993 -43.77 -30.63 34.33
N MET C 994 -44.04 -31.89 33.99
CA MET C 994 -43.17 -33.00 34.38
C MET C 994 -42.82 -33.79 33.12
N ILE C 995 -41.52 -33.94 32.88
CA ILE C 995 -41.03 -34.75 31.76
C ILE C 995 -40.78 -36.19 32.23
N LEU C 996 -41.53 -37.13 31.65
CA LEU C 996 -41.36 -38.54 31.98
C LEU C 996 -40.77 -39.31 30.80
N GLU C 997 -39.71 -40.07 31.09
CA GLU C 997 -39.04 -40.91 30.09
C GLU C 997 -39.59 -42.33 30.15
N ILE C 998 -39.89 -42.91 28.98
CA ILE C 998 -40.41 -44.28 28.91
C ILE C 998 -39.62 -45.25 28.03
N CYS C 999 -39.49 -46.48 28.52
CA CYS C 999 -39.27 -47.62 27.64
C CYS C 999 -40.62 -48.29 27.37
N ALA C 1000 -40.78 -48.86 26.19
CA ALA C 1000 -42.06 -49.44 25.78
C ALA C 1000 -41.89 -50.52 24.73
N ASP C 1001 -42.83 -51.47 24.74
CA ASP C 1001 -42.90 -52.51 23.73
C ASP C 1001 -44.07 -52.28 22.78
N ASP C 1002 -43.86 -52.64 21.52
CA ASP C 1002 -44.87 -52.50 20.46
C ASP C 1002 -45.87 -53.67 20.47
N LYS C 1003 -46.86 -53.59 19.57
CA LYS C 1003 -47.88 -54.64 19.40
C LYS C 1003 -47.31 -56.02 19.05
N GLU C 1004 -46.13 -56.05 18.40
CA GLU C 1004 -45.41 -57.30 18.14
C GLU C 1004 -44.45 -57.71 19.29
N GLY C 1005 -44.48 -56.99 20.41
CA GLY C 1005 -43.71 -57.32 21.61
C GLY C 1005 -42.20 -57.01 21.63
N GLU C 1006 -41.73 -56.22 20.67
CA GLU C 1006 -40.34 -55.78 20.60
C GLU C 1006 -40.13 -54.40 21.24
N ASP C 1007 -38.97 -54.20 21.85
CA ASP C 1007 -38.58 -52.90 22.44
C ASP C 1007 -38.35 -51.86 21.34
N VAL C 1008 -39.00 -50.71 21.50
CA VAL C 1008 -39.05 -49.71 20.44
C VAL C 1008 -38.92 -48.28 21.01
N GLU C 1009 -38.11 -47.47 20.34
CA GLU C 1009 -37.87 -46.07 20.74
C GLU C 1009 -39.12 -45.22 20.47
N VAL C 1010 -39.50 -44.46 21.49
CA VAL C 1010 -40.72 -43.66 21.46
C VAL C 1010 -40.44 -42.28 22.07
N PRO C 1011 -41.27 -41.26 21.75
CA PRO C 1011 -41.18 -39.94 22.41
C PRO C 1011 -41.26 -39.99 23.94
N PHE C 1012 -40.81 -38.91 24.58
CA PHE C 1012 -41.00 -38.69 26.01
C PHE C 1012 -42.42 -38.19 26.31
N ILE C 1013 -42.81 -38.27 27.59
CA ILE C 1013 -44.12 -37.76 28.05
C ILE C 1013 -43.94 -36.40 28.75
N THR C 1014 -44.88 -35.49 28.48
CA THR C 1014 -45.02 -34.26 29.26
C THR C 1014 -46.37 -34.24 29.98
N ILE C 1015 -46.31 -34.10 31.30
CA ILE C 1015 -47.50 -34.00 32.14
C ILE C 1015 -47.80 -32.53 32.39
N HIS C 1016 -48.96 -32.07 31.93
CA HIS C 1016 -49.35 -30.67 32.17
C HIS C 1016 -50.20 -30.54 33.45
N LEU C 1017 -49.53 -30.23 34.56
CA LEU C 1017 -50.18 -29.99 35.84
C LEU C 1017 -50.96 -28.67 35.81
N MET D 1 -15.32 -37.50 -12.53
CA MET D 1 -15.51 -36.05 -12.84
C MET D 1 -14.95 -35.20 -11.72
N GLN D 2 -14.58 -33.97 -12.07
CA GLN D 2 -14.14 -32.96 -11.11
C GLN D 2 -15.32 -32.12 -10.60
N ILE D 3 -15.30 -31.84 -9.29
CA ILE D 3 -16.16 -30.85 -8.66
C ILE D 3 -15.31 -29.94 -7.76
N PHE D 4 -15.80 -28.73 -7.52
CA PHE D 4 -15.10 -27.75 -6.70
C PHE D 4 -15.83 -27.50 -5.41
N VAL D 5 -15.08 -27.37 -4.32
CA VAL D 5 -15.67 -27.01 -3.03
C VAL D 5 -15.03 -25.71 -2.61
N LYS D 6 -15.86 -24.66 -2.46
CA LYS D 6 -15.41 -23.36 -1.98
C LYS D 6 -15.77 -23.13 -0.52
N THR D 7 -14.79 -22.72 0.27
CA THR D 7 -15.02 -22.48 1.69
C THR D 7 -15.45 -21.02 1.89
N LEU D 8 -15.89 -20.72 3.11
CA LEU D 8 -16.34 -19.38 3.49
C LEU D 8 -15.16 -18.39 3.60
N THR D 9 -13.93 -18.91 3.49
CA THR D 9 -12.72 -18.10 3.47
C THR D 9 -12.22 -17.88 2.04
N GLY D 10 -12.96 -18.40 1.06
CA GLY D 10 -12.61 -18.23 -0.34
C GLY D 10 -11.73 -19.31 -0.96
N LYS D 11 -11.23 -20.22 -0.13
CA LYS D 11 -10.41 -21.36 -0.59
C LYS D 11 -11.21 -22.28 -1.52
N THR D 12 -10.60 -22.68 -2.62
CA THR D 12 -11.17 -23.68 -3.54
C THR D 12 -10.41 -25.02 -3.39
N ILE D 13 -11.19 -26.09 -3.16
CA ILE D 13 -10.71 -27.47 -3.10
C ILE D 13 -11.24 -28.15 -4.36
N THR D 14 -10.40 -28.93 -5.02
CA THR D 14 -10.85 -29.73 -6.18
C THR D 14 -10.95 -31.18 -5.77
N LEU D 15 -12.05 -31.84 -6.15
CA LEU D 15 -12.28 -33.25 -5.86
C LEU D 15 -12.53 -34.07 -7.11
N GLU D 16 -11.99 -35.29 -7.12
CA GLU D 16 -12.28 -36.32 -8.12
C GLU D 16 -13.39 -37.18 -7.55
N VAL D 17 -14.53 -37.19 -8.22
CA VAL D 17 -15.73 -37.87 -7.71
C VAL D 17 -16.45 -38.57 -8.86
N GLU D 18 -17.39 -39.43 -8.51
CA GLU D 18 -18.34 -40.02 -9.46
C GLU D 18 -19.74 -39.67 -8.97
N SER D 19 -20.70 -39.60 -9.89
CA SER D 19 -22.10 -39.29 -9.58
C SER D 19 -22.74 -40.19 -8.51
N SER D 20 -22.33 -41.46 -8.48
CA SER D 20 -22.87 -42.45 -7.53
C SER D 20 -22.24 -42.36 -6.13
N ASP D 21 -21.21 -41.53 -5.97
CA ASP D 21 -20.57 -41.31 -4.66
C ASP D 21 -21.56 -40.80 -3.64
N THR D 22 -21.46 -41.29 -2.40
CA THR D 22 -22.31 -40.85 -1.32
C THR D 22 -21.76 -39.56 -0.71
N ILE D 23 -22.65 -38.80 -0.09
CA ILE D 23 -22.26 -37.57 0.60
C ILE D 23 -21.21 -37.90 1.67
N ASP D 24 -21.43 -39.02 2.36
CA ASP D 24 -20.49 -39.59 3.33
C ASP D 24 -19.08 -39.70 2.73
N ASN D 25 -19.01 -40.20 1.50
CA ASN D 25 -17.74 -40.42 0.81
C ASN D 25 -17.05 -39.10 0.44
N VAL D 26 -17.85 -38.16 -0.07
CA VAL D 26 -17.37 -36.83 -0.46
C VAL D 26 -16.79 -36.10 0.75
N LYS D 27 -17.51 -36.18 1.87
CA LYS D 27 -17.07 -35.54 3.12
C LYS D 27 -15.78 -36.12 3.64
N SER D 28 -15.56 -37.42 3.40
CA SER D 28 -14.31 -38.09 3.79
C SER D 28 -13.11 -37.54 3.00
N LYS D 29 -13.28 -37.38 1.68
CA LYS D 29 -12.29 -36.75 0.79
C LYS D 29 -11.95 -35.29 1.20
N ILE D 30 -12.97 -34.54 1.64
CA ILE D 30 -12.79 -33.19 2.21
C ILE D 30 -11.98 -33.29 3.51
N GLN D 31 -12.30 -34.26 4.39
CA GLN D 31 -11.50 -34.54 5.59
C GLN D 31 -10.03 -34.77 5.25
N ASP D 32 -9.78 -35.57 4.21
CA ASP D 32 -8.40 -35.80 3.73
C ASP D 32 -7.70 -34.53 3.22
N LYS D 33 -8.45 -33.63 2.59
CA LYS D 33 -7.86 -32.40 2.06
C LYS D 33 -7.79 -31.24 3.05
N GLU D 34 -8.71 -31.20 4.02
CA GLU D 34 -8.85 -30.09 4.95
C GLU D 34 -8.64 -30.42 6.42
N GLY D 35 -8.90 -31.66 6.82
CA GLY D 35 -8.82 -32.06 8.22
C GLY D 35 -10.10 -31.84 9.01
N ILE D 36 -11.14 -31.32 8.34
CA ILE D 36 -12.44 -31.10 8.94
C ILE D 36 -13.21 -32.44 9.04
N PRO D 37 -13.53 -32.90 10.27
CA PRO D 37 -14.37 -34.10 10.47
C PRO D 37 -15.72 -33.98 9.72
N PRO D 38 -16.20 -35.09 9.10
CA PRO D 38 -17.46 -35.04 8.35
C PRO D 38 -18.66 -34.44 9.10
N ASP D 39 -18.71 -34.60 10.42
CA ASP D 39 -19.84 -34.17 11.25
C ASP D 39 -19.87 -32.64 11.42
N GLN D 40 -18.73 -32.00 11.21
CA GLN D 40 -18.60 -30.54 11.30
C GLN D 40 -18.76 -29.83 9.94
N GLN D 41 -18.88 -30.61 8.87
CA GLN D 41 -19.02 -30.09 7.51
C GLN D 41 -20.47 -29.81 7.14
N ARG D 42 -20.74 -28.57 6.72
CA ARG D 42 -22.02 -28.21 6.12
C ARG D 42 -21.74 -27.87 4.66
N LEU D 43 -22.25 -28.71 3.77
CA LEU D 43 -22.08 -28.55 2.33
C LEU D 43 -23.38 -28.16 1.69
N ILE D 44 -23.33 -27.10 0.89
CA ILE D 44 -24.51 -26.63 0.19
C ILE D 44 -24.25 -26.55 -1.30
N PHE D 45 -25.27 -26.94 -2.06
CA PHE D 45 -25.26 -26.86 -3.52
C PHE D 45 -26.65 -26.52 -4.01
N ALA D 46 -26.73 -25.54 -4.92
CA ALA D 46 -27.97 -25.12 -5.59
C ALA D 46 -29.22 -25.05 -4.68
N GLY D 47 -29.04 -24.50 -3.47
CA GLY D 47 -30.18 -24.27 -2.57
C GLY D 47 -30.46 -25.37 -1.56
N LYS D 48 -29.65 -26.43 -1.59
CA LYS D 48 -29.82 -27.61 -0.72
C LYS D 48 -28.58 -27.85 0.13
N GLN D 49 -28.81 -28.28 1.38
CA GLN D 49 -27.74 -28.83 2.19
C GLN D 49 -27.66 -30.33 1.96
N LEU D 50 -26.45 -30.84 1.70
CA LEU D 50 -26.29 -32.24 1.33
C LEU D 50 -26.26 -33.13 2.58
N GLU D 51 -27.05 -34.20 2.57
CA GLU D 51 -27.12 -35.06 3.75
C GLU D 51 -26.57 -36.47 3.46
N ASP D 52 -26.04 -37.09 4.53
CA ASP D 52 -25.60 -38.48 4.49
C ASP D 52 -26.70 -39.44 4.03
N GLY D 53 -26.28 -40.56 3.43
CA GLY D 53 -27.20 -41.57 2.92
C GLY D 53 -27.80 -41.23 1.58
N ARG D 54 -27.40 -40.10 1.01
CA ARG D 54 -27.77 -39.70 -0.34
C ARG D 54 -26.50 -39.62 -1.19
N THR D 55 -26.69 -39.58 -2.51
CA THR D 55 -25.59 -39.54 -3.47
C THR D 55 -25.51 -38.16 -4.12
N LEU D 56 -24.40 -37.90 -4.82
CA LEU D 56 -24.24 -36.66 -5.58
C LEU D 56 -25.28 -36.46 -6.66
N SER D 57 -25.67 -37.56 -7.32
CA SER D 57 -26.65 -37.50 -8.40
C SER D 57 -28.07 -37.19 -7.89
N ASP D 58 -28.40 -37.68 -6.68
CA ASP D 58 -29.64 -37.28 -5.96
C ASP D 58 -29.82 -35.76 -5.89
N TYR D 59 -28.70 -35.05 -5.77
CA TYR D 59 -28.68 -33.58 -5.69
C TYR D 59 -28.38 -32.89 -7.03
N ASN D 60 -28.45 -33.67 -8.12
CA ASN D 60 -28.18 -33.18 -9.48
C ASN D 60 -26.79 -32.50 -9.65
N ILE D 61 -25.80 -33.00 -8.92
CA ILE D 61 -24.42 -32.50 -9.01
C ILE D 61 -23.73 -33.12 -10.23
N GLN D 62 -23.24 -32.26 -11.12
CA GLN D 62 -22.58 -32.66 -12.36
C GLN D 62 -21.12 -32.20 -12.37
N LYS D 63 -20.42 -32.45 -13.48
CA LYS D 63 -19.02 -32.05 -13.59
C LYS D 63 -18.88 -30.53 -13.57
N GLU D 64 -17.82 -30.06 -12.90
CA GLU D 64 -17.53 -28.62 -12.71
C GLU D 64 -18.48 -27.88 -11.76
N SER D 65 -19.41 -28.59 -11.12
CA SER D 65 -20.27 -28.01 -10.08
C SER D 65 -19.44 -27.49 -8.91
N THR D 66 -19.86 -26.35 -8.36
CA THR D 66 -19.25 -25.83 -7.15
C THR D 66 -20.16 -26.03 -5.95
N LEU D 67 -19.60 -26.64 -4.92
CA LEU D 67 -20.26 -26.77 -3.63
C LEU D 67 -19.65 -25.75 -2.70
N HIS D 68 -20.39 -25.38 -1.66
CA HIS D 68 -19.88 -24.47 -0.64
C HIS D 68 -19.86 -25.09 0.73
N LEU D 69 -18.73 -24.96 1.39
CA LEU D 69 -18.56 -25.46 2.74
C LEU D 69 -18.70 -24.25 3.64
N VAL D 70 -19.78 -24.26 4.42
CA VAL D 70 -20.18 -23.10 5.23
C VAL D 70 -20.16 -23.39 6.73
N LEU D 71 -20.33 -22.33 7.51
CA LEU D 71 -20.18 -22.39 8.96
C LEU D 71 -21.25 -21.56 9.62
N ARG D 72 -21.49 -21.90 10.89
CA ARG D 72 -22.30 -21.06 11.78
C ARG D 72 -21.36 -20.24 12.66
N LEU D 73 -21.70 -18.98 12.85
CA LEU D 73 -20.85 -18.04 13.58
C LEU D 73 -21.51 -17.69 14.91
N ARG D 74 -20.70 -17.30 15.90
CA ARG D 74 -21.16 -17.19 17.28
C ARG D 74 -21.36 -15.77 17.77
N GLY D 75 -20.77 -14.79 17.08
CA GLY D 75 -20.90 -13.37 17.45
C GLY D 75 -22.32 -12.87 17.27
N GLY D 76 -22.62 -11.72 17.88
CA GLY D 76 -23.96 -11.14 17.86
C GLY D 76 -24.08 -9.79 18.55
O3 61T E . 19.04 28.10 -14.94
O1 61T E . 18.14 22.63 -10.03
O2 61T E . 19.54 23.75 -11.59
O4 61T E . 19.27 27.33 -12.47
C5 61T E . 23.29 28.51 -16.06
C6 61T E . 24.36 29.19 -16.68
C7 61T E . 23.87 28.27 -18.76
C8 61T E . 23.89 27.96 -20.04
C9 61T E . 22.88 27.10 -20.26
C10 61T E . 22.55 26.51 -21.49
C13 61T E . 21.92 25.33 -23.98
C14 61T E . 22.94 26.30 -23.90
C15 61T E . 23.24 26.87 -22.65
C16 61T E . 25.31 25.76 -25.24
C17 61T E . 19.56 26.78 -14.83
C18 61T E . 19.34 26.25 -13.41
O 61T E . 17.55 22.68 -12.40
S 61T E . 18.65 22.61 -11.43
N 61T E . 19.53 21.25 -11.69
C 61T E . 20.28 23.96 -12.85
C1 61T E . 20.60 25.43 -13.09
C2 61T E . 21.50 25.55 -14.34
C3 61T E . 21.07 26.87 -14.95
N1 61T E . 21.43 26.98 -16.38
C4 61T E . 22.48 27.67 -16.84
N2 61T E . 24.63 29.07 -17.98
N4 61T E . 22.79 27.55 -18.20
N3 61T E . 22.25 26.91 -19.10
C11 61T E . 21.53 25.54 -21.59
C12 61T E . 21.21 24.95 -22.83
S1 61T E . 23.85 26.82 -25.33
F2 61T E . 24.84 24.54 -25.02
F 61T E . 26.04 25.80 -26.35
F1 61T E . 25.98 26.16 -24.18
O3 61T F . -25.05 -9.41 26.94
O1 61T F . -23.21 -7.41 20.09
O2 61T F . -24.37 -8.87 21.56
O4 61T F . -25.56 -7.78 24.81
C5 61T F . -28.86 -11.82 26.73
C6 61T F . -29.95 -12.48 27.33
C7 61T F . -28.61 -14.30 27.93
C8 61T F . -28.19 -15.47 28.42
C9 61T F . -26.88 -15.55 28.16
C10 61T F . -26.00 -16.60 28.48
C13 61T F . -24.24 -18.71 29.12
C14 61T F . -25.58 -18.75 29.57
C15 61T F . -26.44 -17.69 29.24
C16 61T F . -27.01 -21.18 29.33
C17 61T F . -25.04 -10.07 25.68
C18 61T F . -24.94 -9.06 24.52
O 61T F . -21.95 -9.05 21.46
S 61T F . -23.21 -8.80 20.71
N 61T F . -23.30 -9.90 19.53
C 61T F . -24.80 -10.08 22.21
C1 61T F . -25.72 -9.75 23.38
C2 61T F . -26.30 -11.04 23.97
C3 61T F . -26.40 -10.70 25.44
N1 61T F . -26.48 -11.92 26.22
C4 61T F . -27.60 -12.45 26.74
N2 61T F . -29.81 -13.69 27.90
N4 61T F . -27.49 -13.70 27.36
N3 61T F . -26.51 -14.44 27.50
C11 61T F . -24.65 -16.57 28.05
C12 61T F . -23.78 -17.62 28.37
S1 61T F . -26.20 -20.10 30.53
F2 61T F . -26.10 -21.42 28.38
F 61T F . -27.39 -22.32 29.91
F1 61T F . -28.05 -20.51 28.82
#